data_3CPM
# 
_entry.id   3CPM 
# 
_audit_conform.dict_name       mmcif_pdbx.dic 
_audit_conform.dict_version    5.387 
_audit_conform.dict_location   http://mmcif.pdb.org/dictionaries/ascii/mmcif_pdbx.dic 
# 
loop_
_database_2.database_id 
_database_2.database_code 
_database_2.pdbx_database_accession 
_database_2.pdbx_DOI 
PDB   3CPM         pdb_00003cpm 10.2210/pdb3cpm/pdb 
RCSB  RCSB047061   ?            ?                   
WWPDB D_1000047061 ?            ?                   
# 
loop_
_pdbx_audit_revision_history.ordinal 
_pdbx_audit_revision_history.data_content_type 
_pdbx_audit_revision_history.major_revision 
_pdbx_audit_revision_history.minor_revision 
_pdbx_audit_revision_history.revision_date 
1 'Structure model' 1 0 2008-07-22 
2 'Structure model' 1 1 2011-07-13 
3 'Structure model' 1 2 2024-02-21 
# 
_pdbx_audit_revision_details.ordinal             1 
_pdbx_audit_revision_details.revision_ordinal    1 
_pdbx_audit_revision_details.data_content_type   'Structure model' 
_pdbx_audit_revision_details.provider            repository 
_pdbx_audit_revision_details.type                'Initial release' 
_pdbx_audit_revision_details.description         ? 
_pdbx_audit_revision_details.details             ? 
# 
loop_
_pdbx_audit_revision_group.ordinal 
_pdbx_audit_revision_group.revision_ordinal 
_pdbx_audit_revision_group.data_content_type 
_pdbx_audit_revision_group.group 
1 2 'Structure model' 'Derived calculations'      
2 2 'Structure model' 'Version format compliance' 
3 3 'Structure model' 'Data collection'           
4 3 'Structure model' 'Database references'       
5 3 'Structure model' 'Derived calculations'      
# 
loop_
_pdbx_audit_revision_category.ordinal 
_pdbx_audit_revision_category.revision_ordinal 
_pdbx_audit_revision_category.data_content_type 
_pdbx_audit_revision_category.category 
1 3 'Structure model' chem_comp_atom         
2 3 'Structure model' chem_comp_bond         
3 3 'Structure model' database_2             
4 3 'Structure model' pdbx_struct_conn_angle 
5 3 'Structure model' struct_conn            
6 3 'Structure model' struct_site            
# 
loop_
_pdbx_audit_revision_item.ordinal 
_pdbx_audit_revision_item.revision_ordinal 
_pdbx_audit_revision_item.data_content_type 
_pdbx_audit_revision_item.item 
1  3 'Structure model' '_database_2.pdbx_DOI'                        
2  3 'Structure model' '_database_2.pdbx_database_accession'         
3  3 'Structure model' '_pdbx_struct_conn_angle.ptnr1_auth_comp_id'  
4  3 'Structure model' '_pdbx_struct_conn_angle.ptnr1_auth_seq_id'   
5  3 'Structure model' '_pdbx_struct_conn_angle.ptnr1_label_atom_id' 
6  3 'Structure model' '_pdbx_struct_conn_angle.ptnr1_label_comp_id' 
7  3 'Structure model' '_pdbx_struct_conn_angle.ptnr1_label_seq_id'  
8  3 'Structure model' '_pdbx_struct_conn_angle.ptnr2_auth_seq_id'   
9  3 'Structure model' '_pdbx_struct_conn_angle.ptnr2_label_asym_id' 
10 3 'Structure model' '_pdbx_struct_conn_angle.ptnr3_auth_comp_id'  
11 3 'Structure model' '_pdbx_struct_conn_angle.ptnr3_auth_seq_id'   
12 3 'Structure model' '_pdbx_struct_conn_angle.ptnr3_label_asym_id' 
13 3 'Structure model' '_pdbx_struct_conn_angle.ptnr3_label_atom_id' 
14 3 'Structure model' '_pdbx_struct_conn_angle.ptnr3_label_comp_id' 
15 3 'Structure model' '_pdbx_struct_conn_angle.ptnr3_label_seq_id'  
16 3 'Structure model' '_pdbx_struct_conn_angle.value'               
17 3 'Structure model' '_struct_conn.pdbx_dist_value'                
18 3 'Structure model' '_struct_conn.ptnr1_auth_comp_id'             
19 3 'Structure model' '_struct_conn.ptnr1_auth_seq_id'              
20 3 'Structure model' '_struct_conn.ptnr1_label_asym_id'            
21 3 'Structure model' '_struct_conn.ptnr1_label_atom_id'            
22 3 'Structure model' '_struct_conn.ptnr1_label_comp_id'            
23 3 'Structure model' '_struct_conn.ptnr1_label_seq_id'             
24 3 'Structure model' '_struct_conn.ptnr2_auth_comp_id'             
25 3 'Structure model' '_struct_conn.ptnr2_auth_seq_id'              
26 3 'Structure model' '_struct_conn.ptnr2_label_asym_id'            
27 3 'Structure model' '_struct_conn.ptnr2_label_atom_id'            
28 3 'Structure model' '_struct_conn.ptnr2_label_comp_id'            
29 3 'Structure model' '_struct_conn.ptnr2_label_seq_id'             
30 3 'Structure model' '_struct_site.pdbx_auth_asym_id'              
31 3 'Structure model' '_struct_site.pdbx_auth_comp_id'              
32 3 'Structure model' '_struct_site.pdbx_auth_seq_id'               
# 
_pdbx_database_status.status_code                     REL 
_pdbx_database_status.entry_id                        3CPM 
_pdbx_database_status.recvd_initial_deposition_date   2008-03-31 
_pdbx_database_status.deposit_site                    RCSB 
_pdbx_database_status.process_site                    RCSB 
_pdbx_database_status.status_code_sf                  REL 
_pdbx_database_status.status_code_mr                  ? 
_pdbx_database_status.SG_entry                        ? 
_pdbx_database_status.pdb_format_compatible           Y 
_pdbx_database_status.status_code_cs                  ? 
_pdbx_database_status.status_code_nmr_data            ? 
_pdbx_database_status.methods_development_category    ? 
# 
loop_
_audit_author.name 
_audit_author.pdbx_ordinal 
'Rodgers, D.W.' 1 
'Houtz, R.L.'   2 
'Dirk, L.M.A.'  3 
'Schmidt, J.J.' 4 
'Cai, Y.'       5 
# 
_citation.id                        primary 
_citation.title                     
;Insights into the substrate specificity of plant peptide deformylase, an essential enzyme with potential for the development of novel biotechnology applications in agriculture
;
_citation.journal_abbrev            Biochem.J. 
_citation.journal_volume            413 
_citation.page_first                417 
_citation.page_last                 427 
_citation.year                      2008 
_citation.journal_id_ASTM           BIJOAK 
_citation.country                   UK 
_citation.journal_id_ISSN           0264-6021 
_citation.journal_id_CSD            0043 
_citation.book_publisher            ? 
_citation.pdbx_database_id_PubMed   18412546 
_citation.pdbx_database_id_DOI      10.1042/BJ20071641 
# 
loop_
_citation_author.citation_id 
_citation_author.name 
_citation_author.ordinal 
_citation_author.identifier_ORCID 
primary 'Dirk, L.M.'     1  ? 
primary 'Schmidt, J.J.'  2  ? 
primary 'Cai, Y.'        3  ? 
primary 'Barnes, J.C.'   4  ? 
primary 'Hanger, K.M.'   5  ? 
primary 'Nayak, N.R.'    6  ? 
primary 'Williams, M.A.' 7  ? 
primary 'Grossman, R.B.' 8  ? 
primary 'Houtz, R.L.'    9  ? 
primary 'Rodgers, D.W.'  10 ? 
# 
loop_
_entity.id 
_entity.type 
_entity.src_method 
_entity.pdbx_description 
_entity.formula_weight 
_entity.pdbx_number_of_molecules 
_entity.pdbx_ec 
_entity.pdbx_mutation 
_entity.pdbx_fragment 
_entity.details 
1 polymer     man 'Peptide deformylase, chloroplast' 21918.014 1  3.5.1.88 ? 'residues 65-257' ? 
2 non-polymer syn 'SULFATE ION'                      96.063    1  ?        ? ?                 ? 
3 non-polymer syn 'ZINC ION'                         65.409    4  ?        ? ?                 ? 
4 water       nat water                              18.015    60 ?        ? ?                 ? 
# 
_entity_name_com.entity_id   1 
_entity_name_com.name        'PDF, Polypeptide deformylase' 
# 
_entity_poly.entity_id                      1 
_entity_poly.type                           'polypeptide(L)' 
_entity_poly.nstd_linkage                   no 
_entity_poly.nstd_monomer                   no 
_entity_poly.pdbx_seq_one_letter_code       
;KDDKVASATDVQFETPLKIVEYPDPILRAKNKRIDIFDENLKNLVDAMFDVMYKTDGIGLSAPQVGLNVQLMVFNPAGEP
GEGKEIVLVNPKIKKYSDKLVPFDEGCLSFPGIYAEVVRPQSVKIDARDITGERFSISLSRLPARIFQHEYDHLEGVLFF
DRMTDQVLDSIREELEALEKKYEEKTGLPSPER
;
_entity_poly.pdbx_seq_one_letter_code_can   
;KDDKVASATDVQFETPLKIVEYPDPILRAKNKRIDIFDENLKNLVDAMFDVMYKTDGIGLSAPQVGLNVQLMVFNPAGEP
GEGKEIVLVNPKIKKYSDKLVPFDEGCLSFPGIYAEVVRPQSVKIDARDITGERFSISLSRLPARIFQHEYDHLEGVLFF
DRMTDQVLDSIREELEALEKKYEEKTGLPSPER
;
_entity_poly.pdbx_strand_id                 A 
_entity_poly.pdbx_target_identifier         ? 
# 
loop_
_pdbx_entity_nonpoly.entity_id 
_pdbx_entity_nonpoly.name 
_pdbx_entity_nonpoly.comp_id 
2 'SULFATE ION' SO4 
3 'ZINC ION'    ZN  
4 water         HOH 
# 
loop_
_entity_poly_seq.entity_id 
_entity_poly_seq.num 
_entity_poly_seq.mon_id 
_entity_poly_seq.hetero 
1 1   LYS n 
1 2   ASP n 
1 3   ASP n 
1 4   LYS n 
1 5   VAL n 
1 6   ALA n 
1 7   SER n 
1 8   ALA n 
1 9   THR n 
1 10  ASP n 
1 11  VAL n 
1 12  GLN n 
1 13  PHE n 
1 14  GLU n 
1 15  THR n 
1 16  PRO n 
1 17  LEU n 
1 18  LYS n 
1 19  ILE n 
1 20  VAL n 
1 21  GLU n 
1 22  TYR n 
1 23  PRO n 
1 24  ASP n 
1 25  PRO n 
1 26  ILE n 
1 27  LEU n 
1 28  ARG n 
1 29  ALA n 
1 30  LYS n 
1 31  ASN n 
1 32  LYS n 
1 33  ARG n 
1 34  ILE n 
1 35  ASP n 
1 36  ILE n 
1 37  PHE n 
1 38  ASP n 
1 39  GLU n 
1 40  ASN n 
1 41  LEU n 
1 42  LYS n 
1 43  ASN n 
1 44  LEU n 
1 45  VAL n 
1 46  ASP n 
1 47  ALA n 
1 48  MET n 
1 49  PHE n 
1 50  ASP n 
1 51  VAL n 
1 52  MET n 
1 53  TYR n 
1 54  LYS n 
1 55  THR n 
1 56  ASP n 
1 57  GLY n 
1 58  ILE n 
1 59  GLY n 
1 60  LEU n 
1 61  SER n 
1 62  ALA n 
1 63  PRO n 
1 64  GLN n 
1 65  VAL n 
1 66  GLY n 
1 67  LEU n 
1 68  ASN n 
1 69  VAL n 
1 70  GLN n 
1 71  LEU n 
1 72  MET n 
1 73  VAL n 
1 74  PHE n 
1 75  ASN n 
1 76  PRO n 
1 77  ALA n 
1 78  GLY n 
1 79  GLU n 
1 80  PRO n 
1 81  GLY n 
1 82  GLU n 
1 83  GLY n 
1 84  LYS n 
1 85  GLU n 
1 86  ILE n 
1 87  VAL n 
1 88  LEU n 
1 89  VAL n 
1 90  ASN n 
1 91  PRO n 
1 92  LYS n 
1 93  ILE n 
1 94  LYS n 
1 95  LYS n 
1 96  TYR n 
1 97  SER n 
1 98  ASP n 
1 99  LYS n 
1 100 LEU n 
1 101 VAL n 
1 102 PRO n 
1 103 PHE n 
1 104 ASP n 
1 105 GLU n 
1 106 GLY n 
1 107 CYS n 
1 108 LEU n 
1 109 SER n 
1 110 PHE n 
1 111 PRO n 
1 112 GLY n 
1 113 ILE n 
1 114 TYR n 
1 115 ALA n 
1 116 GLU n 
1 117 VAL n 
1 118 VAL n 
1 119 ARG n 
1 120 PRO n 
1 121 GLN n 
1 122 SER n 
1 123 VAL n 
1 124 LYS n 
1 125 ILE n 
1 126 ASP n 
1 127 ALA n 
1 128 ARG n 
1 129 ASP n 
1 130 ILE n 
1 131 THR n 
1 132 GLY n 
1 133 GLU n 
1 134 ARG n 
1 135 PHE n 
1 136 SER n 
1 137 ILE n 
1 138 SER n 
1 139 LEU n 
1 140 SER n 
1 141 ARG n 
1 142 LEU n 
1 143 PRO n 
1 144 ALA n 
1 145 ARG n 
1 146 ILE n 
1 147 PHE n 
1 148 GLN n 
1 149 HIS n 
1 150 GLU n 
1 151 TYR n 
1 152 ASP n 
1 153 HIS n 
1 154 LEU n 
1 155 GLU n 
1 156 GLY n 
1 157 VAL n 
1 158 LEU n 
1 159 PHE n 
1 160 PHE n 
1 161 ASP n 
1 162 ARG n 
1 163 MET n 
1 164 THR n 
1 165 ASP n 
1 166 GLN n 
1 167 VAL n 
1 168 LEU n 
1 169 ASP n 
1 170 SER n 
1 171 ILE n 
1 172 ARG n 
1 173 GLU n 
1 174 GLU n 
1 175 LEU n 
1 176 GLU n 
1 177 ALA n 
1 178 LEU n 
1 179 GLU n 
1 180 LYS n 
1 181 LYS n 
1 182 TYR n 
1 183 GLU n 
1 184 GLU n 
1 185 LYS n 
1 186 THR n 
1 187 GLY n 
1 188 LEU n 
1 189 PRO n 
1 190 SER n 
1 191 PRO n 
1 192 GLU n 
1 193 ARG n 
# 
_entity_src_gen.entity_id                          1 
_entity_src_gen.pdbx_src_id                        1 
_entity_src_gen.pdbx_alt_source_flag               sample 
_entity_src_gen.pdbx_seq_type                      ? 
_entity_src_gen.pdbx_beg_seq_num                   ? 
_entity_src_gen.pdbx_end_seq_num                   ? 
_entity_src_gen.gene_src_common_name               'Mouse-ear cress' 
_entity_src_gen.gene_src_genus                     ? 
_entity_src_gen.pdbx_gene_src_gene                 PDF1B 
_entity_src_gen.gene_src_species                   ? 
_entity_src_gen.gene_src_strain                    ? 
_entity_src_gen.gene_src_tissue                    ? 
_entity_src_gen.gene_src_tissue_fraction           ? 
_entity_src_gen.gene_src_details                   ? 
_entity_src_gen.pdbx_gene_src_fragment             ? 
_entity_src_gen.pdbx_gene_src_scientific_name      'Arabidopsis thaliana' 
_entity_src_gen.pdbx_gene_src_ncbi_taxonomy_id     ? 
_entity_src_gen.pdbx_gene_src_variant              ? 
_entity_src_gen.pdbx_gene_src_cell_line            ? 
_entity_src_gen.pdbx_gene_src_atcc                 ? 
_entity_src_gen.pdbx_gene_src_organ                ? 
_entity_src_gen.pdbx_gene_src_organelle            ? 
_entity_src_gen.pdbx_gene_src_cell                 ? 
_entity_src_gen.pdbx_gene_src_cellular_location    ? 
_entity_src_gen.host_org_common_name               ? 
_entity_src_gen.pdbx_host_org_scientific_name      'Escherichia coli' 
_entity_src_gen.pdbx_host_org_ncbi_taxonomy_id     ? 
_entity_src_gen.host_org_genus                     ? 
_entity_src_gen.pdbx_host_org_gene                 ? 
_entity_src_gen.pdbx_host_org_organ                ? 
_entity_src_gen.host_org_species                   ? 
_entity_src_gen.pdbx_host_org_tissue               ? 
_entity_src_gen.pdbx_host_org_tissue_fraction      ? 
_entity_src_gen.pdbx_host_org_strain               ? 
_entity_src_gen.pdbx_host_org_variant              ? 
_entity_src_gen.pdbx_host_org_cell_line            ? 
_entity_src_gen.pdbx_host_org_atcc                 ? 
_entity_src_gen.pdbx_host_org_culture_collection   ? 
_entity_src_gen.pdbx_host_org_cell                 ? 
_entity_src_gen.pdbx_host_org_organelle            ? 
_entity_src_gen.pdbx_host_org_cellular_location    ? 
_entity_src_gen.pdbx_host_org_vector_type          plasmid 
_entity_src_gen.pdbx_host_org_vector               ? 
_entity_src_gen.host_org_details                   ? 
_entity_src_gen.expression_system_id               ? 
_entity_src_gen.plasmid_name                       pET23b 
_entity_src_gen.plasmid_details                    ? 
_entity_src_gen.pdbx_description                   ? 
# 
loop_
_chem_comp.id 
_chem_comp.type 
_chem_comp.mon_nstd_flag 
_chem_comp.name 
_chem_comp.pdbx_synonyms 
_chem_comp.formula 
_chem_comp.formula_weight 
ALA 'L-peptide linking' y ALANINE         ? 'C3 H7 N O2'     89.093  
ARG 'L-peptide linking' y ARGININE        ? 'C6 H15 N4 O2 1' 175.209 
ASN 'L-peptide linking' y ASPARAGINE      ? 'C4 H8 N2 O3'    132.118 
ASP 'L-peptide linking' y 'ASPARTIC ACID' ? 'C4 H7 N O4'     133.103 
CYS 'L-peptide linking' y CYSTEINE        ? 'C3 H7 N O2 S'   121.158 
GLN 'L-peptide linking' y GLUTAMINE       ? 'C5 H10 N2 O3'   146.144 
GLU 'L-peptide linking' y 'GLUTAMIC ACID' ? 'C5 H9 N O4'     147.129 
GLY 'peptide linking'   y GLYCINE         ? 'C2 H5 N O2'     75.067  
HIS 'L-peptide linking' y HISTIDINE       ? 'C6 H10 N3 O2 1' 156.162 
HOH non-polymer         . WATER           ? 'H2 O'           18.015  
ILE 'L-peptide linking' y ISOLEUCINE      ? 'C6 H13 N O2'    131.173 
LEU 'L-peptide linking' y LEUCINE         ? 'C6 H13 N O2'    131.173 
LYS 'L-peptide linking' y LYSINE          ? 'C6 H15 N2 O2 1' 147.195 
MET 'L-peptide linking' y METHIONINE      ? 'C5 H11 N O2 S'  149.211 
PHE 'L-peptide linking' y PHENYLALANINE   ? 'C9 H11 N O2'    165.189 
PRO 'L-peptide linking' y PROLINE         ? 'C5 H9 N O2'     115.130 
SER 'L-peptide linking' y SERINE          ? 'C3 H7 N O3'     105.093 
SO4 non-polymer         . 'SULFATE ION'   ? 'O4 S -2'        96.063  
THR 'L-peptide linking' y THREONINE       ? 'C4 H9 N O3'     119.119 
TYR 'L-peptide linking' y TYROSINE        ? 'C9 H11 N O3'    181.189 
VAL 'L-peptide linking' y VALINE          ? 'C5 H11 N O2'    117.146 
ZN  non-polymer         . 'ZINC ION'      ? 'Zn 2'           65.409  
# 
loop_
_pdbx_poly_seq_scheme.asym_id 
_pdbx_poly_seq_scheme.entity_id 
_pdbx_poly_seq_scheme.seq_id 
_pdbx_poly_seq_scheme.mon_id 
_pdbx_poly_seq_scheme.ndb_seq_num 
_pdbx_poly_seq_scheme.pdb_seq_num 
_pdbx_poly_seq_scheme.auth_seq_num 
_pdbx_poly_seq_scheme.pdb_mon_id 
_pdbx_poly_seq_scheme.auth_mon_id 
_pdbx_poly_seq_scheme.pdb_strand_id 
_pdbx_poly_seq_scheme.pdb_ins_code 
_pdbx_poly_seq_scheme.hetero 
A 1 1   LYS 1   65  ?   ?   ?   A . n 
A 1 2   ASP 2   66  ?   ?   ?   A . n 
A 1 3   ASP 3   67  ?   ?   ?   A . n 
A 1 4   LYS 4   68  ?   ?   ?   A . n 
A 1 5   VAL 5   69  ?   ?   ?   A . n 
A 1 6   ALA 6   70  ?   ?   ?   A . n 
A 1 7   SER 7   71  ?   ?   ?   A . n 
A 1 8   ALA 8   72  ?   ?   ?   A . n 
A 1 9   THR 9   73  ?   ?   ?   A . n 
A 1 10  ASP 10  74  74  ASP ASP A . n 
A 1 11  VAL 11  75  75  VAL VAL A . n 
A 1 12  GLN 12  76  76  GLN GLN A . n 
A 1 13  PHE 13  77  77  PHE PHE A . n 
A 1 14  GLU 14  78  78  GLU GLU A . n 
A 1 15  THR 15  79  79  THR THR A . n 
A 1 16  PRO 16  80  80  PRO CPR A . n 
A 1 17  LEU 17  81  81  LEU LEU A . n 
A 1 18  LYS 18  82  82  LYS LYS A . n 
A 1 19  ILE 19  83  83  ILE ILE A . n 
A 1 20  VAL 20  84  84  VAL VAL A . n 
A 1 21  GLU 21  85  85  GLU GLU A . n 
A 1 22  TYR 22  86  86  TYR TYR A . n 
A 1 23  PRO 23  87  87  PRO PRO A . n 
A 1 24  ASP 24  88  88  ASP ASP A . n 
A 1 25  PRO 25  89  89  PRO PRO A . n 
A 1 26  ILE 26  90  90  ILE ILE A . n 
A 1 27  LEU 27  91  91  LEU LEU A . n 
A 1 28  ARG 28  92  92  ARG ARG A . n 
A 1 29  ALA 29  93  93  ALA ALA A . n 
A 1 30  LYS 30  94  94  LYS LYS A . n 
A 1 31  ASN 31  95  95  ASN ASN A . n 
A 1 32  LYS 32  96  96  LYS LYS A . n 
A 1 33  ARG 33  97  97  ARG ARG A . n 
A 1 34  ILE 34  98  98  ILE ILE A . n 
A 1 35  ASP 35  99  99  ASP ASP A . n 
A 1 36  ILE 36  100 100 ILE ILE A . n 
A 1 37  PHE 37  101 101 PHE PHE A . n 
A 1 38  ASP 38  102 102 ASP ASP A . n 
A 1 39  GLU 39  103 103 GLU GLU A . n 
A 1 40  ASN 40  104 104 ASN ASN A . n 
A 1 41  LEU 41  105 105 LEU LEU A . n 
A 1 42  LYS 42  106 106 LYS LYS A . n 
A 1 43  ASN 43  107 107 ASN ASN A . n 
A 1 44  LEU 44  108 108 LEU LEU A . n 
A 1 45  VAL 45  109 109 VAL VAL A . n 
A 1 46  ASP 46  110 110 ASP ASP A . n 
A 1 47  ALA 47  111 111 ALA ALA A . n 
A 1 48  MET 48  112 112 MET MET A . n 
A 1 49  PHE 49  113 113 PHE PHE A . n 
A 1 50  ASP 50  114 114 ASP ASP A . n 
A 1 51  VAL 51  115 115 VAL VAL A . n 
A 1 52  MET 52  116 116 MET MET A . n 
A 1 53  TYR 53  117 117 TYR TYR A . n 
A 1 54  LYS 54  118 118 LYS LYS A . n 
A 1 55  THR 55  119 119 THR THR A . n 
A 1 56  ASP 56  120 120 ASP ASP A . n 
A 1 57  GLY 57  121 121 GLY GLY A . n 
A 1 58  ILE 58  122 122 ILE ILE A . n 
A 1 59  GLY 59  123 123 GLY GLY A . n 
A 1 60  LEU 60  124 124 LEU LEU A . n 
A 1 61  SER 61  125 125 SER SER A . n 
A 1 62  ALA 62  126 126 ALA ALA A . n 
A 1 63  PRO 63  127 127 PRO PRO A . n 
A 1 64  GLN 64  128 128 GLN GLN A . n 
A 1 65  VAL 65  129 129 VAL VAL A . n 
A 1 66  GLY 66  130 130 GLY GLY A . n 
A 1 67  LEU 67  131 131 LEU LEU A . n 
A 1 68  ASN 68  132 132 ASN ASN A . n 
A 1 69  VAL 69  133 133 VAL VAL A . n 
A 1 70  GLN 70  134 134 GLN GLN A . n 
A 1 71  LEU 71  135 135 LEU LEU A . n 
A 1 72  MET 72  136 136 MET MET A . n 
A 1 73  VAL 73  137 137 VAL VAL A . n 
A 1 74  PHE 74  138 138 PHE PHE A . n 
A 1 75  ASN 75  139 139 ASN ASN A . n 
A 1 76  PRO 76  140 140 PRO PRO A . n 
A 1 77  ALA 77  141 141 ALA ALA A . n 
A 1 78  GLY 78  142 142 GLY GLY A . n 
A 1 79  GLU 79  143 143 GLU GLU A . n 
A 1 80  PRO 80  144 144 PRO PRO A . n 
A 1 81  GLY 81  145 145 GLY GLY A . n 
A 1 82  GLU 82  146 146 GLU GLU A . n 
A 1 83  GLY 83  147 147 GLY GLY A . n 
A 1 84  LYS 84  148 148 LYS LYS A . n 
A 1 85  GLU 85  149 149 GLU GLU A . n 
A 1 86  ILE 86  150 150 ILE ILE A . n 
A 1 87  VAL 87  151 151 VAL VAL A . n 
A 1 88  LEU 88  152 152 LEU LEU A . n 
A 1 89  VAL 89  153 153 VAL VAL A . n 
A 1 90  ASN 90  154 154 ASN ASN A . n 
A 1 91  PRO 91  155 155 PRO PRO A . n 
A 1 92  LYS 92  156 156 LYS LYS A . n 
A 1 93  ILE 93  157 157 ILE ILE A . n 
A 1 94  LYS 94  158 158 LYS LYS A . n 
A 1 95  LYS 95  159 159 LYS LYS A . n 
A 1 96  TYR 96  160 160 TYR TYR A . n 
A 1 97  SER 97  161 161 SER SER A . n 
A 1 98  ASP 98  162 162 ASP ASP A . n 
A 1 99  LYS 99  163 163 LYS LYS A . n 
A 1 100 LEU 100 164 164 LEU LEU A . n 
A 1 101 VAL 101 165 165 VAL VAL A . n 
A 1 102 PRO 102 166 166 PRO PRO A . n 
A 1 103 PHE 103 167 167 PHE PHE A . n 
A 1 104 ASP 104 168 168 ASP ASP A . n 
A 1 105 GLU 105 169 169 GLU GLU A . n 
A 1 106 GLY 106 170 170 GLY GLY A . n 
A 1 107 CYS 107 171 171 CYS CYS A . n 
A 1 108 LEU 108 172 172 LEU LEU A . n 
A 1 109 SER 109 173 173 SER SER A . n 
A 1 110 PHE 110 174 174 PHE PHE A . n 
A 1 111 PRO 111 175 175 PRO PRO A . n 
A 1 112 GLY 112 176 176 GLY GLY A . n 
A 1 113 ILE 113 177 177 ILE ILE A . n 
A 1 114 TYR 114 178 178 TYR TYR A . n 
A 1 115 ALA 115 179 179 ALA ALA A . n 
A 1 116 GLU 116 180 180 GLU GLU A . n 
A 1 117 VAL 117 181 181 VAL VAL A . n 
A 1 118 VAL 118 182 182 VAL VAL A . n 
A 1 119 ARG 119 183 183 ARG ARG A . n 
A 1 120 PRO 120 184 184 PRO PRO A . n 
A 1 121 GLN 121 185 185 GLN GLN A . n 
A 1 122 SER 122 186 186 SER SER A . n 
A 1 123 VAL 123 187 187 VAL VAL A . n 
A 1 124 LYS 124 188 188 LYS LYS A . n 
A 1 125 ILE 125 189 189 ILE ILE A . n 
A 1 126 ASP 126 190 190 ASP ASP A . n 
A 1 127 ALA 127 191 191 ALA ALA A . n 
A 1 128 ARG 128 192 192 ARG ARG A . n 
A 1 129 ASP 129 193 193 ASP ASP A . n 
A 1 130 ILE 130 194 194 ILE ILE A . n 
A 1 131 THR 131 195 195 THR THR A . n 
A 1 132 GLY 132 196 196 GLY GLY A . n 
A 1 133 GLU 133 197 197 GLU GLU A . n 
A 1 134 ARG 134 198 198 ARG ARG A . n 
A 1 135 PHE 135 199 199 PHE PHE A . n 
A 1 136 SER 136 200 200 SER SER A . n 
A 1 137 ILE 137 201 201 ILE ILE A . n 
A 1 138 SER 138 202 202 SER SER A . n 
A 1 139 LEU 139 203 203 LEU LEU A . n 
A 1 140 SER 140 204 204 SER SER A . n 
A 1 141 ARG 141 205 205 ARG ARG A . n 
A 1 142 LEU 142 206 206 LEU LEU A . n 
A 1 143 PRO 143 207 207 PRO PRO A . n 
A 1 144 ALA 144 208 208 ALA ALA A . n 
A 1 145 ARG 145 209 209 ARG ARG A . n 
A 1 146 ILE 146 210 210 ILE ILE A . n 
A 1 147 PHE 147 211 211 PHE PHE A . n 
A 1 148 GLN 148 212 212 GLN GLN A . n 
A 1 149 HIS 149 213 213 HIS HIS A . n 
A 1 150 GLU 150 214 214 GLU GLU A . n 
A 1 151 TYR 151 215 215 TYR TYR A . n 
A 1 152 ASP 152 216 216 ASP ASP A . n 
A 1 153 HIS 153 217 217 HIS HIS A . n 
A 1 154 LEU 154 218 218 LEU LEU A . n 
A 1 155 GLU 155 219 219 GLU GLU A . n 
A 1 156 GLY 156 220 220 GLY GLY A . n 
A 1 157 VAL 157 221 221 VAL VAL A . n 
A 1 158 LEU 158 222 222 LEU LEU A . n 
A 1 159 PHE 159 223 223 PHE PHE A . n 
A 1 160 PHE 160 224 224 PHE PHE A . n 
A 1 161 ASP 161 225 225 ASP ASP A . n 
A 1 162 ARG 162 226 226 ARG ARG A . n 
A 1 163 MET 163 227 227 MET MET A . n 
A 1 164 THR 164 228 228 THR THR A . n 
A 1 165 ASP 165 229 229 ASP ASP A . n 
A 1 166 GLN 166 230 230 GLN GLN A . n 
A 1 167 VAL 167 231 231 VAL VAL A . n 
A 1 168 LEU 168 232 232 LEU LEU A . n 
A 1 169 ASP 169 233 233 ASP ASP A . n 
A 1 170 SER 170 234 234 SER SER A . n 
A 1 171 ILE 171 235 235 ILE ILE A . n 
A 1 172 ARG 172 236 236 ARG ARG A . n 
A 1 173 GLU 173 237 237 GLU GLU A . n 
A 1 174 GLU 174 238 238 GLU GLU A . n 
A 1 175 LEU 175 239 239 LEU LEU A . n 
A 1 176 GLU 176 240 240 GLU GLU A . n 
A 1 177 ALA 177 241 241 ALA ALA A . n 
A 1 178 LEU 178 242 242 LEU LEU A . n 
A 1 179 GLU 179 243 243 GLU GLU A . n 
A 1 180 LYS 180 244 244 LYS LYS A . n 
A 1 181 LYS 181 245 245 LYS LYS A . n 
A 1 182 TYR 182 246 246 TYR TYR A . n 
A 1 183 GLU 183 247 247 GLU GLU A . n 
A 1 184 GLU 184 248 248 GLU GLU A . n 
A 1 185 LYS 185 249 249 LYS LYS A . n 
A 1 186 THR 186 250 250 THR THR A . n 
A 1 187 GLY 187 251 251 GLY GLY A . n 
A 1 188 LEU 188 252 252 LEU LEU A . n 
A 1 189 PRO 189 253 253 PRO PRO A . n 
A 1 190 SER 190 254 254 SER SER A . n 
A 1 191 PRO 191 255 255 PRO PRO A . n 
A 1 192 GLU 192 256 256 GLU GLU A . n 
A 1 193 ARG 193 257 257 ARG ARG A . n 
# 
loop_
_pdbx_nonpoly_scheme.asym_id 
_pdbx_nonpoly_scheme.entity_id 
_pdbx_nonpoly_scheme.mon_id 
_pdbx_nonpoly_scheme.ndb_seq_num 
_pdbx_nonpoly_scheme.pdb_seq_num 
_pdbx_nonpoly_scheme.auth_seq_num 
_pdbx_nonpoly_scheme.pdb_mon_id 
_pdbx_nonpoly_scheme.auth_mon_id 
_pdbx_nonpoly_scheme.pdb_strand_id 
_pdbx_nonpoly_scheme.pdb_ins_code 
B 2 SO4 1  1   1  SO4 SO4 A . 
C 3 ZN  1  2   2  ZN  ZN  A . 
D 3 ZN  1  3   3  ZN  ZN  A . 
E 3 ZN  1  4   4  ZN  ZN  A . 
F 3 ZN  1  5   5  ZN  ZN  A . 
G 4 HOH 1  258 6  HOH TIP A . 
G 4 HOH 2  259 7  HOH TIP A . 
G 4 HOH 3  260 8  HOH TIP A . 
G 4 HOH 4  261 9  HOH TIP A . 
G 4 HOH 5  262 10 HOH TIP A . 
G 4 HOH 6  263 11 HOH TIP A . 
G 4 HOH 7  264 12 HOH TIP A . 
G 4 HOH 8  265 13 HOH TIP A . 
G 4 HOH 9  266 14 HOH TIP A . 
G 4 HOH 10 267 15 HOH TIP A . 
G 4 HOH 11 268 16 HOH TIP A . 
G 4 HOH 12 269 17 HOH TIP A . 
G 4 HOH 13 270 18 HOH TIP A . 
G 4 HOH 14 271 19 HOH TIP A . 
G 4 HOH 15 272 20 HOH TIP A . 
G 4 HOH 16 273 21 HOH TIP A . 
G 4 HOH 17 274 22 HOH TIP A . 
G 4 HOH 18 275 23 HOH TIP A . 
G 4 HOH 19 276 24 HOH TIP A . 
G 4 HOH 20 277 25 HOH TIP A . 
G 4 HOH 21 278 26 HOH TIP A . 
G 4 HOH 22 279 27 HOH TIP A . 
G 4 HOH 23 280 28 HOH TIP A . 
G 4 HOH 24 281 29 HOH TIP A . 
G 4 HOH 25 282 30 HOH TIP A . 
G 4 HOH 26 283 31 HOH TIP A . 
G 4 HOH 27 284 32 HOH TIP A . 
G 4 HOH 28 285 33 HOH TIP A . 
G 4 HOH 29 286 34 HOH TIP A . 
G 4 HOH 30 287 35 HOH TIP A . 
G 4 HOH 31 288 36 HOH TIP A . 
G 4 HOH 32 289 37 HOH TIP A . 
G 4 HOH 33 290 38 HOH TIP A . 
G 4 HOH 34 291 39 HOH TIP A . 
G 4 HOH 35 292 40 HOH TIP A . 
G 4 HOH 36 293 41 HOH TIP A . 
G 4 HOH 37 294 42 HOH TIP A . 
G 4 HOH 38 295 43 HOH TIP A . 
G 4 HOH 39 296 44 HOH TIP A . 
G 4 HOH 40 297 45 HOH TIP A . 
G 4 HOH 41 298 46 HOH TIP A . 
G 4 HOH 42 299 47 HOH TIP A . 
G 4 HOH 43 300 48 HOH TIP A . 
G 4 HOH 44 301 49 HOH TIP A . 
G 4 HOH 45 302 50 HOH TIP A . 
G 4 HOH 46 303 51 HOH TIP A . 
G 4 HOH 47 304 52 HOH TIP A . 
G 4 HOH 48 305 53 HOH TIP A . 
G 4 HOH 49 306 54 HOH TIP A . 
G 4 HOH 50 307 55 HOH TIP A . 
G 4 HOH 51 308 56 HOH TIP A . 
G 4 HOH 52 309 57 HOH TIP A . 
G 4 HOH 53 310 58 HOH TIP A . 
G 4 HOH 54 311 59 HOH TIP A . 
G 4 HOH 55 312 60 HOH TIP A . 
G 4 HOH 56 313 61 HOH TIP A . 
G 4 HOH 57 314 62 HOH TIP A . 
G 4 HOH 58 315 63 HOH TIP A . 
G 4 HOH 59 316 64 HOH TIP A . 
G 4 HOH 60 317 65 HOH TIP A . 
# 
loop_
_software.name 
_software.classification 
_software.version 
_software.citation_id 
_software.pdbx_ordinal 
CNS       refinement        1.2 ? 1 
MAR345dtb 'data collection' .   ? 2 
HKL-2000  'data reduction'  .   ? 3 
SCALEPACK 'data scaling'    .   ? 4 
CNS       phasing           .   ? 5 
# 
_cell.entry_id           3CPM 
_cell.length_a           50.902 
_cell.length_b           50.902 
_cell.length_c           144.783 
_cell.angle_alpha        90.00 
_cell.angle_beta         90.00 
_cell.angle_gamma        90.00 
_cell.Z_PDB              8 
_cell.pdbx_unique_axis   ? 
_cell.length_a_esd       ? 
_cell.length_b_esd       ? 
_cell.length_c_esd       ? 
_cell.angle_alpha_esd    ? 
_cell.angle_beta_esd     ? 
_cell.angle_gamma_esd    ? 
# 
_symmetry.entry_id                         3CPM 
_symmetry.space_group_name_H-M             'P 41 21 2' 
_symmetry.pdbx_full_space_group_name_H-M   ? 
_symmetry.cell_setting                     ? 
_symmetry.Int_Tables_number                92 
_symmetry.space_group_name_Hall            ? 
# 
_exptl.entry_id          3CPM 
_exptl.method            'X-RAY DIFFRACTION' 
_exptl.crystals_number   1 
# 
_exptl_crystal.id                    1 
_exptl_crystal.density_meas          ? 
_exptl_crystal.density_Matthews      2.14 
_exptl_crystal.density_percent_sol   42.55 
_exptl_crystal.description           ? 
_exptl_crystal.F_000                 ? 
_exptl_crystal.preparation           ? 
# 
_exptl_crystal_grow.crystal_id      1 
_exptl_crystal_grow.method          'VAPOR DIFFUSION, HANGING DROP' 
_exptl_crystal_grow.temp            293 
_exptl_crystal_grow.temp_details    ? 
_exptl_crystal_grow.pH              6.5 
_exptl_crystal_grow.pdbx_details    
'15-18% PEG monomethyl ether 550, 28-70 mM ZnSO4, 70 mM MES, pH 6.5, VAPOR DIFFUSION, HANGING DROP, temperature 293K' 
_exptl_crystal_grow.pdbx_pH_range   . 
# 
_diffrn.id                     1 
_diffrn.ambient_temp           110 
_diffrn.ambient_temp_details   ? 
_diffrn.crystal_id             1 
# 
_diffrn_detector.diffrn_id              1 
_diffrn_detector.detector               CCD 
_diffrn_detector.type                   'MARMOSAIC 300 mm CCD' 
_diffrn_detector.pdbx_collection_date   2007-07-18 
_diffrn_detector.details                ? 
# 
_diffrn_radiation.diffrn_id                        1 
_diffrn_radiation.wavelength_id                    1 
_diffrn_radiation.pdbx_monochromatic_or_laue_m_l   M 
_diffrn_radiation.monochromator                    'double crystal' 
_diffrn_radiation.pdbx_diffrn_protocol             'SINGLE WAVELENGTH' 
_diffrn_radiation.pdbx_scattering_type             x-ray 
# 
_diffrn_radiation_wavelength.id           1 
_diffrn_radiation_wavelength.wavelength   1.0 
_diffrn_radiation_wavelength.wt           1.0 
# 
_diffrn_source.diffrn_id                   1 
_diffrn_source.source                      SYNCHROTRON 
_diffrn_source.type                        'APS BEAMLINE 22-ID' 
_diffrn_source.pdbx_synchrotron_site       APS 
_diffrn_source.pdbx_synchrotron_beamline   22-ID 
_diffrn_source.pdbx_wavelength             ? 
_diffrn_source.pdbx_wavelength_list        1.0 
# 
_reflns.entry_id                     3CPM 
_reflns.observed_criterion_sigma_I   -3 
_reflns.observed_criterion_sigma_F   0 
_reflns.d_resolution_low             50 
_reflns.d_resolution_high            2.4 
_reflns.number_obs                   8067 
_reflns.number_all                   8067 
_reflns.percent_possible_obs         100 
_reflns.pdbx_Rmerge_I_obs            ? 
_reflns.pdbx_Rsym_value              ? 
_reflns.pdbx_netI_over_sigmaI        ? 
_reflns.B_iso_Wilson_estimate        18.1 
_reflns.pdbx_redundancy              8.8 
_reflns.R_free_details               ? 
_reflns.limit_h_max                  ? 
_reflns.limit_h_min                  ? 
_reflns.limit_k_max                  ? 
_reflns.limit_k_min                  ? 
_reflns.limit_l_max                  ? 
_reflns.limit_l_min                  ? 
_reflns.observed_criterion_F_max     ? 
_reflns.observed_criterion_F_min     ? 
_reflns.pdbx_chi_squared             ? 
_reflns.pdbx_scaling_rejects         ? 
_reflns.pdbx_ordinal                 1 
_reflns.pdbx_diffrn_id               1 
# 
_reflns_shell.d_res_high             2.40 
_reflns_shell.d_res_low              2.49 
_reflns_shell.percent_possible_all   100 
_reflns_shell.Rmerge_I_obs           ? 
_reflns_shell.pdbx_Rsym_value        ? 
_reflns_shell.meanI_over_sigI_obs    ? 
_reflns_shell.pdbx_redundancy        ? 
_reflns_shell.percent_possible_obs   ? 
_reflns_shell.number_unique_all      ? 
_reflns_shell.number_measured_all    ? 
_reflns_shell.number_measured_obs    ? 
_reflns_shell.number_unique_obs      ? 
_reflns_shell.pdbx_chi_squared       ? 
_reflns_shell.pdbx_ordinal           1 
_reflns_shell.pdbx_diffrn_id         1 
# 
_refine.entry_id                                 3CPM 
_refine.ls_number_reflns_obs                     8016 
_refine.ls_number_reflns_all                     8067 
_refine.pdbx_ls_sigma_I                          ? 
_refine.pdbx_ls_sigma_F                          0.0 
_refine.pdbx_data_cutoff_high_absF               1135949.73 
_refine.pdbx_data_cutoff_low_absF                0.000000 
_refine.pdbx_data_cutoff_high_rms_absF           ? 
_refine.ls_d_res_low                             41.64 
_refine.ls_d_res_high                            2.40 
_refine.ls_percent_reflns_obs                    99.9 
_refine.ls_R_factor_obs                          0.235 
_refine.ls_R_factor_all                          ? 
_refine.ls_R_factor_R_work                       0.235 
_refine.ls_R_factor_R_free                       0.297 
_refine.ls_R_factor_R_free_error                 0.010 
_refine.ls_R_factor_R_free_error_details         ? 
_refine.ls_percent_reflns_R_free                 10.6 
_refine.ls_number_reflns_R_free                  850 
_refine.ls_number_parameters                     ? 
_refine.ls_number_restraints                     ? 
_refine.occupancy_min                            ? 
_refine.occupancy_max                            ? 
_refine.correlation_coeff_Fo_to_Fc               ? 
_refine.correlation_coeff_Fo_to_Fc_free          ? 
_refine.B_iso_mean                               22.8 
_refine.aniso_B[1][1]                            -1.27 
_refine.aniso_B[2][2]                            -1.27 
_refine.aniso_B[3][3]                            2.55 
_refine.aniso_B[1][2]                            0.00 
_refine.aniso_B[1][3]                            0.00 
_refine.aniso_B[2][3]                            0.00 
_refine.solvent_model_details                    'FLAT MODEL' 
_refine.solvent_model_param_ksol                 0.4 
_refine.solvent_model_param_bsol                 36.5864 
_refine.pdbx_solvent_vdw_probe_radii             ? 
_refine.pdbx_solvent_ion_probe_radii             ? 
_refine.pdbx_solvent_shrinkage_radii             ? 
_refine.pdbx_ls_cross_valid_method               THROUGHOUT 
_refine.details                                  'BULK SOLVENT MODEL USED' 
_refine.pdbx_starting_model                      ? 
_refine.pdbx_method_to_determine_struct          'MOLECULAR REPLACEMENT' 
_refine.pdbx_isotropic_thermal_model             RESTRAINED 
_refine.pdbx_stereochemistry_target_values       'Engh & Huber' 
_refine.pdbx_stereochem_target_val_spec_case     ? 
_refine.pdbx_R_Free_selection_details            RANDOM 
_refine.pdbx_overall_ESU_R                       ? 
_refine.pdbx_overall_ESU_R_Free                  ? 
_refine.overall_SU_ML                            ? 
_refine.overall_SU_B                             ? 
_refine.ls_redundancy_reflns_obs                 ? 
_refine.B_iso_min                                ? 
_refine.B_iso_max                                ? 
_refine.overall_SU_R_Cruickshank_DPI             ? 
_refine.overall_SU_R_free                        ? 
_refine.ls_wR_factor_R_free                      ? 
_refine.ls_wR_factor_R_work                      ? 
_refine.overall_FOM_free_R_set                   ? 
_refine.overall_FOM_work_R_set                   ? 
_refine.pdbx_overall_phase_error                 ? 
_refine.pdbx_refine_id                           'X-RAY DIFFRACTION' 
_refine.pdbx_diffrn_id                           1 
_refine.pdbx_TLS_residual_ADP_flag               ? 
_refine.pdbx_overall_SU_R_free_Cruickshank_DPI   ? 
_refine.pdbx_overall_SU_R_Blow_DPI               ? 
_refine.pdbx_overall_SU_R_free_Blow_DPI          ? 
# 
_refine_analyze.entry_id                        3CPM 
_refine_analyze.Luzzati_coordinate_error_obs    0.31 
_refine_analyze.Luzzati_sigma_a_obs             0.18 
_refine_analyze.Luzzati_d_res_low_obs           5.00 
_refine_analyze.Luzzati_coordinate_error_free   0.44 
_refine_analyze.Luzzati_sigma_a_free            0.34 
_refine_analyze.Luzzati_d_res_low_free          ? 
_refine_analyze.number_disordered_residues      ? 
_refine_analyze.occupancy_sum_hydrogen          ? 
_refine_analyze.occupancy_sum_non_hydrogen      ? 
_refine_analyze.pdbx_Luzzati_d_res_high_obs     ? 
_refine_analyze.pdbx_refine_id                  'X-RAY DIFFRACTION' 
# 
_refine_hist.pdbx_refine_id                   'X-RAY DIFFRACTION' 
_refine_hist.cycle_id                         LAST 
_refine_hist.pdbx_number_atoms_protein        1478 
_refine_hist.pdbx_number_atoms_nucleic_acid   0 
_refine_hist.pdbx_number_atoms_ligand         9 
_refine_hist.number_atoms_solvent             60 
_refine_hist.number_atoms_total               1547 
_refine_hist.d_res_high                       2.40 
_refine_hist.d_res_low                        41.64 
# 
loop_
_refine_ls_restr.type 
_refine_ls_restr.dev_ideal 
_refine_ls_restr.dev_ideal_target 
_refine_ls_restr.weight 
_refine_ls_restr.number 
_refine_ls_restr.pdbx_refine_id 
_refine_ls_restr.pdbx_restraint_function 
c_bond_d           0.007 ? ? ? 'X-RAY DIFFRACTION' ? 
c_angle_deg        1.3   ? ? ? 'X-RAY DIFFRACTION' ? 
c_dihedral_angle_d 23.9  ? ? ? 'X-RAY DIFFRACTION' ? 
c_improper_angle_d 1.22  ? ? ? 'X-RAY DIFFRACTION' ? 
# 
_refine_ls_shell.pdbx_total_number_of_bins_used   6 
_refine_ls_shell.d_res_high                       2.40 
_refine_ls_shell.d_res_low                        2.55 
_refine_ls_shell.number_reflns_R_work             1168 
_refine_ls_shell.R_factor_R_work                  0.233 
_refine_ls_shell.percent_reflns_obs               99.8 
_refine_ls_shell.R_factor_R_free                  0.333 
_refine_ls_shell.R_factor_R_free_error            0.031 
_refine_ls_shell.percent_reflns_R_free            9.2 
_refine_ls_shell.number_reflns_R_free             119 
_refine_ls_shell.number_reflns_all                ? 
_refine_ls_shell.R_factor_all                     ? 
_refine_ls_shell.number_reflns_obs                ? 
_refine_ls_shell.redundancy_reflns_obs            ? 
_refine_ls_shell.pdbx_refine_id                   'X-RAY DIFFRACTION' 
# 
loop_
_pdbx_xplor_file.serial_no 
_pdbx_xplor_file.param_file 
_pdbx_xplor_file.topol_file 
_pdbx_xplor_file.pdbx_refine_id 
1 protein_rep.param protein.top 'X-RAY DIFFRACTION' 
2 water_rep.param   water.top   'X-RAY DIFFRACTION' 
3 ion.param         ion.top     'X-RAY DIFFRACTION' 
# 
_struct.entry_id                  3CPM 
_struct.title                     'plant peptide deformylase PDF1B crystal structure' 
_struct.pdbx_model_details        ? 
_struct.pdbx_CASP_flag            ? 
_struct.pdbx_model_type_details   ? 
# 
_struct_keywords.entry_id        3CPM 
_struct_keywords.pdbx_keywords   HYDROLASE 
_struct_keywords.text            'alpha beta, Chloroplast, Hydrolase, Iron, Metal-binding, Protein biosynthesis, Transit peptide' 
# 
loop_
_struct_asym.id 
_struct_asym.pdbx_blank_PDB_chainid_flag 
_struct_asym.pdbx_modified 
_struct_asym.entity_id 
_struct_asym.details 
A N N 1 ? 
B N N 2 ? 
C N N 3 ? 
D N N 3 ? 
E N N 3 ? 
F N N 3 ? 
G N N 4 ? 
# 
_struct_ref.id                         1 
_struct_ref.db_name                    UNP 
_struct_ref.db_code                    DEFC_ARATH 
_struct_ref.pdbx_db_accession          Q9FUZ2 
_struct_ref.entity_id                  1 
_struct_ref.pdbx_seq_one_letter_code   
;KDDKVASATDVQFETPLKIVEYPDPILRAKNKRIDIFDENLKNLVDAMFDVMYKTDGIGLSAPQVGLNVQLMVFNPAGEP
GEGKEIVLVNPKIKKYSDKLVPFDEGCLSFPGIYAEVVRPQSVKIDARDITGERFSISLSRLPARIFQHEYDHLEGVLFF
DRMTDQVLDSIREELEALEKKYEEKTGLPSPER
;
_struct_ref.pdbx_align_begin           65 
_struct_ref.pdbx_db_isoform            ? 
# 
_struct_ref_seq.align_id                      1 
_struct_ref_seq.ref_id                        1 
_struct_ref_seq.pdbx_PDB_id_code              3CPM 
_struct_ref_seq.pdbx_strand_id                A 
_struct_ref_seq.seq_align_beg                 1 
_struct_ref_seq.pdbx_seq_align_beg_ins_code   ? 
_struct_ref_seq.seq_align_end                 193 
_struct_ref_seq.pdbx_seq_align_end_ins_code   ? 
_struct_ref_seq.pdbx_db_accession             Q9FUZ2 
_struct_ref_seq.db_align_beg                  65 
_struct_ref_seq.pdbx_db_align_beg_ins_code    ? 
_struct_ref_seq.db_align_end                  257 
_struct_ref_seq.pdbx_db_align_end_ins_code    ? 
_struct_ref_seq.pdbx_auth_seq_align_beg       65 
_struct_ref_seq.pdbx_auth_seq_align_end       257 
# 
loop_
_pdbx_struct_assembly.id 
_pdbx_struct_assembly.details 
_pdbx_struct_assembly.method_details 
_pdbx_struct_assembly.oligomeric_details 
_pdbx_struct_assembly.oligomeric_count 
1 author_and_software_defined_assembly PQS  monomeric 1 
2 software_defined_assembly            PISA dimeric   2 
# 
loop_
_pdbx_struct_assembly_prop.biol_id 
_pdbx_struct_assembly_prop.type 
_pdbx_struct_assembly_prop.value 
_pdbx_struct_assembly_prop.details 
2 'ABSA (A^2)' 1590  ? 
2 MORE         -284  ? 
2 'SSA (A^2)'  19320 ? 
# 
loop_
_pdbx_struct_assembly_gen.assembly_id 
_pdbx_struct_assembly_gen.oper_expression 
_pdbx_struct_assembly_gen.asym_id_list 
1 1   A,B,C,D,E,F,G 
2 1,2 A,B,C,D,E,F,G 
# 
loop_
_pdbx_struct_oper_list.id 
_pdbx_struct_oper_list.type 
_pdbx_struct_oper_list.name 
_pdbx_struct_oper_list.symmetry_operation 
_pdbx_struct_oper_list.matrix[1][1] 
_pdbx_struct_oper_list.matrix[1][2] 
_pdbx_struct_oper_list.matrix[1][3] 
_pdbx_struct_oper_list.vector[1] 
_pdbx_struct_oper_list.matrix[2][1] 
_pdbx_struct_oper_list.matrix[2][2] 
_pdbx_struct_oper_list.matrix[2][3] 
_pdbx_struct_oper_list.vector[2] 
_pdbx_struct_oper_list.matrix[3][1] 
_pdbx_struct_oper_list.matrix[3][2] 
_pdbx_struct_oper_list.matrix[3][3] 
_pdbx_struct_oper_list.vector[3] 
1 'identity operation'         1_555 x,y,z            1.0000000000 0.0000000000 0.0000000000  0.0000000000 0.0000000000 1.0000000000  0.0000000000  0.0000000000  0.0000000000  0.0000000000  1.0000000000  0.0000000000  
2 'crystal symmetry operation' 8_664 -y+1,-x+1,-z-1/2 0.4040737109 0.9093770566 -0.0987816028 3.1550208350 0.9093770566 -0.4110233496 -0.0639779255 -0.3438179956 -0.0987816028 -0.0639779255 -0.9930503613 41.6800446246 
# 
_struct_biol.id        1 
_struct_biol.details   ? 
# 
loop_
_struct_conf.conf_type_id 
_struct_conf.id 
_struct_conf.pdbx_PDB_helix_id 
_struct_conf.beg_label_comp_id 
_struct_conf.beg_label_asym_id 
_struct_conf.beg_label_seq_id 
_struct_conf.pdbx_beg_PDB_ins_code 
_struct_conf.end_label_comp_id 
_struct_conf.end_label_asym_id 
_struct_conf.end_label_seq_id 
_struct_conf.pdbx_end_PDB_ins_code 
_struct_conf.beg_auth_comp_id 
_struct_conf.beg_auth_asym_id 
_struct_conf.beg_auth_seq_id 
_struct_conf.end_auth_comp_id 
_struct_conf.end_auth_asym_id 
_struct_conf.end_auth_seq_id 
_struct_conf.pdbx_PDB_helix_class 
_struct_conf.details 
_struct_conf.pdbx_PDB_helix_length 
HELX_P HELX_P1 1 ASP A 24  ? ARG A 28  ? ASP A 88  ARG A 92  5 ? 5  
HELX_P HELX_P2 2 ASP A 38  ? THR A 55  ? ASP A 102 THR A 119 1 ? 18 
HELX_P HELX_P3 3 PRO A 63  ? GLY A 66  ? PRO A 127 GLY A 130 5 ? 4  
HELX_P HELX_P4 4 SER A 140 ? GLU A 155 ? SER A 204 GLU A 219 1 ? 16 
HELX_P HELX_P5 5 LEU A 158 ? MET A 163 ? LEU A 222 MET A 227 5 ? 6  
HELX_P HELX_P6 6 THR A 164 ? SER A 170 ? THR A 228 SER A 234 1 ? 7  
HELX_P HELX_P7 7 ILE A 171 ? GLY A 187 ? ILE A 235 GLY A 251 1 ? 17 
# 
_struct_conf_type.id          HELX_P 
_struct_conf_type.criteria    ? 
_struct_conf_type.reference   ? 
# 
loop_
_struct_conn.id 
_struct_conn.conn_type_id 
_struct_conn.pdbx_leaving_atom_flag 
_struct_conn.pdbx_PDB_id 
_struct_conn.ptnr1_label_asym_id 
_struct_conn.ptnr1_label_comp_id 
_struct_conn.ptnr1_label_seq_id 
_struct_conn.ptnr1_label_atom_id 
_struct_conn.pdbx_ptnr1_label_alt_id 
_struct_conn.pdbx_ptnr1_PDB_ins_code 
_struct_conn.pdbx_ptnr1_standard_comp_id 
_struct_conn.ptnr1_symmetry 
_struct_conn.ptnr2_label_asym_id 
_struct_conn.ptnr2_label_comp_id 
_struct_conn.ptnr2_label_seq_id 
_struct_conn.ptnr2_label_atom_id 
_struct_conn.pdbx_ptnr2_label_alt_id 
_struct_conn.pdbx_ptnr2_PDB_ins_code 
_struct_conn.ptnr1_auth_asym_id 
_struct_conn.ptnr1_auth_comp_id 
_struct_conn.ptnr1_auth_seq_id 
_struct_conn.ptnr2_auth_asym_id 
_struct_conn.ptnr2_auth_comp_id 
_struct_conn.ptnr2_auth_seq_id 
_struct_conn.ptnr2_symmetry 
_struct_conn.pdbx_ptnr3_label_atom_id 
_struct_conn.pdbx_ptnr3_label_seq_id 
_struct_conn.pdbx_ptnr3_label_comp_id 
_struct_conn.pdbx_ptnr3_label_asym_id 
_struct_conn.pdbx_ptnr3_label_alt_id 
_struct_conn.pdbx_ptnr3_PDB_ins_code 
_struct_conn.details 
_struct_conn.pdbx_dist_value 
_struct_conn.pdbx_value_order 
_struct_conn.pdbx_role 
metalc1 metalc ? ? C ZN . ZN ? ? ? 1_555 A CYS 107 SG  ? ? A ZN 2 A CYS 171 1_555 ? ? ? ? ? ? ? 2.367 ? ? 
metalc2 metalc ? ? C ZN . ZN ? ? ? 1_555 A HIS 149 NE2 ? ? A ZN 2 A HIS 213 1_555 ? ? ? ? ? ? ? 2.084 ? ? 
metalc3 metalc ? ? C ZN . ZN ? ? ? 1_555 A HIS 153 NE2 ? ? A ZN 2 A HIS 217 1_555 ? ? ? ? ? ? ? 1.944 ? ? 
metalc4 metalc ? ? C ZN . ZN ? ? ? 1_555 G HOH .   O   ? ? A ZN 2 A HOH 293 1_555 ? ? ? ? ? ? ? 2.188 ? ? 
metalc5 metalc ? ? D ZN . ZN ? ? ? 1_555 A ASP 46  OD1 ? ? A ZN 3 A ASP 110 1_555 ? ? ? ? ? ? ? 1.956 ? ? 
metalc6 metalc ? ? D ZN . ZN ? ? ? 1_555 A ASP 50  OD2 ? ? A ZN 3 A ASP 114 1_555 ? ? ? ? ? ? ? 2.098 ? ? 
metalc7 metalc ? ? E ZN . ZN ? ? ? 1_555 A ASP 10  OD1 ? ? A ZN 4 A ASP 74  1_555 ? ? ? ? ? ? ? 2.381 ? ? 
metalc8 metalc ? ? E ZN . ZN ? ? ? 1_555 A ASP 35  OD2 ? ? A ZN 4 A ASP 99  1_555 ? ? ? ? ? ? ? 1.934 ? ? 
metalc9 metalc ? ? F ZN . ZN ? ? ? 1_555 A GLU 173 OE1 ? ? A ZN 5 A GLU 237 1_555 ? ? ? ? ? ? ? 2.220 ? ? 
# 
_struct_conn_type.id          metalc 
_struct_conn_type.criteria    ? 
_struct_conn_type.reference   ? 
# 
loop_
_pdbx_struct_conn_angle.id 
_pdbx_struct_conn_angle.ptnr1_label_atom_id 
_pdbx_struct_conn_angle.ptnr1_label_alt_id 
_pdbx_struct_conn_angle.ptnr1_label_asym_id 
_pdbx_struct_conn_angle.ptnr1_label_comp_id 
_pdbx_struct_conn_angle.ptnr1_label_seq_id 
_pdbx_struct_conn_angle.ptnr1_auth_atom_id 
_pdbx_struct_conn_angle.ptnr1_auth_asym_id 
_pdbx_struct_conn_angle.ptnr1_auth_comp_id 
_pdbx_struct_conn_angle.ptnr1_auth_seq_id 
_pdbx_struct_conn_angle.ptnr1_PDB_ins_code 
_pdbx_struct_conn_angle.ptnr1_symmetry 
_pdbx_struct_conn_angle.ptnr2_label_atom_id 
_pdbx_struct_conn_angle.ptnr2_label_alt_id 
_pdbx_struct_conn_angle.ptnr2_label_asym_id 
_pdbx_struct_conn_angle.ptnr2_label_comp_id 
_pdbx_struct_conn_angle.ptnr2_label_seq_id 
_pdbx_struct_conn_angle.ptnr2_auth_atom_id 
_pdbx_struct_conn_angle.ptnr2_auth_asym_id 
_pdbx_struct_conn_angle.ptnr2_auth_comp_id 
_pdbx_struct_conn_angle.ptnr2_auth_seq_id 
_pdbx_struct_conn_angle.ptnr2_PDB_ins_code 
_pdbx_struct_conn_angle.ptnr2_symmetry 
_pdbx_struct_conn_angle.ptnr3_label_atom_id 
_pdbx_struct_conn_angle.ptnr3_label_alt_id 
_pdbx_struct_conn_angle.ptnr3_label_asym_id 
_pdbx_struct_conn_angle.ptnr3_label_comp_id 
_pdbx_struct_conn_angle.ptnr3_label_seq_id 
_pdbx_struct_conn_angle.ptnr3_auth_atom_id 
_pdbx_struct_conn_angle.ptnr3_auth_asym_id 
_pdbx_struct_conn_angle.ptnr3_auth_comp_id 
_pdbx_struct_conn_angle.ptnr3_auth_seq_id 
_pdbx_struct_conn_angle.ptnr3_PDB_ins_code 
_pdbx_struct_conn_angle.ptnr3_symmetry 
_pdbx_struct_conn_angle.value 
_pdbx_struct_conn_angle.value_esd 
1 SG  ? A CYS 107 ? A CYS 171 ? 1_555 ZN ? C ZN . ? A ZN 2 ? 1_555 NE2 ? A HIS 149 ? A HIS 213 ? 1_555 111.8 ? 
2 SG  ? A CYS 107 ? A CYS 171 ? 1_555 ZN ? C ZN . ? A ZN 2 ? 1_555 NE2 ? A HIS 153 ? A HIS 217 ? 1_555 110.1 ? 
3 NE2 ? A HIS 149 ? A HIS 213 ? 1_555 ZN ? C ZN . ? A ZN 2 ? 1_555 NE2 ? A HIS 153 ? A HIS 217 ? 1_555 106.9 ? 
4 SG  ? A CYS 107 ? A CYS 171 ? 1_555 ZN ? C ZN . ? A ZN 2 ? 1_555 O   ? G HOH .   ? A HOH 293 ? 1_555 125.5 ? 
5 NE2 ? A HIS 149 ? A HIS 213 ? 1_555 ZN ? C ZN . ? A ZN 2 ? 1_555 O   ? G HOH .   ? A HOH 293 ? 1_555 97.7  ? 
6 NE2 ? A HIS 153 ? A HIS 217 ? 1_555 ZN ? C ZN . ? A ZN 2 ? 1_555 O   ? G HOH .   ? A HOH 293 ? 1_555 102.9 ? 
7 OD1 ? A ASP 46  ? A ASP 110 ? 1_555 ZN ? D ZN . ? A ZN 3 ? 1_555 OD2 ? A ASP 50  ? A ASP 114 ? 1_555 98.1  ? 
8 OD1 ? A ASP 10  ? A ASP 74  ? 1_555 ZN ? E ZN . ? A ZN 4 ? 1_555 OD2 ? A ASP 35  ? A ASP 99  ? 1_555 106.7 ? 
# 
_struct_mon_prot_cis.pdbx_id                1 
_struct_mon_prot_cis.label_comp_id          TYR 
_struct_mon_prot_cis.label_seq_id           22 
_struct_mon_prot_cis.label_asym_id          A 
_struct_mon_prot_cis.label_alt_id           . 
_struct_mon_prot_cis.pdbx_PDB_ins_code      ? 
_struct_mon_prot_cis.auth_comp_id           TYR 
_struct_mon_prot_cis.auth_seq_id            86 
_struct_mon_prot_cis.auth_asym_id           A 
_struct_mon_prot_cis.pdbx_label_comp_id_2   PRO 
_struct_mon_prot_cis.pdbx_label_seq_id_2    23 
_struct_mon_prot_cis.pdbx_label_asym_id_2   A 
_struct_mon_prot_cis.pdbx_PDB_ins_code_2    ? 
_struct_mon_prot_cis.pdbx_auth_comp_id_2    PRO 
_struct_mon_prot_cis.pdbx_auth_seq_id_2     87 
_struct_mon_prot_cis.pdbx_auth_asym_id_2    A 
_struct_mon_prot_cis.pdbx_PDB_model_num     1 
_struct_mon_prot_cis.pdbx_omega_angle       0.43 
# 
loop_
_struct_sheet.id 
_struct_sheet.type 
_struct_sheet.number_strands 
_struct_sheet.details 
A ? 5 ? 
B ? 2 ? 
# 
loop_
_struct_sheet_order.sheet_id 
_struct_sheet_order.range_id_1 
_struct_sheet_order.range_id_2 
_struct_sheet_order.offset 
_struct_sheet_order.sense 
A 1 2 ? anti-parallel 
A 2 3 ? anti-parallel 
A 3 4 ? anti-parallel 
A 4 5 ? anti-parallel 
B 1 2 ? anti-parallel 
# 
loop_
_struct_sheet_range.sheet_id 
_struct_sheet_range.id 
_struct_sheet_range.beg_label_comp_id 
_struct_sheet_range.beg_label_asym_id 
_struct_sheet_range.beg_label_seq_id 
_struct_sheet_range.pdbx_beg_PDB_ins_code 
_struct_sheet_range.end_label_comp_id 
_struct_sheet_range.end_label_asym_id 
_struct_sheet_range.end_label_seq_id 
_struct_sheet_range.pdbx_end_PDB_ins_code 
_struct_sheet_range.beg_auth_comp_id 
_struct_sheet_range.beg_auth_asym_id 
_struct_sheet_range.beg_auth_seq_id 
_struct_sheet_range.end_auth_comp_id 
_struct_sheet_range.end_auth_asym_id 
_struct_sheet_range.end_auth_seq_id 
A 1 GLY A 59  ? SER A 61  ? GLY A 123 SER A 125 
A 2 LEU A 71  ? PHE A 74  ? LEU A 135 PHE A 138 
A 3 ILE A 86  ? TYR A 96  ? ILE A 150 TYR A 160 
A 4 VAL A 123 ? ARG A 128 ? VAL A 187 ARG A 192 
A 5 ARG A 134 ? LEU A 139 ? ARG A 198 LEU A 203 
B 1 LEU A 100 ? GLU A 105 ? LEU A 164 GLU A 169 
B 2 ALA A 115 ? PRO A 120 ? ALA A 179 PRO A 184 
# 
loop_
_pdbx_struct_sheet_hbond.sheet_id 
_pdbx_struct_sheet_hbond.range_id_1 
_pdbx_struct_sheet_hbond.range_id_2 
_pdbx_struct_sheet_hbond.range_1_label_atom_id 
_pdbx_struct_sheet_hbond.range_1_label_comp_id 
_pdbx_struct_sheet_hbond.range_1_label_asym_id 
_pdbx_struct_sheet_hbond.range_1_label_seq_id 
_pdbx_struct_sheet_hbond.range_1_PDB_ins_code 
_pdbx_struct_sheet_hbond.range_1_auth_atom_id 
_pdbx_struct_sheet_hbond.range_1_auth_comp_id 
_pdbx_struct_sheet_hbond.range_1_auth_asym_id 
_pdbx_struct_sheet_hbond.range_1_auth_seq_id 
_pdbx_struct_sheet_hbond.range_2_label_atom_id 
_pdbx_struct_sheet_hbond.range_2_label_comp_id 
_pdbx_struct_sheet_hbond.range_2_label_asym_id 
_pdbx_struct_sheet_hbond.range_2_label_seq_id 
_pdbx_struct_sheet_hbond.range_2_PDB_ins_code 
_pdbx_struct_sheet_hbond.range_2_auth_atom_id 
_pdbx_struct_sheet_hbond.range_2_auth_comp_id 
_pdbx_struct_sheet_hbond.range_2_auth_asym_id 
_pdbx_struct_sheet_hbond.range_2_auth_seq_id 
A 1 2 N LEU A 60  ? N LEU A 124 O VAL A 73  ? O VAL A 137 
A 2 3 N MET A 72  ? N MET A 136 O LEU A 88  ? O LEU A 152 
A 3 4 N LYS A 95  ? N LYS A 159 O LYS A 124 ? O LYS A 188 
A 4 5 N VAL A 123 ? N VAL A 187 O LEU A 139 ? O LEU A 203 
B 1 2 N PHE A 103 ? N PHE A 167 O VAL A 117 ? O VAL A 181 
# 
loop_
_struct_site.id 
_struct_site.pdbx_evidence_code 
_struct_site.pdbx_auth_asym_id 
_struct_site.pdbx_auth_comp_id 
_struct_site.pdbx_auth_seq_id 
_struct_site.pdbx_auth_ins_code 
_struct_site.pdbx_num_residues 
_struct_site.details 
AC1 Software A SO4 1 ? 6 'BINDING SITE FOR RESIDUE SO4 A 1' 
AC2 Software A ZN  2 ? 5 'BINDING SITE FOR RESIDUE ZN A 2'  
AC3 Software A ZN  3 ? 4 'BINDING SITE FOR RESIDUE ZN A 3'  
AC4 Software A ZN  4 ? 3 'BINDING SITE FOR RESIDUE ZN A 4'  
AC5 Software A ZN  5 ? 3 'BINDING SITE FOR RESIDUE ZN A 5'  
# 
loop_
_struct_site_gen.id 
_struct_site_gen.site_id 
_struct_site_gen.pdbx_num_res 
_struct_site_gen.label_comp_id 
_struct_site_gen.label_asym_id 
_struct_site_gen.label_seq_id 
_struct_site_gen.pdbx_auth_ins_code 
_struct_site_gen.auth_comp_id 
_struct_site_gen.auth_asym_id 
_struct_site_gen.auth_seq_id 
_struct_site_gen.label_atom_id 
_struct_site_gen.label_alt_id 
_struct_site_gen.symmetry 
_struct_site_gen.details 
1  AC1 6 ARG A 33  ? ARG A 97  . ? 1_555 ? 
2  AC1 6 ASN A 90  ? ASN A 154 . ? 1_555 ? 
3  AC1 6 GLY A 112 ? GLY A 176 . ? 3_545 ? 
4  AC1 6 TYR A 114 ? TYR A 178 . ? 3_545 ? 
5  AC1 6 ARG A 128 ? ARG A 192 . ? 1_555 ? 
6  AC1 6 ARG A 134 ? ARG A 198 . ? 1_555 ? 
7  AC2 5 GLN A 64  ? GLN A 128 . ? 1_555 ? 
8  AC2 5 CYS A 107 ? CYS A 171 . ? 1_555 ? 
9  AC2 5 HIS A 149 ? HIS A 213 . ? 1_555 ? 
10 AC2 5 HIS A 153 ? HIS A 217 . ? 1_555 ? 
11 AC2 5 HOH G .   ? HOH A 293 . ? 1_555 ? 
12 AC3 4 GLU A 39  ? GLU A 103 . ? 8_664 ? 
13 AC3 4 LYS A 42  ? LYS A 106 . ? 8_664 ? 
14 AC3 4 ASP A 46  ? ASP A 110 . ? 1_555 ? 
15 AC3 4 ASP A 50  ? ASP A 114 . ? 1_555 ? 
16 AC4 3 ASP A 10  ? ASP A 74  . ? 1_555 ? 
17 AC4 3 ASP A 35  ? ASP A 99  . ? 1_555 ? 
18 AC4 3 GLU A 174 ? GLU A 238 . ? 3_545 ? 
19 AC5 3 GLU A 173 ? GLU A 237 . ? 1_555 ? 
20 AC5 3 GLU A 176 ? GLU A 240 . ? 1_555 ? 
21 AC5 3 HOH G .   ? HOH A 272 . ? 1_555 ? 
# 
loop_
_pdbx_validate_close_contact.id 
_pdbx_validate_close_contact.PDB_model_num 
_pdbx_validate_close_contact.auth_atom_id_1 
_pdbx_validate_close_contact.auth_asym_id_1 
_pdbx_validate_close_contact.auth_comp_id_1 
_pdbx_validate_close_contact.auth_seq_id_1 
_pdbx_validate_close_contact.PDB_ins_code_1 
_pdbx_validate_close_contact.label_alt_id_1 
_pdbx_validate_close_contact.auth_atom_id_2 
_pdbx_validate_close_contact.auth_asym_id_2 
_pdbx_validate_close_contact.auth_comp_id_2 
_pdbx_validate_close_contact.auth_seq_id_2 
_pdbx_validate_close_contact.PDB_ins_code_2 
_pdbx_validate_close_contact.label_alt_id_2 
_pdbx_validate_close_contact.dist 
1 1 OD2 A ASP 162 ? ? O   A HOH 317 ? ? 2.09 
2 1 OE1 A GLU 219 ? ? O   A HOH 316 ? ? 2.14 
3 1 O   A VAL 181 ? ? NH2 A ARG 209 ? ? 2.17 
# 
loop_
_pdbx_validate_torsion.id 
_pdbx_validate_torsion.PDB_model_num 
_pdbx_validate_torsion.auth_comp_id 
_pdbx_validate_torsion.auth_asym_id 
_pdbx_validate_torsion.auth_seq_id 
_pdbx_validate_torsion.PDB_ins_code 
_pdbx_validate_torsion.label_alt_id 
_pdbx_validate_torsion.phi 
_pdbx_validate_torsion.psi 
1 1 PRO A 80  ? ? -11.02  127.26  
2 1 ALA A 93  ? ? -52.26  -1.76   
3 1 LYS A 94  ? ? 72.73   122.23  
4 1 GLU A 146 ? ? -142.73 36.41   
5 1 PRO A 175 ? ? -38.25  117.75  
6 1 ARG A 205 ? ? 53.53   -143.64 
7 1 PRO A 255 ? ? -81.37  47.16   
8 1 GLU A 256 ? ? -56.55  -157.20 
# 
_pdbx_validate_peptide_omega.id               1 
_pdbx_validate_peptide_omega.PDB_model_num    1 
_pdbx_validate_peptide_omega.auth_comp_id_1   THR 
_pdbx_validate_peptide_omega.auth_asym_id_1   A 
_pdbx_validate_peptide_omega.auth_seq_id_1    79 
_pdbx_validate_peptide_omega.PDB_ins_code_1   ? 
_pdbx_validate_peptide_omega.label_alt_id_1   ? 
_pdbx_validate_peptide_omega.auth_comp_id_2   PRO 
_pdbx_validate_peptide_omega.auth_asym_id_2   A 
_pdbx_validate_peptide_omega.auth_seq_id_2    80 
_pdbx_validate_peptide_omega.PDB_ins_code_2   ? 
_pdbx_validate_peptide_omega.label_alt_id_2   ? 
_pdbx_validate_peptide_omega.omega            -89.38 
# 
loop_
_pdbx_unobs_or_zero_occ_residues.id 
_pdbx_unobs_or_zero_occ_residues.PDB_model_num 
_pdbx_unobs_or_zero_occ_residues.polymer_flag 
_pdbx_unobs_or_zero_occ_residues.occupancy_flag 
_pdbx_unobs_or_zero_occ_residues.auth_asym_id 
_pdbx_unobs_or_zero_occ_residues.auth_comp_id 
_pdbx_unobs_or_zero_occ_residues.auth_seq_id 
_pdbx_unobs_or_zero_occ_residues.PDB_ins_code 
_pdbx_unobs_or_zero_occ_residues.label_asym_id 
_pdbx_unobs_or_zero_occ_residues.label_comp_id 
_pdbx_unobs_or_zero_occ_residues.label_seq_id 
1 1 Y 1 A LYS 65 ? A LYS 1 
2 1 Y 1 A ASP 66 ? A ASP 2 
3 1 Y 1 A ASP 67 ? A ASP 3 
4 1 Y 1 A LYS 68 ? A LYS 4 
5 1 Y 1 A VAL 69 ? A VAL 5 
6 1 Y 1 A ALA 70 ? A ALA 6 
7 1 Y 1 A SER 71 ? A SER 7 
8 1 Y 1 A ALA 72 ? A ALA 8 
9 1 Y 1 A THR 73 ? A THR 9 
# 
loop_
_chem_comp_atom.comp_id 
_chem_comp_atom.atom_id 
_chem_comp_atom.type_symbol 
_chem_comp_atom.pdbx_aromatic_flag 
_chem_comp_atom.pdbx_stereo_config 
_chem_comp_atom.pdbx_ordinal 
ALA N    N  N N 1   
ALA CA   C  N S 2   
ALA C    C  N N 3   
ALA O    O  N N 4   
ALA CB   C  N N 5   
ALA OXT  O  N N 6   
ALA H    H  N N 7   
ALA H2   H  N N 8   
ALA HA   H  N N 9   
ALA HB1  H  N N 10  
ALA HB2  H  N N 11  
ALA HB3  H  N N 12  
ALA HXT  H  N N 13  
ARG N    N  N N 14  
ARG CA   C  N S 15  
ARG C    C  N N 16  
ARG O    O  N N 17  
ARG CB   C  N N 18  
ARG CG   C  N N 19  
ARG CD   C  N N 20  
ARG NE   N  N N 21  
ARG CZ   C  N N 22  
ARG NH1  N  N N 23  
ARG NH2  N  N N 24  
ARG OXT  O  N N 25  
ARG H    H  N N 26  
ARG H2   H  N N 27  
ARG HA   H  N N 28  
ARG HB2  H  N N 29  
ARG HB3  H  N N 30  
ARG HG2  H  N N 31  
ARG HG3  H  N N 32  
ARG HD2  H  N N 33  
ARG HD3  H  N N 34  
ARG HE   H  N N 35  
ARG HH11 H  N N 36  
ARG HH12 H  N N 37  
ARG HH21 H  N N 38  
ARG HH22 H  N N 39  
ARG HXT  H  N N 40  
ASN N    N  N N 41  
ASN CA   C  N S 42  
ASN C    C  N N 43  
ASN O    O  N N 44  
ASN CB   C  N N 45  
ASN CG   C  N N 46  
ASN OD1  O  N N 47  
ASN ND2  N  N N 48  
ASN OXT  O  N N 49  
ASN H    H  N N 50  
ASN H2   H  N N 51  
ASN HA   H  N N 52  
ASN HB2  H  N N 53  
ASN HB3  H  N N 54  
ASN HD21 H  N N 55  
ASN HD22 H  N N 56  
ASN HXT  H  N N 57  
ASP N    N  N N 58  
ASP CA   C  N S 59  
ASP C    C  N N 60  
ASP O    O  N N 61  
ASP CB   C  N N 62  
ASP CG   C  N N 63  
ASP OD1  O  N N 64  
ASP OD2  O  N N 65  
ASP OXT  O  N N 66  
ASP H    H  N N 67  
ASP H2   H  N N 68  
ASP HA   H  N N 69  
ASP HB2  H  N N 70  
ASP HB3  H  N N 71  
ASP HD2  H  N N 72  
ASP HXT  H  N N 73  
CYS N    N  N N 74  
CYS CA   C  N R 75  
CYS C    C  N N 76  
CYS O    O  N N 77  
CYS CB   C  N N 78  
CYS SG   S  N N 79  
CYS OXT  O  N N 80  
CYS H    H  N N 81  
CYS H2   H  N N 82  
CYS HA   H  N N 83  
CYS HB2  H  N N 84  
CYS HB3  H  N N 85  
CYS HG   H  N N 86  
CYS HXT  H  N N 87  
GLN N    N  N N 88  
GLN CA   C  N S 89  
GLN C    C  N N 90  
GLN O    O  N N 91  
GLN CB   C  N N 92  
GLN CG   C  N N 93  
GLN CD   C  N N 94  
GLN OE1  O  N N 95  
GLN NE2  N  N N 96  
GLN OXT  O  N N 97  
GLN H    H  N N 98  
GLN H2   H  N N 99  
GLN HA   H  N N 100 
GLN HB2  H  N N 101 
GLN HB3  H  N N 102 
GLN HG2  H  N N 103 
GLN HG3  H  N N 104 
GLN HE21 H  N N 105 
GLN HE22 H  N N 106 
GLN HXT  H  N N 107 
GLU N    N  N N 108 
GLU CA   C  N S 109 
GLU C    C  N N 110 
GLU O    O  N N 111 
GLU CB   C  N N 112 
GLU CG   C  N N 113 
GLU CD   C  N N 114 
GLU OE1  O  N N 115 
GLU OE2  O  N N 116 
GLU OXT  O  N N 117 
GLU H    H  N N 118 
GLU H2   H  N N 119 
GLU HA   H  N N 120 
GLU HB2  H  N N 121 
GLU HB3  H  N N 122 
GLU HG2  H  N N 123 
GLU HG3  H  N N 124 
GLU HE2  H  N N 125 
GLU HXT  H  N N 126 
GLY N    N  N N 127 
GLY CA   C  N N 128 
GLY C    C  N N 129 
GLY O    O  N N 130 
GLY OXT  O  N N 131 
GLY H    H  N N 132 
GLY H2   H  N N 133 
GLY HA2  H  N N 134 
GLY HA3  H  N N 135 
GLY HXT  H  N N 136 
HIS N    N  N N 137 
HIS CA   C  N S 138 
HIS C    C  N N 139 
HIS O    O  N N 140 
HIS CB   C  N N 141 
HIS CG   C  Y N 142 
HIS ND1  N  Y N 143 
HIS CD2  C  Y N 144 
HIS CE1  C  Y N 145 
HIS NE2  N  Y N 146 
HIS OXT  O  N N 147 
HIS H    H  N N 148 
HIS H2   H  N N 149 
HIS HA   H  N N 150 
HIS HB2  H  N N 151 
HIS HB3  H  N N 152 
HIS HD1  H  N N 153 
HIS HD2  H  N N 154 
HIS HE1  H  N N 155 
HIS HE2  H  N N 156 
HIS HXT  H  N N 157 
HOH O    O  N N 158 
HOH H1   H  N N 159 
HOH H2   H  N N 160 
ILE N    N  N N 161 
ILE CA   C  N S 162 
ILE C    C  N N 163 
ILE O    O  N N 164 
ILE CB   C  N S 165 
ILE CG1  C  N N 166 
ILE CG2  C  N N 167 
ILE CD1  C  N N 168 
ILE OXT  O  N N 169 
ILE H    H  N N 170 
ILE H2   H  N N 171 
ILE HA   H  N N 172 
ILE HB   H  N N 173 
ILE HG12 H  N N 174 
ILE HG13 H  N N 175 
ILE HG21 H  N N 176 
ILE HG22 H  N N 177 
ILE HG23 H  N N 178 
ILE HD11 H  N N 179 
ILE HD12 H  N N 180 
ILE HD13 H  N N 181 
ILE HXT  H  N N 182 
LEU N    N  N N 183 
LEU CA   C  N S 184 
LEU C    C  N N 185 
LEU O    O  N N 186 
LEU CB   C  N N 187 
LEU CG   C  N N 188 
LEU CD1  C  N N 189 
LEU CD2  C  N N 190 
LEU OXT  O  N N 191 
LEU H    H  N N 192 
LEU H2   H  N N 193 
LEU HA   H  N N 194 
LEU HB2  H  N N 195 
LEU HB3  H  N N 196 
LEU HG   H  N N 197 
LEU HD11 H  N N 198 
LEU HD12 H  N N 199 
LEU HD13 H  N N 200 
LEU HD21 H  N N 201 
LEU HD22 H  N N 202 
LEU HD23 H  N N 203 
LEU HXT  H  N N 204 
LYS N    N  N N 205 
LYS CA   C  N S 206 
LYS C    C  N N 207 
LYS O    O  N N 208 
LYS CB   C  N N 209 
LYS CG   C  N N 210 
LYS CD   C  N N 211 
LYS CE   C  N N 212 
LYS NZ   N  N N 213 
LYS OXT  O  N N 214 
LYS H    H  N N 215 
LYS H2   H  N N 216 
LYS HA   H  N N 217 
LYS HB2  H  N N 218 
LYS HB3  H  N N 219 
LYS HG2  H  N N 220 
LYS HG3  H  N N 221 
LYS HD2  H  N N 222 
LYS HD3  H  N N 223 
LYS HE2  H  N N 224 
LYS HE3  H  N N 225 
LYS HZ1  H  N N 226 
LYS HZ2  H  N N 227 
LYS HZ3  H  N N 228 
LYS HXT  H  N N 229 
MET N    N  N N 230 
MET CA   C  N S 231 
MET C    C  N N 232 
MET O    O  N N 233 
MET CB   C  N N 234 
MET CG   C  N N 235 
MET SD   S  N N 236 
MET CE   C  N N 237 
MET OXT  O  N N 238 
MET H    H  N N 239 
MET H2   H  N N 240 
MET HA   H  N N 241 
MET HB2  H  N N 242 
MET HB3  H  N N 243 
MET HG2  H  N N 244 
MET HG3  H  N N 245 
MET HE1  H  N N 246 
MET HE2  H  N N 247 
MET HE3  H  N N 248 
MET HXT  H  N N 249 
PHE N    N  N N 250 
PHE CA   C  N S 251 
PHE C    C  N N 252 
PHE O    O  N N 253 
PHE CB   C  N N 254 
PHE CG   C  Y N 255 
PHE CD1  C  Y N 256 
PHE CD2  C  Y N 257 
PHE CE1  C  Y N 258 
PHE CE2  C  Y N 259 
PHE CZ   C  Y N 260 
PHE OXT  O  N N 261 
PHE H    H  N N 262 
PHE H2   H  N N 263 
PHE HA   H  N N 264 
PHE HB2  H  N N 265 
PHE HB3  H  N N 266 
PHE HD1  H  N N 267 
PHE HD2  H  N N 268 
PHE HE1  H  N N 269 
PHE HE2  H  N N 270 
PHE HZ   H  N N 271 
PHE HXT  H  N N 272 
PRO N    N  N N 273 
PRO CA   C  N S 274 
PRO C    C  N N 275 
PRO O    O  N N 276 
PRO CB   C  N N 277 
PRO CG   C  N N 278 
PRO CD   C  N N 279 
PRO OXT  O  N N 280 
PRO H    H  N N 281 
PRO HA   H  N N 282 
PRO HB2  H  N N 283 
PRO HB3  H  N N 284 
PRO HG2  H  N N 285 
PRO HG3  H  N N 286 
PRO HD2  H  N N 287 
PRO HD3  H  N N 288 
PRO HXT  H  N N 289 
SER N    N  N N 290 
SER CA   C  N S 291 
SER C    C  N N 292 
SER O    O  N N 293 
SER CB   C  N N 294 
SER OG   O  N N 295 
SER OXT  O  N N 296 
SER H    H  N N 297 
SER H2   H  N N 298 
SER HA   H  N N 299 
SER HB2  H  N N 300 
SER HB3  H  N N 301 
SER HG   H  N N 302 
SER HXT  H  N N 303 
SO4 S    S  N N 304 
SO4 O1   O  N N 305 
SO4 O2   O  N N 306 
SO4 O3   O  N N 307 
SO4 O4   O  N N 308 
THR N    N  N N 309 
THR CA   C  N S 310 
THR C    C  N N 311 
THR O    O  N N 312 
THR CB   C  N R 313 
THR OG1  O  N N 314 
THR CG2  C  N N 315 
THR OXT  O  N N 316 
THR H    H  N N 317 
THR H2   H  N N 318 
THR HA   H  N N 319 
THR HB   H  N N 320 
THR HG1  H  N N 321 
THR HG21 H  N N 322 
THR HG22 H  N N 323 
THR HG23 H  N N 324 
THR HXT  H  N N 325 
TYR N    N  N N 326 
TYR CA   C  N S 327 
TYR C    C  N N 328 
TYR O    O  N N 329 
TYR CB   C  N N 330 
TYR CG   C  Y N 331 
TYR CD1  C  Y N 332 
TYR CD2  C  Y N 333 
TYR CE1  C  Y N 334 
TYR CE2  C  Y N 335 
TYR CZ   C  Y N 336 
TYR OH   O  N N 337 
TYR OXT  O  N N 338 
TYR H    H  N N 339 
TYR H2   H  N N 340 
TYR HA   H  N N 341 
TYR HB2  H  N N 342 
TYR HB3  H  N N 343 
TYR HD1  H  N N 344 
TYR HD2  H  N N 345 
TYR HE1  H  N N 346 
TYR HE2  H  N N 347 
TYR HH   H  N N 348 
TYR HXT  H  N N 349 
VAL N    N  N N 350 
VAL CA   C  N S 351 
VAL C    C  N N 352 
VAL O    O  N N 353 
VAL CB   C  N N 354 
VAL CG1  C  N N 355 
VAL CG2  C  N N 356 
VAL OXT  O  N N 357 
VAL H    H  N N 358 
VAL H2   H  N N 359 
VAL HA   H  N N 360 
VAL HB   H  N N 361 
VAL HG11 H  N N 362 
VAL HG12 H  N N 363 
VAL HG13 H  N N 364 
VAL HG21 H  N N 365 
VAL HG22 H  N N 366 
VAL HG23 H  N N 367 
VAL HXT  H  N N 368 
ZN  ZN   ZN N N 369 
# 
loop_
_chem_comp_bond.comp_id 
_chem_comp_bond.atom_id_1 
_chem_comp_bond.atom_id_2 
_chem_comp_bond.value_order 
_chem_comp_bond.pdbx_aromatic_flag 
_chem_comp_bond.pdbx_stereo_config 
_chem_comp_bond.pdbx_ordinal 
ALA N   CA   sing N N 1   
ALA N   H    sing N N 2   
ALA N   H2   sing N N 3   
ALA CA  C    sing N N 4   
ALA CA  CB   sing N N 5   
ALA CA  HA   sing N N 6   
ALA C   O    doub N N 7   
ALA C   OXT  sing N N 8   
ALA CB  HB1  sing N N 9   
ALA CB  HB2  sing N N 10  
ALA CB  HB3  sing N N 11  
ALA OXT HXT  sing N N 12  
ARG N   CA   sing N N 13  
ARG N   H    sing N N 14  
ARG N   H2   sing N N 15  
ARG CA  C    sing N N 16  
ARG CA  CB   sing N N 17  
ARG CA  HA   sing N N 18  
ARG C   O    doub N N 19  
ARG C   OXT  sing N N 20  
ARG CB  CG   sing N N 21  
ARG CB  HB2  sing N N 22  
ARG CB  HB3  sing N N 23  
ARG CG  CD   sing N N 24  
ARG CG  HG2  sing N N 25  
ARG CG  HG3  sing N N 26  
ARG CD  NE   sing N N 27  
ARG CD  HD2  sing N N 28  
ARG CD  HD3  sing N N 29  
ARG NE  CZ   sing N N 30  
ARG NE  HE   sing N N 31  
ARG CZ  NH1  sing N N 32  
ARG CZ  NH2  doub N N 33  
ARG NH1 HH11 sing N N 34  
ARG NH1 HH12 sing N N 35  
ARG NH2 HH21 sing N N 36  
ARG NH2 HH22 sing N N 37  
ARG OXT HXT  sing N N 38  
ASN N   CA   sing N N 39  
ASN N   H    sing N N 40  
ASN N   H2   sing N N 41  
ASN CA  C    sing N N 42  
ASN CA  CB   sing N N 43  
ASN CA  HA   sing N N 44  
ASN C   O    doub N N 45  
ASN C   OXT  sing N N 46  
ASN CB  CG   sing N N 47  
ASN CB  HB2  sing N N 48  
ASN CB  HB3  sing N N 49  
ASN CG  OD1  doub N N 50  
ASN CG  ND2  sing N N 51  
ASN ND2 HD21 sing N N 52  
ASN ND2 HD22 sing N N 53  
ASN OXT HXT  sing N N 54  
ASP N   CA   sing N N 55  
ASP N   H    sing N N 56  
ASP N   H2   sing N N 57  
ASP CA  C    sing N N 58  
ASP CA  CB   sing N N 59  
ASP CA  HA   sing N N 60  
ASP C   O    doub N N 61  
ASP C   OXT  sing N N 62  
ASP CB  CG   sing N N 63  
ASP CB  HB2  sing N N 64  
ASP CB  HB3  sing N N 65  
ASP CG  OD1  doub N N 66  
ASP CG  OD2  sing N N 67  
ASP OD2 HD2  sing N N 68  
ASP OXT HXT  sing N N 69  
CYS N   CA   sing N N 70  
CYS N   H    sing N N 71  
CYS N   H2   sing N N 72  
CYS CA  C    sing N N 73  
CYS CA  CB   sing N N 74  
CYS CA  HA   sing N N 75  
CYS C   O    doub N N 76  
CYS C   OXT  sing N N 77  
CYS CB  SG   sing N N 78  
CYS CB  HB2  sing N N 79  
CYS CB  HB3  sing N N 80  
CYS SG  HG   sing N N 81  
CYS OXT HXT  sing N N 82  
GLN N   CA   sing N N 83  
GLN N   H    sing N N 84  
GLN N   H2   sing N N 85  
GLN CA  C    sing N N 86  
GLN CA  CB   sing N N 87  
GLN CA  HA   sing N N 88  
GLN C   O    doub N N 89  
GLN C   OXT  sing N N 90  
GLN CB  CG   sing N N 91  
GLN CB  HB2  sing N N 92  
GLN CB  HB3  sing N N 93  
GLN CG  CD   sing N N 94  
GLN CG  HG2  sing N N 95  
GLN CG  HG3  sing N N 96  
GLN CD  OE1  doub N N 97  
GLN CD  NE2  sing N N 98  
GLN NE2 HE21 sing N N 99  
GLN NE2 HE22 sing N N 100 
GLN OXT HXT  sing N N 101 
GLU N   CA   sing N N 102 
GLU N   H    sing N N 103 
GLU N   H2   sing N N 104 
GLU CA  C    sing N N 105 
GLU CA  CB   sing N N 106 
GLU CA  HA   sing N N 107 
GLU C   O    doub N N 108 
GLU C   OXT  sing N N 109 
GLU CB  CG   sing N N 110 
GLU CB  HB2  sing N N 111 
GLU CB  HB3  sing N N 112 
GLU CG  CD   sing N N 113 
GLU CG  HG2  sing N N 114 
GLU CG  HG3  sing N N 115 
GLU CD  OE1  doub N N 116 
GLU CD  OE2  sing N N 117 
GLU OE2 HE2  sing N N 118 
GLU OXT HXT  sing N N 119 
GLY N   CA   sing N N 120 
GLY N   H    sing N N 121 
GLY N   H2   sing N N 122 
GLY CA  C    sing N N 123 
GLY CA  HA2  sing N N 124 
GLY CA  HA3  sing N N 125 
GLY C   O    doub N N 126 
GLY C   OXT  sing N N 127 
GLY OXT HXT  sing N N 128 
HIS N   CA   sing N N 129 
HIS N   H    sing N N 130 
HIS N   H2   sing N N 131 
HIS CA  C    sing N N 132 
HIS CA  CB   sing N N 133 
HIS CA  HA   sing N N 134 
HIS C   O    doub N N 135 
HIS C   OXT  sing N N 136 
HIS CB  CG   sing N N 137 
HIS CB  HB2  sing N N 138 
HIS CB  HB3  sing N N 139 
HIS CG  ND1  sing Y N 140 
HIS CG  CD2  doub Y N 141 
HIS ND1 CE1  doub Y N 142 
HIS ND1 HD1  sing N N 143 
HIS CD2 NE2  sing Y N 144 
HIS CD2 HD2  sing N N 145 
HIS CE1 NE2  sing Y N 146 
HIS CE1 HE1  sing N N 147 
HIS NE2 HE2  sing N N 148 
HIS OXT HXT  sing N N 149 
HOH O   H1   sing N N 150 
HOH O   H2   sing N N 151 
ILE N   CA   sing N N 152 
ILE N   H    sing N N 153 
ILE N   H2   sing N N 154 
ILE CA  C    sing N N 155 
ILE CA  CB   sing N N 156 
ILE CA  HA   sing N N 157 
ILE C   O    doub N N 158 
ILE C   OXT  sing N N 159 
ILE CB  CG1  sing N N 160 
ILE CB  CG2  sing N N 161 
ILE CB  HB   sing N N 162 
ILE CG1 CD1  sing N N 163 
ILE CG1 HG12 sing N N 164 
ILE CG1 HG13 sing N N 165 
ILE CG2 HG21 sing N N 166 
ILE CG2 HG22 sing N N 167 
ILE CG2 HG23 sing N N 168 
ILE CD1 HD11 sing N N 169 
ILE CD1 HD12 sing N N 170 
ILE CD1 HD13 sing N N 171 
ILE OXT HXT  sing N N 172 
LEU N   CA   sing N N 173 
LEU N   H    sing N N 174 
LEU N   H2   sing N N 175 
LEU CA  C    sing N N 176 
LEU CA  CB   sing N N 177 
LEU CA  HA   sing N N 178 
LEU C   O    doub N N 179 
LEU C   OXT  sing N N 180 
LEU CB  CG   sing N N 181 
LEU CB  HB2  sing N N 182 
LEU CB  HB3  sing N N 183 
LEU CG  CD1  sing N N 184 
LEU CG  CD2  sing N N 185 
LEU CG  HG   sing N N 186 
LEU CD1 HD11 sing N N 187 
LEU CD1 HD12 sing N N 188 
LEU CD1 HD13 sing N N 189 
LEU CD2 HD21 sing N N 190 
LEU CD2 HD22 sing N N 191 
LEU CD2 HD23 sing N N 192 
LEU OXT HXT  sing N N 193 
LYS N   CA   sing N N 194 
LYS N   H    sing N N 195 
LYS N   H2   sing N N 196 
LYS CA  C    sing N N 197 
LYS CA  CB   sing N N 198 
LYS CA  HA   sing N N 199 
LYS C   O    doub N N 200 
LYS C   OXT  sing N N 201 
LYS CB  CG   sing N N 202 
LYS CB  HB2  sing N N 203 
LYS CB  HB3  sing N N 204 
LYS CG  CD   sing N N 205 
LYS CG  HG2  sing N N 206 
LYS CG  HG3  sing N N 207 
LYS CD  CE   sing N N 208 
LYS CD  HD2  sing N N 209 
LYS CD  HD3  sing N N 210 
LYS CE  NZ   sing N N 211 
LYS CE  HE2  sing N N 212 
LYS CE  HE3  sing N N 213 
LYS NZ  HZ1  sing N N 214 
LYS NZ  HZ2  sing N N 215 
LYS NZ  HZ3  sing N N 216 
LYS OXT HXT  sing N N 217 
MET N   CA   sing N N 218 
MET N   H    sing N N 219 
MET N   H2   sing N N 220 
MET CA  C    sing N N 221 
MET CA  CB   sing N N 222 
MET CA  HA   sing N N 223 
MET C   O    doub N N 224 
MET C   OXT  sing N N 225 
MET CB  CG   sing N N 226 
MET CB  HB2  sing N N 227 
MET CB  HB3  sing N N 228 
MET CG  SD   sing N N 229 
MET CG  HG2  sing N N 230 
MET CG  HG3  sing N N 231 
MET SD  CE   sing N N 232 
MET CE  HE1  sing N N 233 
MET CE  HE2  sing N N 234 
MET CE  HE3  sing N N 235 
MET OXT HXT  sing N N 236 
PHE N   CA   sing N N 237 
PHE N   H    sing N N 238 
PHE N   H2   sing N N 239 
PHE CA  C    sing N N 240 
PHE CA  CB   sing N N 241 
PHE CA  HA   sing N N 242 
PHE C   O    doub N N 243 
PHE C   OXT  sing N N 244 
PHE CB  CG   sing N N 245 
PHE CB  HB2  sing N N 246 
PHE CB  HB3  sing N N 247 
PHE CG  CD1  doub Y N 248 
PHE CG  CD2  sing Y N 249 
PHE CD1 CE1  sing Y N 250 
PHE CD1 HD1  sing N N 251 
PHE CD2 CE2  doub Y N 252 
PHE CD2 HD2  sing N N 253 
PHE CE1 CZ   doub Y N 254 
PHE CE1 HE1  sing N N 255 
PHE CE2 CZ   sing Y N 256 
PHE CE2 HE2  sing N N 257 
PHE CZ  HZ   sing N N 258 
PHE OXT HXT  sing N N 259 
PRO N   CA   sing N N 260 
PRO N   CD   sing N N 261 
PRO N   H    sing N N 262 
PRO CA  C    sing N N 263 
PRO CA  CB   sing N N 264 
PRO CA  HA   sing N N 265 
PRO C   O    doub N N 266 
PRO C   OXT  sing N N 267 
PRO CB  CG   sing N N 268 
PRO CB  HB2  sing N N 269 
PRO CB  HB3  sing N N 270 
PRO CG  CD   sing N N 271 
PRO CG  HG2  sing N N 272 
PRO CG  HG3  sing N N 273 
PRO CD  HD2  sing N N 274 
PRO CD  HD3  sing N N 275 
PRO OXT HXT  sing N N 276 
SER N   CA   sing N N 277 
SER N   H    sing N N 278 
SER N   H2   sing N N 279 
SER CA  C    sing N N 280 
SER CA  CB   sing N N 281 
SER CA  HA   sing N N 282 
SER C   O    doub N N 283 
SER C   OXT  sing N N 284 
SER CB  OG   sing N N 285 
SER CB  HB2  sing N N 286 
SER CB  HB3  sing N N 287 
SER OG  HG   sing N N 288 
SER OXT HXT  sing N N 289 
SO4 S   O1   doub N N 290 
SO4 S   O2   doub N N 291 
SO4 S   O3   sing N N 292 
SO4 S   O4   sing N N 293 
THR N   CA   sing N N 294 
THR N   H    sing N N 295 
THR N   H2   sing N N 296 
THR CA  C    sing N N 297 
THR CA  CB   sing N N 298 
THR CA  HA   sing N N 299 
THR C   O    doub N N 300 
THR C   OXT  sing N N 301 
THR CB  OG1  sing N N 302 
THR CB  CG2  sing N N 303 
THR CB  HB   sing N N 304 
THR OG1 HG1  sing N N 305 
THR CG2 HG21 sing N N 306 
THR CG2 HG22 sing N N 307 
THR CG2 HG23 sing N N 308 
THR OXT HXT  sing N N 309 
TYR N   CA   sing N N 310 
TYR N   H    sing N N 311 
TYR N   H2   sing N N 312 
TYR CA  C    sing N N 313 
TYR CA  CB   sing N N 314 
TYR CA  HA   sing N N 315 
TYR C   O    doub N N 316 
TYR C   OXT  sing N N 317 
TYR CB  CG   sing N N 318 
TYR CB  HB2  sing N N 319 
TYR CB  HB3  sing N N 320 
TYR CG  CD1  doub Y N 321 
TYR CG  CD2  sing Y N 322 
TYR CD1 CE1  sing Y N 323 
TYR CD1 HD1  sing N N 324 
TYR CD2 CE2  doub Y N 325 
TYR CD2 HD2  sing N N 326 
TYR CE1 CZ   doub Y N 327 
TYR CE1 HE1  sing N N 328 
TYR CE2 CZ   sing Y N 329 
TYR CE2 HE2  sing N N 330 
TYR CZ  OH   sing N N 331 
TYR OH  HH   sing N N 332 
TYR OXT HXT  sing N N 333 
VAL N   CA   sing N N 334 
VAL N   H    sing N N 335 
VAL N   H2   sing N N 336 
VAL CA  C    sing N N 337 
VAL CA  CB   sing N N 338 
VAL CA  HA   sing N N 339 
VAL C   O    doub N N 340 
VAL C   OXT  sing N N 341 
VAL CB  CG1  sing N N 342 
VAL CB  CG2  sing N N 343 
VAL CB  HB   sing N N 344 
VAL CG1 HG11 sing N N 345 
VAL CG1 HG12 sing N N 346 
VAL CG1 HG13 sing N N 347 
VAL CG2 HG21 sing N N 348 
VAL CG2 HG22 sing N N 349 
VAL CG2 HG23 sing N N 350 
VAL OXT HXT  sing N N 351 
# 
_atom_sites.entry_id                    3CPM 
_atom_sites.fract_transf_matrix[1][1]   0.01143001 
_atom_sites.fract_transf_matrix[1][2]   0.00935813 
_atom_sites.fract_transf_matrix[1][3]   0.01295167 
_atom_sites.fract_transf_matrix[2][1]   -0.01184925 
_atom_sites.fract_transf_matrix[2][2]   -0.00571916 
_atom_sites.fract_transf_matrix[2][3]   0.01458944 
_atom_sites.fract_transf_matrix[3][1]   0.00376881 
_atom_sites.fract_transf_matrix[3][2]   -0.00573055 
_atom_sites.fract_transf_matrix[3][3]   0.00081454 
_atom_sites.fract_transf_vector[1]      0.497452 
_atom_sites.fract_transf_vector[2]      -0.070102 
_atom_sites.fract_transf_vector[3]      -0.273910 
# 
loop_
_atom_type.symbol 
C  
N  
O  
S  
ZN 
# 
loop_
_atom_site.group_PDB 
_atom_site.id 
_atom_site.type_symbol 
_atom_site.label_atom_id 
_atom_site.label_alt_id 
_atom_site.label_comp_id 
_atom_site.label_asym_id 
_atom_site.label_entity_id 
_atom_site.label_seq_id 
_atom_site.pdbx_PDB_ins_code 
_atom_site.Cartn_x 
_atom_site.Cartn_y 
_atom_site.Cartn_z 
_atom_site.occupancy 
_atom_site.B_iso_or_equiv 
_atom_site.pdbx_formal_charge 
_atom_site.auth_seq_id 
_atom_site.auth_comp_id 
_atom_site.auth_asym_id 
_atom_site.auth_atom_id 
_atom_site.pdbx_PDB_model_num 
ATOM   1    N  N   . ASP A 1 10  ? 16.324  -3.239  12.329  1.00 38.50 ? 74  ASP A N   1 
ATOM   2    C  CA  . ASP A 1 10  ? 15.920  -3.605  10.941  1.00 38.76 ? 74  ASP A CA  1 
ATOM   3    C  C   . ASP A 1 10  ? 15.075  -2.509  10.286  1.00 37.98 ? 74  ASP A C   1 
ATOM   4    O  O   . ASP A 1 10  ? 14.914  -2.492  9.068   1.00 39.37 ? 74  ASP A O   1 
ATOM   5    C  CB  . ASP A 1 10  ? 15.146  -4.925  10.949  1.00 39.22 ? 74  ASP A CB  1 
ATOM   6    C  CG  . ASP A 1 10  ? 15.162  -5.618  9.598   1.00 39.31 ? 74  ASP A CG  1 
ATOM   7    O  OD1 . ASP A 1 10  ? 16.247  -5.673  8.979   1.00 39.85 ? 74  ASP A OD1 1 
ATOM   8    O  OD2 . ASP A 1 10  ? 14.102  -6.120  9.163   1.00 37.27 ? 74  ASP A OD2 1 
ATOM   9    N  N   . VAL A 1 11  ? 14.536  -1.601  11.094  1.00 35.62 ? 75  VAL A N   1 
ATOM   10   C  CA  . VAL A 1 11  ? 13.730  -0.500  10.576  1.00 33.18 ? 75  VAL A CA  1 
ATOM   11   C  C   . VAL A 1 11  ? 13.888  0.765   11.421  1.00 32.17 ? 75  VAL A C   1 
ATOM   12   O  O   . VAL A 1 11  ? 13.492  0.799   12.587  1.00 29.83 ? 75  VAL A O   1 
ATOM   13   C  CB  . VAL A 1 11  ? 12.225  -0.867  10.514  1.00 33.73 ? 75  VAL A CB  1 
ATOM   14   C  CG1 . VAL A 1 11  ? 11.992  -1.920  9.445   1.00 34.42 ? 75  VAL A CG1 1 
ATOM   15   C  CG2 . VAL A 1 11  ? 11.747  -1.376  11.867  1.00 34.66 ? 75  VAL A CG2 1 
ATOM   16   N  N   . GLN A 1 12  ? 14.484  1.798   10.830  1.00 30.97 ? 76  GLN A N   1 
ATOM   17   C  CA  . GLN A 1 12  ? 14.674  3.066   11.526  1.00 30.02 ? 76  GLN A CA  1 
ATOM   18   C  C   . GLN A 1 12  ? 13.604  4.041   11.045  1.00 28.89 ? 76  GLN A C   1 
ATOM   19   O  O   . GLN A 1 12  ? 13.485  4.311   9.850   1.00 30.47 ? 76  GLN A O   1 
ATOM   20   C  CB  . GLN A 1 12  ? 16.061  3.651   11.232  1.00 29.07 ? 76  GLN A CB  1 
ATOM   21   C  CG  . GLN A 1 12  ? 17.175  2.629   11.198  1.00 31.39 ? 76  GLN A CG  1 
ATOM   22   C  CD  . GLN A 1 12  ? 18.569  3.251   11.208  1.00 32.97 ? 76  GLN A CD  1 
ATOM   23   O  OE1 . GLN A 1 12  ? 18.841  4.230   10.504  1.00 30.70 ? 76  GLN A OE1 1 
ATOM   24   N  NE2 . GLN A 1 12  ? 19.464  2.670   12.006  1.00 32.47 ? 76  GLN A NE2 1 
ATOM   25   N  N   . PHE A 1 13  ? 12.814  4.567   11.970  1.00 27.55 ? 77  PHE A N   1 
ATOM   26   C  CA  . PHE A 1 13  ? 11.781  5.514   11.590  1.00 27.07 ? 77  PHE A CA  1 
ATOM   27   C  C   . PHE A 1 13  ? 11.561  6.549   12.675  1.00 28.12 ? 77  PHE A C   1 
ATOM   28   O  O   . PHE A 1 13  ? 11.880  6.324   13.845  1.00 26.03 ? 77  PHE A O   1 
ATOM   29   C  CB  . PHE A 1 13  ? 10.465  4.785   11.314  1.00 24.56 ? 77  PHE A CB  1 
ATOM   30   C  CG  . PHE A 1 13  ? 9.884   4.112   12.525  1.00 23.79 ? 77  PHE A CG  1 
ATOM   31   C  CD1 . PHE A 1 13  ? 8.834   4.695   13.225  1.00 22.71 ? 77  PHE A CD1 1 
ATOM   32   C  CD2 . PHE A 1 13  ? 10.406  2.905   12.982  1.00 23.00 ? 77  PHE A CD2 1 
ATOM   33   C  CE1 . PHE A 1 13  ? 8.312   4.086   14.363  1.00 21.85 ? 77  PHE A CE1 1 
ATOM   34   C  CE2 . PHE A 1 13  ? 9.890   2.292   14.117  1.00 22.37 ? 77  PHE A CE2 1 
ATOM   35   C  CZ  . PHE A 1 13  ? 8.838   2.887   14.808  1.00 21.12 ? 77  PHE A CZ  1 
ATOM   36   N  N   . GLU A 1 14  ? 11.030  7.694   12.262  1.00 30.43 ? 78  GLU A N   1 
ATOM   37   C  CA  . GLU A 1 14  ? 10.708  8.777   13.176  1.00 31.89 ? 78  GLU A CA  1 
ATOM   38   C  C   . GLU A 1 14  ? 9.193   8.753   13.260  1.00 32.58 ? 78  GLU A C   1 
ATOM   39   O  O   . GLU A 1 14  ? 8.517   8.416   12.288  1.00 31.89 ? 78  GLU A O   1 
ATOM   40   C  CB  . GLU A 1 14  ? 11.159  10.139  12.624  1.00 32.65 ? 78  GLU A CB  1 
ATOM   41   C  CG  . GLU A 1 14  ? 12.676  10.367  12.558  1.00 33.71 ? 78  GLU A CG  1 
ATOM   42   C  CD  . GLU A 1 14  ? 13.343  9.608   11.417  1.00 35.69 ? 78  GLU A CD  1 
ATOM   43   O  OE1 . GLU A 1 14  ? 12.868  9.725   10.270  1.00 37.83 ? 78  GLU A OE1 1 
ATOM   44   O  OE2 . GLU A 1 14  ? 14.342  8.901   11.658  1.00 35.48 ? 78  GLU A OE2 1 
ATOM   45   N  N   . THR A 1 15  ? 8.653   9.065   14.426  1.00 33.87 ? 79  THR A N   1 
ATOM   46   C  CA  . THR A 1 15  ? 7.213   9.101   14.555  1.00 34.79 ? 79  THR A CA  1 
ATOM   47   C  C   . THR A 1 15  ? 6.885   10.533  14.193  1.00 34.45 ? 79  THR A C   1 
ATOM   48   O  O   . THR A 1 15  ? 7.761   11.285  13.784  1.00 37.19 ? 79  THR A O   1 
ATOM   49   C  CB  . THR A 1 15  ? 6.758   8.804   15.983  1.00 36.11 ? 79  THR A CB  1 
ATOM   50   O  OG1 . THR A 1 15  ? 7.381   9.728   16.881  1.00 38.75 ? 79  THR A OG1 1 
ATOM   51   C  CG2 . THR A 1 15  ? 7.127   7.371   16.369  1.00 37.32 ? 79  THR A CG2 1 
ATOM   52   N  N   . PRO A 1 16  ? 5.635   10.946  14.372  1.00 33.05 ? 80  PRO A N   1 
ATOM   53   C  CA  . PRO A 1 16  ? 4.645   10.802  13.306  1.00 30.36 ? 80  PRO A CA  1 
ATOM   54   C  C   . PRO A 1 16  ? 5.239   10.407  11.954  1.00 28.56 ? 80  PRO A C   1 
ATOM   55   O  O   . PRO A 1 16  ? 6.168   11.047  11.460  1.00 26.81 ? 80  PRO A O   1 
ATOM   56   C  CB  . PRO A 1 16  ? 3.998   12.179  13.259  1.00 31.09 ? 80  PRO A CB  1 
ATOM   57   C  CG  . PRO A 1 16  ? 3.995   12.574  14.685  1.00 33.59 ? 80  PRO A CG  1 
ATOM   58   C  CD  . PRO A 1 16  ? 5.371   12.165  15.157  1.00 32.72 ? 80  PRO A CD  1 
ATOM   59   N  N   . LEU A 1 17  ? 4.702   9.345   11.365  1.00 25.30 ? 81  LEU A N   1 
ATOM   60   C  CA  . LEU A 1 17  ? 5.143   8.921   10.049  1.00 23.16 ? 81  LEU A CA  1 
ATOM   61   C  C   . LEU A 1 17  ? 4.512   9.918   9.085   1.00 23.36 ? 81  LEU A C   1 
ATOM   62   O  O   . LEU A 1 17  ? 3.519   10.566  9.419   1.00 21.59 ? 81  LEU A O   1 
ATOM   63   C  CB  . LEU A 1 17  ? 4.631   7.515   9.727   1.00 19.07 ? 81  LEU A CB  1 
ATOM   64   C  CG  . LEU A 1 17  ? 5.184   6.373   10.576  1.00 17.11 ? 81  LEU A CG  1 
ATOM   65   C  CD1 . LEU A 1 17  ? 4.439   5.080   10.240  1.00 9.59  ? 81  LEU A CD1 1 
ATOM   66   C  CD2 . LEU A 1 17  ? 6.691   6.245   10.332  1.00 13.60 ? 81  LEU A CD2 1 
ATOM   67   N  N   . LYS A 1 18  ? 5.092   10.045  7.899   1.00 24.59 ? 82  LYS A N   1 
ATOM   68   C  CA  . LYS A 1 18  ? 4.571   10.956  6.885   1.00 25.24 ? 82  LYS A CA  1 
ATOM   69   C  C   . LYS A 1 18  ? 4.315   10.147  5.615   1.00 23.73 ? 82  LYS A C   1 
ATOM   70   O  O   . LYS A 1 18  ? 5.092   9.261   5.270   1.00 24.39 ? 82  LYS A O   1 
ATOM   71   C  CB  . LYS A 1 18  ? 5.582   12.078  6.614   1.00 27.32 ? 82  LYS A CB  1 
ATOM   72   C  CG  . LYS A 1 18  ? 5.166   13.060  5.523   1.00 32.26 ? 82  LYS A CG  1 
ATOM   73   C  CD  . LYS A 1 18  ? 6.182   14.196  5.366   1.00 35.78 ? 82  LYS A CD  1 
ATOM   74   C  CE  . LYS A 1 18  ? 5.753   15.182  4.282   1.00 37.17 ? 82  LYS A CE  1 
ATOM   75   N  NZ  . LYS A 1 18  ? 6.635   16.380  4.215   1.00 38.95 ? 82  LYS A NZ  1 
ATOM   76   N  N   . ILE A 1 19  ? 3.221   10.447  4.924   1.00 21.65 ? 83  ILE A N   1 
ATOM   77   C  CA  . ILE A 1 19  ? 2.885   9.724   3.706   1.00 18.66 ? 83  ILE A CA  1 
ATOM   78   C  C   . ILE A 1 19  ? 3.730   10.181  2.528   1.00 18.15 ? 83  ILE A C   1 
ATOM   79   O  O   . ILE A 1 19  ? 3.893   11.373  2.299   1.00 20.26 ? 83  ILE A O   1 
ATOM   80   C  CB  . ILE A 1 19  ? 1.406   9.909   3.341   1.00 15.76 ? 83  ILE A CB  1 
ATOM   81   C  CG1 . ILE A 1 19  ? 0.519   9.397   4.477   1.00 12.81 ? 83  ILE A CG1 1 
ATOM   82   C  CG2 . ILE A 1 19  ? 1.103   9.195   2.040   1.00 12.69 ? 83  ILE A CG2 1 
ATOM   83   C  CD1 . ILE A 1 19  ? 0.571   7.904   4.681   1.00 15.62 ? 83  ILE A CD1 1 
ATOM   84   N  N   . VAL A 1 20  ? 4.263   9.220   1.785   1.00 17.94 ? 84  VAL A N   1 
ATOM   85   C  CA  . VAL A 1 20  ? 5.085   9.497   0.616   1.00 17.88 ? 84  VAL A CA  1 
ATOM   86   C  C   . VAL A 1 20  ? 4.168   9.509   -0.604  1.00 19.25 ? 84  VAL A C   1 
ATOM   87   O  O   . VAL A 1 20  ? 3.437   8.546   -0.848  1.00 20.31 ? 84  VAL A O   1 
ATOM   88   C  CB  . VAL A 1 20  ? 6.162   8.409   0.436   1.00 17.80 ? 84  VAL A CB  1 
ATOM   89   C  CG1 . VAL A 1 20  ? 6.874   8.588   -0.888  1.00 17.08 ? 84  VAL A CG1 1 
ATOM   90   C  CG2 . VAL A 1 20  ? 7.153   8.469   1.592   1.00 16.24 ? 84  VAL A CG2 1 
ATOM   91   N  N   . GLU A 1 21  ? 4.210   10.594  -1.372  1.00 18.40 ? 85  GLU A N   1 
ATOM   92   C  CA  . GLU A 1 21  ? 3.350   10.719  -2.542  1.00 17.47 ? 85  GLU A CA  1 
ATOM   93   C  C   . GLU A 1 21  ? 4.064   10.510  -3.864  1.00 15.74 ? 85  GLU A C   1 
ATOM   94   O  O   . GLU A 1 21  ? 5.233   10.864  -4.018  1.00 15.08 ? 85  GLU A O   1 
ATOM   95   C  CB  . GLU A 1 21  ? 2.688   12.104  -2.568  1.00 18.87 ? 85  GLU A CB  1 
ATOM   96   C  CG  . GLU A 1 21  ? 1.687   12.380  -1.452  1.00 19.68 ? 85  GLU A CG  1 
ATOM   97   C  CD  . GLU A 1 21  ? 1.218   13.834  -1.458  1.00 23.17 ? 85  GLU A CD  1 
ATOM   98   O  OE1 . GLU A 1 21  ? 0.979   14.373  -2.569  1.00 22.67 ? 85  GLU A OE1 1 
ATOM   99   O  OE2 . GLU A 1 21  ? 1.081   14.435  -0.362  1.00 21.84 ? 85  GLU A OE2 1 
ATOM   100  N  N   . TYR A 1 22  ? 3.332   9.927   -4.811  1.00 14.69 ? 86  TYR A N   1 
ATOM   101  C  CA  . TYR A 1 22  ? 3.814   9.689   -6.172  1.00 13.00 ? 86  TYR A CA  1 
ATOM   102  C  C   . TYR A 1 22  ? 4.224   11.074  -6.664  1.00 11.36 ? 86  TYR A C   1 
ATOM   103  O  O   . TYR A 1 22  ? 3.607   12.070  -6.281  1.00 8.89  ? 86  TYR A O   1 
ATOM   104  C  CB  . TYR A 1 22  ? 2.655   9.133   -7.025  1.00 12.81 ? 86  TYR A CB  1 
ATOM   105  C  CG  . TYR A 1 22  ? 2.886   9.142   -8.516  1.00 11.51 ? 86  TYR A CG  1 
ATOM   106  C  CD1 . TYR A 1 22  ? 3.733   8.211   -9.127  1.00 12.23 ? 86  TYR A CD1 1 
ATOM   107  C  CD2 . TYR A 1 22  ? 2.291   10.118  -9.318  1.00 10.56 ? 86  TYR A CD2 1 
ATOM   108  C  CE1 . TYR A 1 22  ? 3.988   8.264   -10.504 1.00 9.48  ? 86  TYR A CE1 1 
ATOM   109  C  CE2 . TYR A 1 22  ? 2.535   10.179  -10.682 1.00 7.50  ? 86  TYR A CE2 1 
ATOM   110  C  CZ  . TYR A 1 22  ? 3.386   9.260   -11.271 1.00 8.85  ? 86  TYR A CZ  1 
ATOM   111  O  OH  . TYR A 1 22  ? 3.687   9.390   -12.612 1.00 9.54  ? 86  TYR A OH  1 
ATOM   112  N  N   . PRO A 1 23  ? 5.253   11.164  -7.520  1.00 12.51 ? 87  PRO A N   1 
ATOM   113  C  CA  . PRO A 1 23  ? 6.086   10.102  -8.098  1.00 13.68 ? 87  PRO A CA  1 
ATOM   114  C  C   . PRO A 1 23  ? 7.370   9.781   -7.309  1.00 15.16 ? 87  PRO A C   1 
ATOM   115  O  O   . PRO A 1 23  ? 8.355   9.308   -7.889  1.00 15.39 ? 87  PRO A O   1 
ATOM   116  C  CB  . PRO A 1 23  ? 6.400   10.655  -9.471  1.00 13.10 ? 87  PRO A CB  1 
ATOM   117  C  CG  . PRO A 1 23  ? 6.688   12.126  -9.125  1.00 13.46 ? 87  PRO A CG  1 
ATOM   118  C  CD  . PRO A 1 23  ? 5.607   12.477  -8.099  1.00 11.98 ? 87  PRO A CD  1 
ATOM   119  N  N   . ASP A 1 24  ? 7.369   10.043  -6.005  1.00 13.91 ? 88  ASP A N   1 
ATOM   120  C  CA  . ASP A 1 24  ? 8.554   9.771   -5.191  1.00 15.91 ? 88  ASP A CA  1 
ATOM   121  C  C   . ASP A 1 24  ? 9.083   8.361   -5.497  1.00 15.93 ? 88  ASP A C   1 
ATOM   122  O  O   . ASP A 1 24  ? 8.339   7.374   -5.422  1.00 13.43 ? 88  ASP A O   1 
ATOM   123  C  CB  . ASP A 1 24  ? 8.222   9.888   -3.702  1.00 16.03 ? 88  ASP A CB  1 
ATOM   124  C  CG  . ASP A 1 24  ? 9.460   9.838   -2.827  1.00 18.43 ? 88  ASP A CG  1 
ATOM   125  O  OD1 . ASP A 1 24  ? 10.249  8.878   -2.956  1.00 20.52 ? 88  ASP A OD1 1 
ATOM   126  O  OD2 . ASP A 1 24  ? 9.642   10.760  -2.005  1.00 20.52 ? 88  ASP A OD2 1 
ATOM   127  N  N   . PRO A 1 25  ? 10.384  8.257   -5.827  1.00 15.88 ? 89  PRO A N   1 
ATOM   128  C  CA  . PRO A 1 25  ? 11.111  7.023   -6.170  1.00 15.33 ? 89  PRO A CA  1 
ATOM   129  C  C   . PRO A 1 25  ? 10.987  5.870   -5.168  1.00 15.65 ? 89  PRO A C   1 
ATOM   130  O  O   . PRO A 1 25  ? 11.074  4.699   -5.550  1.00 13.33 ? 89  PRO A O   1 
ATOM   131  C  CB  . PRO A 1 25  ? 12.560  7.499   -6.312  1.00 16.57 ? 89  PRO A CB  1 
ATOM   132  C  CG  . PRO A 1 25  ? 12.423  8.950   -6.674  1.00 17.30 ? 89  PRO A CG  1 
ATOM   133  C  CD  . PRO A 1 25  ? 11.306  9.406   -5.775  1.00 16.18 ? 89  PRO A CD  1 
ATOM   134  N  N   . ILE A 1 26  ? 10.803  6.207   -3.892  1.00 14.84 ? 90  ILE A N   1 
ATOM   135  C  CA  . ILE A 1 26  ? 10.668  5.206   -2.836  1.00 14.09 ? 90  ILE A CA  1 
ATOM   136  C  C   . ILE A 1 26  ? 9.524   4.225   -3.111  1.00 13.70 ? 90  ILE A C   1 
ATOM   137  O  O   . ILE A 1 26  ? 9.545   3.082   -2.650  1.00 12.20 ? 90  ILE A O   1 
ATOM   138  C  CB  . ILE A 1 26  ? 10.430  5.883   -1.461  1.00 13.71 ? 90  ILE A CB  1 
ATOM   139  C  CG1 . ILE A 1 26  ? 11.660  6.705   -1.065  1.00 14.96 ? 90  ILE A CG1 1 
ATOM   140  C  CG2 . ILE A 1 26  ? 10.147  4.833   -0.403  1.00 10.41 ? 90  ILE A CG2 1 
ATOM   141  C  CD1 . ILE A 1 26  ? 11.480  7.554   0.198   1.00 15.16 ? 90  ILE A CD1 1 
ATOM   142  N  N   . LEU A 1 27  ? 8.537   4.668   -3.883  1.00 12.21 ? 91  LEU A N   1 
ATOM   143  C  CA  . LEU A 1 27  ? 7.395   3.830   -4.200  1.00 11.48 ? 91  LEU A CA  1 
ATOM   144  C  C   . LEU A 1 27  ? 7.708   2.787   -5.259  1.00 12.95 ? 91  LEU A C   1 
ATOM   145  O  O   . LEU A 1 27  ? 6.881   1.918   -5.541  1.00 14.89 ? 91  LEU A O   1 
ATOM   146  C  CB  . LEU A 1 27  ? 6.220   4.700   -4.633  1.00 6.74  ? 91  LEU A CB  1 
ATOM   147  C  CG  . LEU A 1 27  ? 5.866   5.741   -3.565  1.00 6.79  ? 91  LEU A CG  1 
ATOM   148  C  CD1 . LEU A 1 27  ? 4.712   6.594   -4.050  1.00 7.38  ? 91  LEU A CD1 1 
ATOM   149  C  CD2 . LEU A 1 27  ? 5.523   5.048   -2.243  1.00 5.68  ? 91  LEU A CD2 1 
ATOM   150  N  N   . ARG A 1 28  ? 8.909   2.860   -5.828  1.00 13.73 ? 92  ARG A N   1 
ATOM   151  C  CA  . ARG A 1 28  ? 9.338   1.900   -6.851  1.00 15.43 ? 92  ARG A CA  1 
ATOM   152  C  C   . ARG A 1 28  ? 10.624  1.195   -6.430  1.00 15.51 ? 92  ARG A C   1 
ATOM   153  O  O   . ARG A 1 28  ? 11.006  0.189   -7.021  1.00 15.04 ? 92  ARG A O   1 
ATOM   154  C  CB  . ARG A 1 28  ? 9.618   2.613   -8.176  1.00 15.95 ? 92  ARG A CB  1 
ATOM   155  C  CG  . ARG A 1 28  ? 8.479   3.428   -8.729  1.00 16.71 ? 92  ARG A CG  1 
ATOM   156  C  CD  . ARG A 1 28  ? 7.391   2.541   -9.270  1.00 17.62 ? 92  ARG A CD  1 
ATOM   157  N  NE  . ARG A 1 28  ? 6.435   3.281   -10.094 1.00 17.32 ? 92  ARG A NE  1 
ATOM   158  C  CZ  . ARG A 1 28  ? 5.387   2.723   -10.691 1.00 15.54 ? 92  ARG A CZ  1 
ATOM   159  N  NH1 . ARG A 1 28  ? 5.159   1.418   -10.551 1.00 17.23 ? 92  ARG A NH1 1 
ATOM   160  N  NH2 . ARG A 1 28  ? 4.577   3.459   -11.435 1.00 15.85 ? 92  ARG A NH2 1 
ATOM   161  N  N   . ALA A 1 29  ? 11.266  1.731   -5.396  1.00 17.24 ? 93  ALA A N   1 
ATOM   162  C  CA  . ALA A 1 29  ? 12.555  1.257   -4.882  1.00 22.07 ? 93  ALA A CA  1 
ATOM   163  C  C   . ALA A 1 29  ? 12.842  -0.200  -4.506  1.00 24.23 ? 93  ALA A C   1 
ATOM   164  O  O   . ALA A 1 29  ? 13.973  -0.495  -4.108  1.00 28.20 ? 93  ALA A O   1 
ATOM   165  C  CB  . ALA A 1 29  ? 12.988  2.156   -3.712  1.00 22.96 ? 93  ALA A CB  1 
ATOM   166  N  N   . LYS A 1 30  ? 11.879  -1.109  -4.609  1.00 23.46 ? 94  LYS A N   1 
ATOM   167  C  CA  . LYS A 1 30  ? 12.164  -2.513  -4.273  1.00 24.23 ? 94  LYS A CA  1 
ATOM   168  C  C   . LYS A 1 30  ? 12.311  -2.711  -2.763  1.00 21.62 ? 94  LYS A C   1 
ATOM   169  O  O   . LYS A 1 30  ? 13.178  -2.118  -2.121  1.00 20.45 ? 94  LYS A O   1 
ATOM   170  C  CB  . LYS A 1 30  ? 13.437  -2.983  -4.977  1.00 24.99 ? 94  LYS A CB  1 
ATOM   171  C  CG  . LYS A 1 30  ? 13.893  -4.352  -4.535  1.00 29.19 ? 94  LYS A CG  1 
ATOM   172  C  CD  . LYS A 1 30  ? 15.397  -4.389  -4.388  1.00 32.84 ? 94  LYS A CD  1 
ATOM   173  C  CE  . LYS A 1 30  ? 15.812  -5.598  -3.567  1.00 35.27 ? 94  LYS A CE  1 
ATOM   174  N  NZ  . LYS A 1 30  ? 15.082  -5.618  -2.261  1.00 35.45 ? 94  LYS A NZ  1 
ATOM   175  N  N   . ASN A 1 31  ? 11.483  -3.591  -2.214  1.00 20.22 ? 95  ASN A N   1 
ATOM   176  C  CA  . ASN A 1 31  ? 11.453  -3.807  -0.779  1.00 21.02 ? 95  ASN A CA  1 
ATOM   177  C  C   . ASN A 1 31  ? 12.057  -5.085  -0.211  1.00 20.39 ? 95  ASN A C   1 
ATOM   178  O  O   . ASN A 1 31  ? 11.712  -6.195  -0.617  1.00 19.03 ? 95  ASN A O   1 
ATOM   179  C  CB  . ASN A 1 31  ? 9.999   -3.653  -0.321  1.00 19.98 ? 95  ASN A CB  1 
ATOM   180  C  CG  . ASN A 1 31  ? 9.342   -2.432  -0.932  1.00 19.59 ? 95  ASN A CG  1 
ATOM   181  O  OD1 . ASN A 1 31  ? 8.618   -2.527  -1.929  1.00 17.65 ? 95  ASN A OD1 1 
ATOM   182  N  ND2 . ASN A 1 31  ? 9.623   -1.267  -0.356  1.00 19.62 ? 95  ASN A ND2 1 
ATOM   183  N  N   . LYS A 1 32  ? 12.953  -4.901  0.753   1.00 22.03 ? 96  LYS A N   1 
ATOM   184  C  CA  . LYS A 1 32  ? 13.635  -6.000  1.423   1.00 23.19 ? 96  LYS A CA  1 
ATOM   185  C  C   . LYS A 1 32  ? 12.724  -6.694  2.427   1.00 24.79 ? 96  LYS A C   1 
ATOM   186  O  O   . LYS A 1 32  ? 11.916  -6.050  3.108   1.00 23.74 ? 96  LYS A O   1 
ATOM   187  C  CB  . LYS A 1 32  ? 14.879  -5.487  2.147   1.00 24.13 ? 96  LYS A CB  1 
ATOM   188  C  CG  . LYS A 1 32  ? 15.986  -4.994  1.227   1.00 25.65 ? 96  LYS A CG  1 
ATOM   189  C  CD  . LYS A 1 32  ? 17.129  -4.390  2.035   1.00 29.76 ? 96  LYS A CD  1 
ATOM   190  C  CE  . LYS A 1 32  ? 18.293  -3.960  1.144   1.00 30.69 ? 96  LYS A CE  1 
ATOM   191  N  NZ  . LYS A 1 32  ? 19.301  -3.150  1.891   1.00 31.54 ? 96  LYS A NZ  1 
ATOM   192  N  N   . ARG A 1 33  ? 12.866  -8.014  2.507   1.00 25.62 ? 97  ARG A N   1 
ATOM   193  C  CA  . ARG A 1 33  ? 12.082  -8.828  3.424   1.00 26.38 ? 97  ARG A CA  1 
ATOM   194  C  C   . ARG A 1 33  ? 12.452  -8.471  4.853   1.00 26.14 ? 97  ARG A C   1 
ATOM   195  O  O   . ARG A 1 33  ? 13.562  -8.002  5.117   1.00 26.72 ? 97  ARG A O   1 
ATOM   196  C  CB  . ARG A 1 33  ? 12.366  -10.311 3.182   1.00 27.45 ? 97  ARG A CB  1 
ATOM   197  C  CG  . ARG A 1 33  ? 11.952  -10.811 1.808   1.00 32.53 ? 97  ARG A CG  1 
ATOM   198  C  CD  . ARG A 1 33  ? 12.562  -12.175 1.491   1.00 36.57 ? 97  ARG A CD  1 
ATOM   199  N  NE  . ARG A 1 33  ? 12.443  -13.079 2.628   1.00 38.69 ? 97  ARG A NE  1 
ATOM   200  C  CZ  . ARG A 1 33  ? 13.355  -13.195 3.586   1.00 40.30 ? 97  ARG A CZ  1 
ATOM   201  N  NH1 . ARG A 1 33  ? 14.470  -12.473 3.541   1.00 40.48 ? 97  ARG A NH1 1 
ATOM   202  N  NH2 . ARG A 1 33  ? 13.133  -14.001 4.614   1.00 40.78 ? 97  ARG A NH2 1 
ATOM   203  N  N   . ILE A 1 34  ? 11.517  -8.684  5.770   1.00 23.96 ? 98  ILE A N   1 
ATOM   204  C  CA  . ILE A 1 34  ? 11.758  -8.400  7.173   1.00 23.54 ? 98  ILE A CA  1 
ATOM   205  C  C   . ILE A 1 34  ? 12.205  -9.683  7.869   1.00 23.43 ? 98  ILE A C   1 
ATOM   206  O  O   . ILE A 1 34  ? 11.507  -10.693 7.844   1.00 24.09 ? 98  ILE A O   1 
ATOM   207  C  CB  . ILE A 1 34  ? 10.488  -7.812  7.833   1.00 23.63 ? 98  ILE A CB  1 
ATOM   208  C  CG1 . ILE A 1 34  ? 10.260  -6.398  7.284   1.00 23.44 ? 98  ILE A CG1 1 
ATOM   209  C  CG2 . ILE A 1 34  ? 10.627  -7.779  9.354   1.00 19.14 ? 98  ILE A CG2 1 
ATOM   210  C  CD1 . ILE A 1 34  ? 9.078   -5.680  7.880   1.00 27.33 ? 98  ILE A CD1 1 
ATOM   211  N  N   . ASP A 1 35  ? 13.388  -9.635  8.469   1.00 22.70 ? 99  ASP A N   1 
ATOM   212  C  CA  . ASP A 1 35  ? 13.963  -10.788 9.152   1.00 22.60 ? 99  ASP A CA  1 
ATOM   213  C  C   . ASP A 1 35  ? 14.412  -10.445 10.571  1.00 22.37 ? 99  ASP A C   1 
ATOM   214  O  O   . ASP A 1 35  ? 15.310  -11.078 11.124  1.00 21.11 ? 99  ASP A O   1 
ATOM   215  C  CB  . ASP A 1 35  ? 15.152  -11.314 8.348   1.00 23.11 ? 99  ASP A CB  1 
ATOM   216  C  CG  . ASP A 1 35  ? 16.172  -10.232 8.050   1.00 23.19 ? 99  ASP A CG  1 
ATOM   217  O  OD1 . ASP A 1 35  ? 17.099  -10.492 7.256   1.00 23.56 ? 99  ASP A OD1 1 
ATOM   218  O  OD2 . ASP A 1 35  ? 16.047  -9.120  8.613   1.00 22.35 ? 99  ASP A OD2 1 
ATOM   219  N  N   . ILE A 1 36  ? 13.795  -9.418  11.139  1.00 21.94 ? 100 ILE A N   1 
ATOM   220  C  CA  . ILE A 1 36  ? 14.084  -8.998  12.499  1.00 21.78 ? 100 ILE A CA  1 
ATOM   221  C  C   . ILE A 1 36  ? 12.754  -8.589  13.109  1.00 22.63 ? 100 ILE A C   1 
ATOM   222  O  O   . ILE A 1 36  ? 12.201  -7.530  12.795  1.00 21.27 ? 100 ILE A O   1 
ATOM   223  C  CB  . ILE A 1 36  ? 15.082  -7.817  12.552  1.00 20.34 ? 100 ILE A CB  1 
ATOM   224  C  CG1 . ILE A 1 36  ? 16.481  -8.304  12.145  1.00 19.09 ? 100 ILE A CG1 1 
ATOM   225  C  CG2 . ILE A 1 36  ? 15.103  -7.219  13.960  1.00 20.49 ? 100 ILE A CG2 1 
ATOM   226  C  CD1 . ILE A 1 36  ? 17.593  -7.310  12.397  1.00 15.19 ? 100 ILE A CD1 1 
ATOM   227  N  N   . PHE A 1 37  ? 12.235  -9.455  13.970  1.00 23.04 ? 101 PHE A N   1 
ATOM   228  C  CA  . PHE A 1 37  ? 10.953  -9.220  14.611  1.00 23.74 ? 101 PHE A CA  1 
ATOM   229  C  C   . PHE A 1 37  ? 11.178  -8.760  16.041  1.00 23.44 ? 101 PHE A C   1 
ATOM   230  O  O   . PHE A 1 37  ? 11.283  -9.563  16.965  1.00 24.02 ? 101 PHE A O   1 
ATOM   231  C  CB  . PHE A 1 37  ? 10.124  -10.503 14.532  1.00 23.30 ? 101 PHE A CB  1 
ATOM   232  C  CG  . PHE A 1 37  ? 10.067  -11.084 13.138  1.00 23.78 ? 101 PHE A CG  1 
ATOM   233  C  CD1 . PHE A 1 37  ? 11.120  -11.856 12.646  1.00 25.14 ? 101 PHE A CD1 1 
ATOM   234  C  CD2 . PHE A 1 37  ? 9.000   -10.796 12.291  1.00 23.17 ? 101 PHE A CD2 1 
ATOM   235  C  CE1 . PHE A 1 37  ? 11.114  -12.332 11.326  1.00 25.29 ? 101 PHE A CE1 1 
ATOM   236  C  CE2 . PHE A 1 37  ? 8.980   -11.267 10.973  1.00 24.00 ? 101 PHE A CE2 1 
ATOM   237  C  CZ  . PHE A 1 37  ? 10.039  -12.034 10.489  1.00 24.32 ? 101 PHE A CZ  1 
ATOM   238  N  N   . ASP A 1 38  ? 11.252  -7.439  16.198  1.00 23.03 ? 102 ASP A N   1 
ATOM   239  C  CA  . ASP A 1 38  ? 11.513  -6.815  17.487  1.00 21.76 ? 102 ASP A CA  1 
ATOM   240  C  C   . ASP A 1 38  ? 10.537  -5.710  17.844  1.00 21.17 ? 102 ASP A C   1 
ATOM   241  O  O   . ASP A 1 38  ? 9.538   -5.496  17.164  1.00 21.27 ? 102 ASP A O   1 
ATOM   242  C  CB  . ASP A 1 38  ? 12.935  -6.238  17.494  1.00 21.34 ? 102 ASP A CB  1 
ATOM   243  C  CG  . ASP A 1 38  ? 13.147  -5.172  16.416  1.00 20.74 ? 102 ASP A CG  1 
ATOM   244  O  OD1 . ASP A 1 38  ? 12.184  -4.840  15.686  1.00 19.24 ? 102 ASP A OD1 1 
ATOM   245  O  OD2 . ASP A 1 38  ? 14.285  -4.662  16.302  1.00 20.58 ? 102 ASP A OD2 1 
ATOM   246  N  N   . GLU A 1 39  ? 10.854  -5.006  18.926  1.00 21.68 ? 103 GLU A N   1 
ATOM   247  C  CA  . GLU A 1 39  ? 10.044  -3.897  19.416  1.00 20.48 ? 103 GLU A CA  1 
ATOM   248  C  C   . GLU A 1 39  ? 9.830   -2.864  18.337  1.00 19.99 ? 103 GLU A C   1 
ATOM   249  O  O   . GLU A 1 39  ? 8.705   -2.416  18.107  1.00 18.84 ? 103 GLU A O   1 
ATOM   250  C  CB  . GLU A 1 39  ? 10.732  -3.215  20.594  1.00 18.61 ? 103 GLU A CB  1 
ATOM   251  C  CG  . GLU A 1 39  ? 10.100  -3.519  21.910  1.00 20.62 ? 103 GLU A CG  1 
ATOM   252  C  CD  . GLU A 1 39  ? 8.641   -3.151  21.930  1.00 20.65 ? 103 GLU A CD  1 
ATOM   253  O  OE1 . GLU A 1 39  ? 7.826   -4.013  22.306  1.00 19.50 ? 103 GLU A OE1 1 
ATOM   254  O  OE2 . GLU A 1 39  ? 8.315   -2.002  21.573  1.00 22.60 ? 103 GLU A OE2 1 
ATOM   255  N  N   . ASN A 1 40  ? 10.932  -2.476  17.702  1.00 20.37 ? 104 ASN A N   1 
ATOM   256  C  CA  . ASN A 1 40  ? 10.916  -1.483  16.643  1.00 20.99 ? 104 ASN A CA  1 
ATOM   257  C  C   . ASN A 1 40  ? 9.867   -1.825  15.595  1.00 20.88 ? 104 ASN A C   1 
ATOM   258  O  O   . ASN A 1 40  ? 9.105   -0.955  15.164  1.00 19.67 ? 104 ASN A O   1 
ATOM   259  C  CB  . ASN A 1 40  ? 12.292  -1.407  15.986  1.00 25.30 ? 104 ASN A CB  1 
ATOM   260  C  CG  . ASN A 1 40  ? 12.840  -0.003  15.961  1.00 28.71 ? 104 ASN A CG  1 
ATOM   261  O  OD1 . ASN A 1 40  ? 12.208  0.909   15.428  1.00 32.30 ? 104 ASN A OD1 1 
ATOM   262  N  ND2 . ASN A 1 40  ? 14.023  0.185   16.542  1.00 29.58 ? 104 ASN A ND2 1 
ATOM   263  N  N   . LEU A 1 41  ? 9.831   -3.094  15.191  1.00 18.41 ? 105 LEU A N   1 
ATOM   264  C  CA  . LEU A 1 41  ? 8.870   -3.548  14.196  1.00 18.48 ? 105 LEU A CA  1 
ATOM   265  C  C   . LEU A 1 41  ? 7.449   -3.321  14.711  1.00 17.72 ? 105 LEU A C   1 
ATOM   266  O  O   . LEU A 1 41  ? 6.581   -2.872  13.963  1.00 17.45 ? 105 LEU A O   1 
ATOM   267  C  CB  . LEU A 1 41  ? 9.079   -5.037  13.887  1.00 20.02 ? 105 LEU A CB  1 
ATOM   268  C  CG  . LEU A 1 41  ? 8.607   -5.618  12.539  1.00 20.47 ? 105 LEU A CG  1 
ATOM   269  C  CD1 . LEU A 1 41  ? 7.946   -6.968  12.789  1.00 20.72 ? 105 LEU A CD1 1 
ATOM   270  C  CD2 . LEU A 1 41  ? 7.640   -4.682  11.840  1.00 19.66 ? 105 LEU A CD2 1 
ATOM   271  N  N   . LYS A 1 42  ? 7.217   -3.632  15.986  1.00 16.63 ? 106 LYS A N   1 
ATOM   272  C  CA  . LYS A 1 42  ? 5.900   -3.440  16.589  1.00 17.69 ? 106 LYS A CA  1 
ATOM   273  C  C   . LYS A 1 42  ? 5.517   -1.954  16.681  1.00 17.59 ? 106 LYS A C   1 
ATOM   274  O  O   . LYS A 1 42  ? 4.381   -1.581  16.379  1.00 16.85 ? 106 LYS A O   1 
ATOM   275  C  CB  . LYS A 1 42  ? 5.841   -4.067  17.986  1.00 18.04 ? 106 LYS A CB  1 
ATOM   276  C  CG  . LYS A 1 42  ? 4.464   -3.951  18.647  1.00 19.14 ? 106 LYS A CG  1 
ATOM   277  C  CD  . LYS A 1 42  ? 4.445   -4.603  20.025  1.00 19.30 ? 106 LYS A CD  1 
ATOM   278  C  CE  . LYS A 1 42  ? 5.196   -3.782  21.058  1.00 18.41 ? 106 LYS A CE  1 
ATOM   279  N  NZ  . LYS A 1 42  ? 5.292   -4.491  22.378  1.00 17.08 ? 106 LYS A NZ  1 
ATOM   280  N  N   . ASN A 1 43  ? 6.462   -1.114  17.098  1.00 16.08 ? 107 ASN A N   1 
ATOM   281  C  CA  . ASN A 1 43  ? 6.211   0.322   17.207  1.00 17.56 ? 107 ASN A CA  1 
ATOM   282  C  C   . ASN A 1 43  ? 5.858   0.889   15.828  1.00 16.40 ? 107 ASN A C   1 
ATOM   283  O  O   . ASN A 1 43  ? 5.028   1.789   15.707  1.00 15.95 ? 107 ASN A O   1 
ATOM   284  C  CB  . ASN A 1 43  ? 7.454   1.045   17.751  1.00 20.23 ? 107 ASN A CB  1 
ATOM   285  C  CG  . ASN A 1 43  ? 7.886   0.538   19.130  1.00 23.68 ? 107 ASN A CG  1 
ATOM   286  O  OD1 . ASN A 1 43  ? 9.040   0.724   19.534  1.00 26.12 ? 107 ASN A OD1 1 
ATOM   287  N  ND2 . ASN A 1 43  ? 6.965   -0.089  19.860  1.00 22.67 ? 107 ASN A ND2 1 
ATOM   288  N  N   . LEU A 1 44  ? 6.487   0.344   14.788  1.00 17.74 ? 108 LEU A N   1 
ATOM   289  C  CA  . LEU A 1 44  ? 6.256   0.789   13.418  1.00 17.23 ? 108 LEU A CA  1 
ATOM   290  C  C   . LEU A 1 44  ? 4.812   0.527   12.994  1.00 17.87 ? 108 LEU A C   1 
ATOM   291  O  O   . LEU A 1 44  ? 4.111   1.438   12.547  1.00 18.18 ? 108 LEU A O   1 
ATOM   292  C  CB  . LEU A 1 44  ? 7.204   0.064   12.456  1.00 16.55 ? 108 LEU A CB  1 
ATOM   293  C  CG  . LEU A 1 44  ? 7.594   0.766   11.146  1.00 16.17 ? 108 LEU A CG  1 
ATOM   294  C  CD1 . LEU A 1 44  ? 8.118   -0.266  10.154  1.00 13.65 ? 108 LEU A CD1 1 
ATOM   295  C  CD2 . LEU A 1 44  ? 6.416   1.477   10.550  1.00 15.09 ? 108 LEU A CD2 1 
ATOM   296  N  N   . VAL A 1 45  ? 4.382   -0.723  13.132  1.00 18.25 ? 109 VAL A N   1 
ATOM   297  C  CA  . VAL A 1 45  ? 3.027   -1.124  12.764  1.00 18.57 ? 109 VAL A CA  1 
ATOM   298  C  C   . VAL A 1 45  ? 1.989   -0.185  13.374  1.00 19.55 ? 109 VAL A C   1 
ATOM   299  O  O   . VAL A 1 45  ? 1.085   0.295   12.674  1.00 18.59 ? 109 VAL A O   1 
ATOM   300  C  CB  . VAL A 1 45  ? 2.734   -2.587  13.215  1.00 18.71 ? 109 VAL A CB  1 
ATOM   301  C  CG1 . VAL A 1 45  ? 1.251   -2.921  13.026  1.00 14.73 ? 109 VAL A CG1 1 
ATOM   302  C  CG2 . VAL A 1 45  ? 3.600   -3.551  12.415  1.00 15.40 ? 109 VAL A CG2 1 
ATOM   303  N  N   . ASP A 1 46  ? 2.126   0.080   14.671  1.00 18.52 ? 110 ASP A N   1 
ATOM   304  C  CA  . ASP A 1 46  ? 1.201   0.968   15.363  1.00 18.25 ? 110 ASP A CA  1 
ATOM   305  C  C   . ASP A 1 46  ? 1.285   2.381   14.792  1.00 17.02 ? 110 ASP A C   1 
ATOM   306  O  O   . ASP A 1 46  ? 0.273   3.070   14.660  1.00 15.85 ? 110 ASP A O   1 
ATOM   307  C  CB  . ASP A 1 46  ? 1.507   0.988   16.866  1.00 19.97 ? 110 ASP A CB  1 
ATOM   308  C  CG  . ASP A 1 46  ? 0.786   2.111   17.598  1.00 21.84 ? 110 ASP A CG  1 
ATOM   309  O  OD1 . ASP A 1 46  ? 1.334   3.229   17.664  1.00 21.07 ? 110 ASP A OD1 1 
ATOM   310  O  OD2 . ASP A 1 46  ? -0.336  1.878   18.096  1.00 25.11 ? 110 ASP A OD2 1 
ATOM   311  N  N   . ALA A 1 47  ? 2.492   2.815   14.453  1.00 16.75 ? 111 ALA A N   1 
ATOM   312  C  CA  . ALA A 1 47  ? 2.661   4.155   13.893  1.00 17.64 ? 111 ALA A CA  1 
ATOM   313  C  C   . ALA A 1 47  ? 2.034   4.202   12.501  1.00 17.58 ? 111 ALA A C   1 
ATOM   314  O  O   . ALA A 1 47  ? 1.573   5.253   12.059  1.00 18.00 ? 111 ALA A O   1 
ATOM   315  C  CB  . ALA A 1 47  ? 4.141   4.519   13.816  1.00 16.60 ? 111 ALA A CB  1 
ATOM   316  N  N   . MET A 1 48  ? 2.021   3.060   11.811  1.00 16.14 ? 112 MET A N   1 
ATOM   317  C  CA  . MET A 1 48  ? 1.432   3.003   10.479  1.00 16.46 ? 112 MET A CA  1 
ATOM   318  C  C   . MET A 1 48  ? -0.076  3.115   10.571  1.00 15.91 ? 112 MET A C   1 
ATOM   319  O  O   . MET A 1 48  ? -0.697  3.845   9.798   1.00 15.49 ? 112 MET A O   1 
ATOM   320  C  CB  . MET A 1 48  ? 1.812   1.706   9.765   1.00 16.17 ? 112 MET A CB  1 
ATOM   321  C  CG  . MET A 1 48  ? 3.225   1.706   9.230   1.00 14.25 ? 112 MET A CG  1 
ATOM   322  S  SD  . MET A 1 48  ? 3.666   0.136   8.493   1.00 19.22 ? 112 MET A SD  1 
ATOM   323  C  CE  . MET A 1 48  ? 2.984   0.349   6.818   1.00 16.92 ? 112 MET A CE  1 
ATOM   324  N  N   . PHE A 1 49  ? -0.665  2.387   11.513  1.00 16.31 ? 113 PHE A N   1 
ATOM   325  C  CA  . PHE A 1 49  ? -2.110  2.445   11.691  1.00 18.20 ? 113 PHE A CA  1 
ATOM   326  C  C   . PHE A 1 49  ? -2.490  3.881   12.064  1.00 19.08 ? 113 PHE A C   1 
ATOM   327  O  O   . PHE A 1 49  ? -3.549  4.377   11.672  1.00 20.41 ? 113 PHE A O   1 
ATOM   328  C  CB  . PHE A 1 49  ? -2.573  1.468   12.790  1.00 17.39 ? 113 PHE A CB  1 
ATOM   329  C  CG  . PHE A 1 49  ? -2.840  0.060   12.296  1.00 15.40 ? 113 PHE A CG  1 
ATOM   330  C  CD1 . PHE A 1 49  ? -3.782  -0.180  11.296  1.00 14.79 ? 113 PHE A CD1 1 
ATOM   331  C  CD2 . PHE A 1 49  ? -2.143  -1.032  12.830  1.00 16.27 ? 113 PHE A CD2 1 
ATOM   332  C  CE1 . PHE A 1 49  ? -4.026  -1.490  10.827  1.00 13.64 ? 113 PHE A CE1 1 
ATOM   333  C  CE2 . PHE A 1 49  ? -2.378  -2.340  12.372  1.00 14.33 ? 113 PHE A CE2 1 
ATOM   334  C  CZ  . PHE A 1 49  ? -3.324  -2.566  11.366  1.00 13.76 ? 113 PHE A CZ  1 
ATOM   335  N  N   . ASP A 1 50  ? -1.618  4.556   12.808  1.00 18.45 ? 114 ASP A N   1 
ATOM   336  C  CA  . ASP A 1 50  ? -1.901  5.924   13.220  1.00 18.67 ? 114 ASP A CA  1 
ATOM   337  C  C   . ASP A 1 50  ? -2.046  6.861   12.028  1.00 19.81 ? 114 ASP A C   1 
ATOM   338  O  O   . ASP A 1 50  ? -3.068  7.530   11.870  1.00 21.19 ? 114 ASP A O   1 
ATOM   339  C  CB  . ASP A 1 50  ? -0.795  6.479   14.127  1.00 19.07 ? 114 ASP A CB  1 
ATOM   340  C  CG  . ASP A 1 50  ? -0.684  5.743   15.454  1.00 18.38 ? 114 ASP A CG  1 
ATOM   341  O  OD1 . ASP A 1 50  ? -1.720  5.306   15.989  1.00 18.11 ? 114 ASP A OD1 1 
ATOM   342  O  OD2 . ASP A 1 50  ? 0.451   5.625   15.972  1.00 17.23 ? 114 ASP A OD2 1 
ATOM   343  N  N   . VAL A 1 51  ? -1.020  6.920   11.191  1.00 18.41 ? 115 VAL A N   1 
ATOM   344  C  CA  . VAL A 1 51  ? -1.072  7.817   10.057  1.00 18.84 ? 115 VAL A CA  1 
ATOM   345  C  C   . VAL A 1 51  ? -2.152  7.385   9.075   1.00 19.54 ? 115 VAL A C   1 
ATOM   346  O  O   . VAL A 1 51  ? -2.724  8.220   8.374   1.00 19.79 ? 115 VAL A O   1 
ATOM   347  C  CB  . VAL A 1 51  ? 0.303   7.909   9.339   1.00 17.77 ? 115 VAL A CB  1 
ATOM   348  C  CG1 . VAL A 1 51  ? 0.620   6.603   8.617   1.00 18.43 ? 115 VAL A CG1 1 
ATOM   349  C  CG2 . VAL A 1 51  ? 0.303   9.091   8.374   1.00 18.52 ? 115 VAL A CG2 1 
ATOM   350  N  N   . MET A 1 52  ? -2.443  6.088   9.036   1.00 19.38 ? 116 MET A N   1 
ATOM   351  C  CA  . MET A 1 52  ? -3.464  5.588   8.125   1.00 19.81 ? 116 MET A CA  1 
ATOM   352  C  C   . MET A 1 52  ? -4.808  6.167   8.564   1.00 20.44 ? 116 MET A C   1 
ATOM   353  O  O   . MET A 1 52  ? -5.510  6.800   7.768   1.00 17.82 ? 116 MET A O   1 
ATOM   354  C  CB  . MET A 1 52  ? -3.514  4.051   8.143   1.00 21.20 ? 116 MET A CB  1 
ATOM   355  C  CG  . MET A 1 52  ? -4.489  3.455   7.117   1.00 20.88 ? 116 MET A CG  1 
ATOM   356  S  SD  . MET A 1 52  ? -4.718  1.665   7.246   1.00 25.29 ? 116 MET A SD  1 
ATOM   357  C  CE  . MET A 1 52  ? -6.118  1.555   8.370   1.00 22.87 ? 116 MET A CE  1 
ATOM   358  N  N   . TYR A 1 53  ? -5.144  5.958   9.838   1.00 20.26 ? 117 TYR A N   1 
ATOM   359  C  CA  . TYR A 1 53  ? -6.393  6.457   10.405  1.00 20.33 ? 117 TYR A CA  1 
ATOM   360  C  C   . TYR A 1 53  ? -6.440  7.974   10.376  1.00 22.23 ? 117 TYR A C   1 
ATOM   361  O  O   . TYR A 1 53  ? -7.490  8.562   10.126  1.00 21.83 ? 117 TYR A O   1 
ATOM   362  C  CB  . TYR A 1 53  ? -6.559  5.992   11.856  1.00 19.62 ? 117 TYR A CB  1 
ATOM   363  C  CG  . TYR A 1 53  ? -6.825  4.514   12.012  1.00 17.38 ? 117 TYR A CG  1 
ATOM   364  C  CD1 . TYR A 1 53  ? -7.702  3.857   11.158  1.00 17.38 ? 117 TYR A CD1 1 
ATOM   365  C  CD2 . TYR A 1 53  ? -6.227  3.778   13.032  1.00 16.81 ? 117 TYR A CD2 1 
ATOM   366  C  CE1 . TYR A 1 53  ? -7.980  2.503   11.312  1.00 17.39 ? 117 TYR A CE1 1 
ATOM   367  C  CE2 . TYR A 1 53  ? -6.502  2.419   13.198  1.00 16.42 ? 117 TYR A CE2 1 
ATOM   368  C  CZ  . TYR A 1 53  ? -7.381  1.795   12.331  1.00 15.06 ? 117 TYR A CZ  1 
ATOM   369  O  OH  . TYR A 1 53  ? -7.673  0.466   12.472  1.00 17.09 ? 117 TYR A OH  1 
ATOM   370  N  N   . LYS A 1 54  ? -5.303  8.605   10.650  1.00 23.83 ? 118 LYS A N   1 
ATOM   371  C  CA  . LYS A 1 54  ? -5.236  10.058  10.657  1.00 25.53 ? 118 LYS A CA  1 
ATOM   372  C  C   . LYS A 1 54  ? -5.685  10.587  9.303   1.00 27.38 ? 118 LYS A C   1 
ATOM   373  O  O   . LYS A 1 54  ? -6.492  11.516  9.212   1.00 26.75 ? 118 LYS A O   1 
ATOM   374  C  CB  . LYS A 1 54  ? -3.808  10.537  10.927  1.00 25.76 ? 118 LYS A CB  1 
ATOM   375  C  CG  . LYS A 1 54  ? -3.702  12.049  11.109  1.00 29.79 ? 118 LYS A CG  1 
ATOM   376  C  CD  . LYS A 1 54  ? -2.264  12.577  10.957  1.00 30.69 ? 118 LYS A CD  1 
ATOM   377  C  CE  . LYS A 1 54  ? -1.771  12.462  9.510   1.00 31.65 ? 118 LYS A CE  1 
ATOM   378  N  NZ  . LYS A 1 54  ? -0.460  13.148  9.244   1.00 28.46 ? 118 LYS A NZ  1 
ATOM   379  N  N   . THR A 1 55  ? -5.158  9.975   8.250   1.00 27.88 ? 119 THR A N   1 
ATOM   380  C  CA  . THR A 1 55  ? -5.454  10.387  6.890   1.00 28.12 ? 119 THR A CA  1 
ATOM   381  C  C   . THR A 1 55  ? -6.708  9.716   6.336   1.00 29.40 ? 119 THR A C   1 
ATOM   382  O  O   . THR A 1 55  ? -6.973  9.761   5.132   1.00 28.21 ? 119 THR A O   1 
ATOM   383  C  CB  . THR A 1 55  ? -4.231  10.111  5.979   1.00 28.10 ? 119 THR A CB  1 
ATOM   384  O  OG1 . THR A 1 55  ? -3.801  8.754   6.145   1.00 29.06 ? 119 THR A OG1 1 
ATOM   385  C  CG2 . THR A 1 55  ? -3.073  11.033  6.350   1.00 26.38 ? 119 THR A CG2 1 
ATOM   386  N  N   . ASP A 1 56  ? -7.486  9.118   7.234   1.00 30.95 ? 120 ASP A N   1 
ATOM   387  C  CA  . ASP A 1 56  ? -8.721  8.436   6.864   1.00 31.64 ? 120 ASP A CA  1 
ATOM   388  C  C   . ASP A 1 56  ? -8.459  7.474   5.711   1.00 30.05 ? 120 ASP A C   1 
ATOM   389  O  O   . ASP A 1 56  ? -9.109  7.528   4.666   1.00 30.11 ? 120 ASP A O   1 
ATOM   390  C  CB  . ASP A 1 56  ? -9.803  9.463   6.486   1.00 33.95 ? 120 ASP A CB  1 
ATOM   391  C  CG  . ASP A 1 56  ? -10.482 10.077  7.708   1.00 37.45 ? 120 ASP A CG  1 
ATOM   392  O  OD1 . ASP A 1 56  ? -11.147 9.325   8.461   1.00 39.75 ? 120 ASP A OD1 1 
ATOM   393  O  OD2 . ASP A 1 56  ? -10.352 11.306  7.920   1.00 38.63 ? 120 ASP A OD2 1 
ATOM   394  N  N   . GLY A 1 57  ? -7.481  6.600   5.915   1.00 27.47 ? 121 GLY A N   1 
ATOM   395  C  CA  . GLY A 1 57  ? -7.126  5.625   4.904   1.00 24.84 ? 121 GLY A CA  1 
ATOM   396  C  C   . GLY A 1 57  ? -7.672  4.260   5.274   1.00 23.63 ? 121 GLY A C   1 
ATOM   397  O  O   . GLY A 1 57  ? -8.304  4.092   6.323   1.00 21.32 ? 121 GLY A O   1 
ATOM   398  N  N   . ILE A 1 58  ? -7.415  3.271   4.428   1.00 22.09 ? 122 ILE A N   1 
ATOM   399  C  CA  . ILE A 1 58  ? -7.920  1.937   4.694   1.00 22.01 ? 122 ILE A CA  1 
ATOM   400  C  C   . ILE A 1 58  ? -6.830  0.887   4.676   1.00 20.51 ? 122 ILE A C   1 
ATOM   401  O  O   . ILE A 1 58  ? -6.990  -0.205  5.221   1.00 20.04 ? 122 ILE A O   1 
ATOM   402  C  CB  . ILE A 1 58  ? -9.008  1.583   3.672   1.00 22.21 ? 122 ILE A CB  1 
ATOM   403  C  CG1 . ILE A 1 58  ? -10.143 0.862   4.385   1.00 22.02 ? 122 ILE A CG1 1 
ATOM   404  C  CG2 . ILE A 1 58  ? -8.423  0.792   2.522   1.00 22.24 ? 122 ILE A CG2 1 
ATOM   405  C  CD1 . ILE A 1 58  ? -10.831 1.747   5.388   1.00 20.14 ? 122 ILE A CD1 1 
ATOM   406  N  N   . GLY A 1 59  ? -5.723  1.236   4.036   1.00 19.67 ? 123 GLY A N   1 
ATOM   407  C  CA  . GLY A 1 59  ? -4.588  0.341   3.930   1.00 18.35 ? 123 GLY A CA  1 
ATOM   408  C  C   . GLY A 1 59  ? -3.328  1.169   3.761   1.00 18.78 ? 123 GLY A C   1 
ATOM   409  O  O   . GLY A 1 59  ? -3.374  2.320   3.310   1.00 19.74 ? 123 GLY A O   1 
ATOM   410  N  N   . LEU A 1 60  ? -2.192  0.595   4.129   1.00 17.68 ? 124 LEU A N   1 
ATOM   411  C  CA  . LEU A 1 60  ? -0.936  1.314   4.015   1.00 16.73 ? 124 LEU A CA  1 
ATOM   412  C  C   . LEU A 1 60  ? 0.232   0.337   4.016   1.00 15.80 ? 124 LEU A C   1 
ATOM   413  O  O   . LEU A 1 60  ? 0.260   -0.614  4.794   1.00 15.51 ? 124 LEU A O   1 
ATOM   414  C  CB  . LEU A 1 60  ? -0.802  2.298   5.183   1.00 15.14 ? 124 LEU A CB  1 
ATOM   415  C  CG  . LEU A 1 60  ? 0.406   3.236   5.221   1.00 17.14 ? 124 LEU A CG  1 
ATOM   416  C  CD1 . LEU A 1 60  ? 0.279   4.283   4.115   1.00 18.77 ? 124 LEU A CD1 1 
ATOM   417  C  CD2 . LEU A 1 60  ? 0.474   3.913   6.587   1.00 16.19 ? 124 LEU A CD2 1 
ATOM   418  N  N   . SER A 1 61  ? 1.192   0.573   3.132   1.00 15.36 ? 125 SER A N   1 
ATOM   419  C  CA  . SER A 1 61  ? 2.368   -0.270  3.046   1.00 14.44 ? 125 SER A CA  1 
ATOM   420  C  C   . SER A 1 61  ? 3.564   0.585   3.453   1.00 13.78 ? 125 SER A C   1 
ATOM   421  O  O   . SER A 1 61  ? 3.559   1.793   3.249   1.00 12.66 ? 125 SER A O   1 
ATOM   422  C  CB  . SER A 1 61  ? 2.545   -0.781  1.621   1.00 15.02 ? 125 SER A CB  1 
ATOM   423  O  OG  . SER A 1 61  ? 2.743   0.299   0.724   1.00 20.33 ? 125 SER A OG  1 
ATOM   424  N  N   . ALA A 1 62  ? 4.576   -0.052  4.032   1.00 12.69 ? 126 ALA A N   1 
ATOM   425  C  CA  . ALA A 1 62  ? 5.778   0.631   4.489   1.00 13.32 ? 126 ALA A CA  1 
ATOM   426  C  C   . ALA A 1 62  ? 6.410   1.579   3.469   1.00 13.73 ? 126 ALA A C   1 
ATOM   427  O  O   . ALA A 1 62  ? 6.871   2.661   3.834   1.00 15.69 ? 126 ALA A O   1 
ATOM   428  C  CB  . ALA A 1 62  ? 6.806   -0.391  4.957   1.00 12.03 ? 126 ALA A CB  1 
ATOM   429  N  N   . PRO A 1 63  ? 6.459   1.186   2.183   1.00 14.46 ? 127 PRO A N   1 
ATOM   430  C  CA  . PRO A 1 63  ? 7.059   2.085   1.190   1.00 14.03 ? 127 PRO A CA  1 
ATOM   431  C  C   . PRO A 1 63  ? 6.411   3.463   1.246   1.00 15.00 ? 127 PRO A C   1 
ATOM   432  O  O   . PRO A 1 63  ? 7.070   4.485   1.018   1.00 11.82 ? 127 PRO A O   1 
ATOM   433  C  CB  . PRO A 1 63  ? 6.787   1.368   -0.128  1.00 14.81 ? 127 PRO A CB  1 
ATOM   434  C  CG  . PRO A 1 63  ? 6.919   -0.081  0.275   1.00 14.29 ? 127 PRO A CG  1 
ATOM   435  C  CD  . PRO A 1 63  ? 6.146   -0.126  1.584   1.00 12.58 ? 127 PRO A CD  1 
ATOM   436  N  N   . GLN A 1 64  ? 5.120   3.474   1.575   1.00 14.75 ? 128 GLN A N   1 
ATOM   437  C  CA  . GLN A 1 64  ? 4.348   4.707   1.667   1.00 16.43 ? 128 GLN A CA  1 
ATOM   438  C  C   . GLN A 1 64  ? 4.701   5.594   2.855   1.00 18.04 ? 128 GLN A C   1 
ATOM   439  O  O   . GLN A 1 64  ? 4.206   6.715   2.962   1.00 19.04 ? 128 GLN A O   1 
ATOM   440  C  CB  . GLN A 1 64  ? 2.853   4.388   1.683   1.00 15.09 ? 128 GLN A CB  1 
ATOM   441  C  CG  . GLN A 1 64  ? 2.290   4.107   0.307   1.00 17.38 ? 128 GLN A CG  1 
ATOM   442  C  CD  . GLN A 1 64  ? 0.838   3.700   0.350   1.00 19.71 ? 128 GLN A CD  1 
ATOM   443  O  OE1 . GLN A 1 64  ? 0.505   2.624   0.855   1.00 21.33 ? 128 GLN A OE1 1 
ATOM   444  N  NE2 . GLN A 1 64  ? -0.044  4.557   -0.176  1.00 16.99 ? 128 GLN A NE2 1 
ATOM   445  N  N   . VAL A 1 65  ? 5.543   5.097   3.753   1.00 18.46 ? 129 VAL A N   1 
ATOM   446  C  CA  . VAL A 1 65  ? 5.964   5.891   4.901   1.00 18.69 ? 129 VAL A CA  1 
ATOM   447  C  C   . VAL A 1 65  ? 7.490   6.036   4.884   1.00 20.04 ? 129 VAL A C   1 
ATOM   448  O  O   . VAL A 1 65  ? 8.102   6.391   5.886   1.00 20.77 ? 129 VAL A O   1 
ATOM   449  C  CB  . VAL A 1 65  ? 5.502   5.264   6.254   1.00 18.67 ? 129 VAL A CB  1 
ATOM   450  C  CG1 . VAL A 1 65  ? 4.003   5.352   6.378   1.00 16.52 ? 129 VAL A CG1 1 
ATOM   451  C  CG2 . VAL A 1 65  ? 5.942   3.812   6.350   1.00 18.29 ? 129 VAL A CG2 1 
ATOM   452  N  N   . GLY A 1 66  ? 8.096   5.740   3.736   1.00 21.04 ? 130 GLY A N   1 
ATOM   453  C  CA  . GLY A 1 66  ? 9.538   5.879   3.587   1.00 19.36 ? 130 GLY A CA  1 
ATOM   454  C  C   . GLY A 1 66  ? 10.400  4.652   3.830   1.00 18.77 ? 130 GLY A C   1 
ATOM   455  O  O   . GLY A 1 66  ? 11.626  4.718   3.707   1.00 18.12 ? 130 GLY A O   1 
ATOM   456  N  N   . LEU A 1 67  ? 9.781   3.532   4.174   1.00 17.18 ? 131 LEU A N   1 
ATOM   457  C  CA  . LEU A 1 67  ? 10.545  2.321   4.440   1.00 16.04 ? 131 LEU A CA  1 
ATOM   458  C  C   . LEU A 1 67  ? 10.379  1.281   3.345   1.00 15.55 ? 131 LEU A C   1 
ATOM   459  O  O   . LEU A 1 67  ? 9.257   0.878   3.011   1.00 15.97 ? 131 LEU A O   1 
ATOM   460  C  CB  . LEU A 1 67  ? 10.140  1.731   5.787   1.00 16.34 ? 131 LEU A CB  1 
ATOM   461  C  CG  . LEU A 1 67  ? 10.675  2.477   7.014   1.00 18.49 ? 131 LEU A CG  1 
ATOM   462  C  CD1 . LEU A 1 67  ? 10.246  3.938   6.989   1.00 20.74 ? 131 LEU A CD1 1 
ATOM   463  C  CD2 . LEU A 1 67  ? 10.167  1.801   8.260   1.00 16.34 ? 131 LEU A CD2 1 
ATOM   464  N  N   . ASN A 1 68  ? 11.500  0.849   2.780   1.00 14.19 ? 132 ASN A N   1 
ATOM   465  C  CA  . ASN A 1 68  ? 11.450  -0.138  1.718   1.00 12.80 ? 132 ASN A CA  1 
ATOM   466  C  C   . ASN A 1 68  ? 11.572  -1.568  2.218   1.00 12.08 ? 132 ASN A C   1 
ATOM   467  O  O   . ASN A 1 68  ? 12.511  -2.290  1.882   1.00 12.11 ? 132 ASN A O   1 
ATOM   468  C  CB  . ASN A 1 68  ? 12.502  0.176   0.653   1.00 13.02 ? 132 ASN A CB  1 
ATOM   469  C  CG  . ASN A 1 68  ? 12.124  1.396   -0.179  1.00 13.57 ? 132 ASN A CG  1 
ATOM   470  O  OD1 . ASN A 1 68  ? 12.544  2.510   0.106   1.00 16.51 ? 132 ASN A OD1 1 
ATOM   471  N  ND2 . ASN A 1 68  ? 11.297  1.186   -1.191  1.00 11.61 ? 132 ASN A ND2 1 
ATOM   472  N  N   . VAL A 1 69  ? 10.596  -1.962  3.030   1.00 11.14 ? 133 VAL A N   1 
ATOM   473  C  CA  . VAL A 1 69  ? 10.544  -3.303  3.580   1.00 12.89 ? 133 VAL A CA  1 
ATOM   474  C  C   . VAL A 1 69  ? 9.174   -3.910  3.299   1.00 12.43 ? 133 VAL A C   1 
ATOM   475  O  O   . VAL A 1 69  ? 8.223   -3.198  3.006   1.00 11.95 ? 133 VAL A O   1 
ATOM   476  C  CB  . VAL A 1 69  ? 10.821  -3.296  5.101   1.00 10.82 ? 133 VAL A CB  1 
ATOM   477  C  CG1 . VAL A 1 69  ? 12.266  -2.895  5.352   1.00 9.89  ? 133 VAL A CG1 1 
ATOM   478  C  CG2 . VAL A 1 69  ? 9.888   -2.338  5.800   1.00 10.43 ? 133 VAL A CG2 1 
ATOM   479  N  N   . GLN A 1 70  ? 9.082   -5.228  3.396   1.00 14.62 ? 134 GLN A N   1 
ATOM   480  C  CA  . GLN A 1 70  ? 7.829   -5.926  3.122   1.00 15.98 ? 134 GLN A CA  1 
ATOM   481  C  C   . GLN A 1 70  ? 6.887   -5.986  4.320   1.00 15.24 ? 134 GLN A C   1 
ATOM   482  O  O   . GLN A 1 70  ? 6.746   -7.018  4.974   1.00 14.90 ? 134 GLN A O   1 
ATOM   483  C  CB  . GLN A 1 70  ? 8.152   -7.321  2.578   1.00 15.36 ? 134 GLN A CB  1 
ATOM   484  C  CG  . GLN A 1 70  ? 8.872   -7.222  1.227   1.00 17.18 ? 134 GLN A CG  1 
ATOM   485  C  CD  . GLN A 1 70  ? 9.374   -8.548  0.695   1.00 19.26 ? 134 GLN A CD  1 
ATOM   486  O  OE1 . GLN A 1 70  ? 8.750   -9.587  0.901   1.00 23.97 ? 134 GLN A OE1 1 
ATOM   487  N  NE2 . GLN A 1 70  ? 10.496  -8.516  -0.018  1.00 17.92 ? 134 GLN A NE2 1 
ATOM   488  N  N   . LEU A 1 71  ? 6.248   -4.850  4.591   1.00 13.71 ? 135 LEU A N   1 
ATOM   489  C  CA  . LEU A 1 71  ? 5.313   -4.716  5.707   1.00 14.80 ? 135 LEU A CA  1 
ATOM   490  C  C   . LEU A 1 71  ? 4.035   -4.018  5.254   1.00 14.13 ? 135 LEU A C   1 
ATOM   491  O  O   . LEU A 1 71  ? 4.072   -3.012  4.544   1.00 15.18 ? 135 LEU A O   1 
ATOM   492  C  CB  . LEU A 1 71  ? 5.959   -3.921  6.851   1.00 12.83 ? 135 LEU A CB  1 
ATOM   493  C  CG  . LEU A 1 71  ? 5.076   -3.729  8.085   1.00 14.29 ? 135 LEU A CG  1 
ATOM   494  C  CD1 . LEU A 1 71  ? 4.816   -5.092  8.727   1.00 12.97 ? 135 LEU A CD1 1 
ATOM   495  C  CD2 . LEU A 1 71  ? 5.740   -2.763  9.068   1.00 11.20 ? 135 LEU A CD2 1 
ATOM   496  N  N   . MET A 1 72  ? 2.903   -4.535  5.701   1.00 15.62 ? 136 MET A N   1 
ATOM   497  C  CA  . MET A 1 72  ? 1.614   -3.989  5.308   1.00 17.88 ? 136 MET A CA  1 
ATOM   498  C  C   . MET A 1 72  ? 0.559   -4.024  6.428   1.00 18.94 ? 136 MET A C   1 
ATOM   499  O  O   . MET A 1 72  ? 0.570   -4.915  7.292   1.00 17.32 ? 136 MET A O   1 
ATOM   500  C  CB  . MET A 1 72  ? 1.131   -4.784  4.090   1.00 19.06 ? 136 MET A CB  1 
ATOM   501  C  CG  . MET A 1 72  ? -0.349  -4.769  3.837   1.00 22.71 ? 136 MET A CG  1 
ATOM   502  S  SD  . MET A 1 72  ? -0.827  -6.208  2.874   1.00 25.48 ? 136 MET A SD  1 
ATOM   503  C  CE  . MET A 1 72  ? 0.379   -6.121  1.539   1.00 22.53 ? 136 MET A CE  1 
ATOM   504  N  N   . VAL A 1 73  ? -0.339  -3.040  6.414   1.00 18.82 ? 137 VAL A N   1 
ATOM   505  C  CA  . VAL A 1 73  ? -1.427  -2.977  7.385   1.00 19.93 ? 137 VAL A CA  1 
ATOM   506  C  C   . VAL A 1 73  ? -2.691  -2.449  6.719   1.00 20.83 ? 137 VAL A C   1 
ATOM   507  O  O   . VAL A 1 73  ? -2.635  -1.800  5.668   1.00 20.14 ? 137 VAL A O   1 
ATOM   508  C  CB  . VAL A 1 73  ? -1.118  -2.045  8.582   1.00 21.30 ? 137 VAL A CB  1 
ATOM   509  C  CG1 . VAL A 1 73  ? 0.229   -2.405  9.200   1.00 21.34 ? 137 VAL A CG1 1 
ATOM   510  C  CG2 . VAL A 1 73  ? -1.177  -0.585  8.139   1.00 20.55 ? 137 VAL A CG2 1 
ATOM   511  N  N   . PHE A 1 74  ? -3.833  -2.736  7.332   1.00 21.46 ? 138 PHE A N   1 
ATOM   512  C  CA  . PHE A 1 74  ? -5.099  -2.258  6.814   1.00 22.18 ? 138 PHE A CA  1 
ATOM   513  C  C   . PHE A 1 74  ? -6.263  -2.630  7.716   1.00 23.53 ? 138 PHE A C   1 
ATOM   514  O  O   . PHE A 1 74  ? -6.170  -3.550  8.542   1.00 20.42 ? 138 PHE A O   1 
ATOM   515  C  CB  . PHE A 1 74  ? -5.325  -2.770  5.381   1.00 23.70 ? 138 PHE A CB  1 
ATOM   516  C  CG  . PHE A 1 74  ? -5.570  -4.249  5.277   1.00 22.85 ? 138 PHE A CG  1 
ATOM   517  C  CD1 . PHE A 1 74  ? -6.861  -4.758  5.347   1.00 25.36 ? 138 PHE A CD1 1 
ATOM   518  C  CD2 . PHE A 1 74  ? -4.516  -5.130  5.058   1.00 25.92 ? 138 PHE A CD2 1 
ATOM   519  C  CE1 . PHE A 1 74  ? -7.102  -6.132  5.194   1.00 25.18 ? 138 PHE A CE1 1 
ATOM   520  C  CE2 . PHE A 1 74  ? -4.744  -6.503  4.905   1.00 25.54 ? 138 PHE A CE2 1 
ATOM   521  C  CZ  . PHE A 1 74  ? -6.042  -7.002  4.972   1.00 25.36 ? 138 PHE A CZ  1 
ATOM   522  N  N   . ASN A 1 75  ? -7.348  -1.878  7.562   1.00 24.90 ? 139 ASN A N   1 
ATOM   523  C  CA  . ASN A 1 75  ? -8.564  -2.080  8.329   1.00 26.19 ? 139 ASN A CA  1 
ATOM   524  C  C   . ASN A 1 75  ? -9.725  -1.592  7.466   1.00 26.64 ? 139 ASN A C   1 
ATOM   525  O  O   . ASN A 1 75  ? -9.848  -0.399  7.199   1.00 25.03 ? 139 ASN A O   1 
ATOM   526  C  CB  . ASN A 1 75  ? -8.513  -1.271  9.619   1.00 27.83 ? 139 ASN A CB  1 
ATOM   527  C  CG  . ASN A 1 75  ? -9.607  -1.666  10.589  1.00 30.48 ? 139 ASN A CG  1 
ATOM   528  O  OD1 . ASN A 1 75  ? -10.777 -1.755  10.218  1.00 28.66 ? 139 ASN A OD1 1 
ATOM   529  N  ND2 . ASN A 1 75  ? -9.230  -1.904  11.841  1.00 30.96 ? 139 ASN A ND2 1 
ATOM   530  N  N   . PRO A 1 76  ? -10.591 -2.515  7.017   1.00 27.30 ? 140 PRO A N   1 
ATOM   531  C  CA  . PRO A 1 76  ? -11.742 -2.175  6.176   1.00 27.97 ? 140 PRO A CA  1 
ATOM   532  C  C   . PRO A 1 76  ? -12.522 -0.976  6.682   1.00 28.36 ? 140 PRO A C   1 
ATOM   533  O  O   . PRO A 1 76  ? -12.907 -0.107  5.908   1.00 29.10 ? 140 PRO A O   1 
ATOM   534  C  CB  . PRO A 1 76  ? -12.573 -3.451  6.203   1.00 25.80 ? 140 PRO A CB  1 
ATOM   535  C  CG  . PRO A 1 76  ? -11.535 -4.505  6.283   1.00 27.43 ? 140 PRO A CG  1 
ATOM   536  C  CD  . PRO A 1 76  ? -10.586 -3.955  7.327   1.00 25.97 ? 140 PRO A CD  1 
ATOM   537  N  N   . ALA A 1 77  ? -12.759 -0.940  7.987   1.00 29.67 ? 141 ALA A N   1 
ATOM   538  C  CA  . ALA A 1 77  ? -13.509 0.149   8.598   1.00 31.62 ? 141 ALA A CA  1 
ATOM   539  C  C   . ALA A 1 77  ? -12.846 1.508   8.387   1.00 33.50 ? 141 ALA A C   1 
ATOM   540  O  O   . ALA A 1 77  ? -13.499 2.467   7.974   1.00 33.13 ? 141 ALA A O   1 
ATOM   541  C  CB  . ALA A 1 77  ? -13.688 -0.119  10.079  1.00 30.63 ? 141 ALA A CB  1 
ATOM   542  N  N   . GLY A 1 78  ? -11.549 1.588   8.678   1.00 35.44 ? 142 GLY A N   1 
ATOM   543  C  CA  . GLY A 1 78  ? -10.828 2.839   8.518   1.00 37.02 ? 142 GLY A CA  1 
ATOM   544  C  C   . GLY A 1 78  ? -10.896 3.699   9.765   1.00 38.38 ? 142 GLY A C   1 
ATOM   545  O  O   . GLY A 1 78  ? -10.391 4.824   9.782   1.00 38.96 ? 142 GLY A O   1 
ATOM   546  N  N   . GLU A 1 79  ? -11.523 3.162   10.808  1.00 39.80 ? 143 GLU A N   1 
ATOM   547  C  CA  . GLU A 1 79  ? -11.679 3.860   12.078  1.00 40.97 ? 143 GLU A CA  1 
ATOM   548  C  C   . GLU A 1 79  ? -11.046 3.013   13.174  1.00 41.48 ? 143 GLU A C   1 
ATOM   549  O  O   . GLU A 1 79  ? -11.220 1.794   13.205  1.00 40.85 ? 143 GLU A O   1 
ATOM   550  C  CB  . GLU A 1 79  ? -13.165 4.049   12.400  1.00 41.86 ? 143 GLU A CB  1 
ATOM   551  C  CG  . GLU A 1 79  ? -14.023 4.486   11.222  1.00 44.70 ? 143 GLU A CG  1 
ATOM   552  C  CD  . GLU A 1 79  ? -13.857 5.952   10.873  1.00 46.64 ? 143 GLU A CD  1 
ATOM   553  O  OE1 . GLU A 1 79  ? -12.704 6.412   10.713  1.00 48.00 ? 143 GLU A OE1 1 
ATOM   554  O  OE2 . GLU A 1 79  ? -14.889 6.646   10.754  1.00 48.80 ? 143 GLU A OE2 1 
ATOM   555  N  N   . PRO A 1 80  ? -10.301 3.644   14.088  1.00 41.99 ? 144 PRO A N   1 
ATOM   556  C  CA  . PRO A 1 80  ? -9.673  2.879   15.165  1.00 43.37 ? 144 PRO A CA  1 
ATOM   557  C  C   . PRO A 1 80  ? -10.749 2.160   15.970  1.00 45.34 ? 144 PRO A C   1 
ATOM   558  O  O   . PRO A 1 80  ? -11.878 2.645   16.077  1.00 47.22 ? 144 PRO A O   1 
ATOM   559  C  CB  . PRO A 1 80  ? -8.973  3.953   15.990  1.00 41.66 ? 144 PRO A CB  1 
ATOM   560  C  CG  . PRO A 1 80  ? -8.681  5.016   14.986  1.00 41.46 ? 144 PRO A CG  1 
ATOM   561  C  CD  . PRO A 1 80  ? -9.952  5.069   14.187  1.00 41.61 ? 144 PRO A CD  1 
ATOM   562  N  N   . GLY A 1 81  ? -10.402 1.002   16.523  1.00 46.37 ? 145 GLY A N   1 
ATOM   563  C  CA  . GLY A 1 81  ? -11.346 0.248   17.327  1.00 47.83 ? 145 GLY A CA  1 
ATOM   564  C  C   . GLY A 1 81  ? -12.751 0.117   16.764  1.00 49.71 ? 145 GLY A C   1 
ATOM   565  O  O   . GLY A 1 81  ? -13.713 -0.012  17.523  1.00 49.43 ? 145 GLY A O   1 
ATOM   566  N  N   . GLU A 1 82  ? -12.882 0.146   15.440  1.00 51.25 ? 146 GLU A N   1 
ATOM   567  C  CA  . GLU A 1 82  ? -14.193 0.011   14.813  1.00 52.36 ? 146 GLU A CA  1 
ATOM   568  C  C   . GLU A 1 82  ? -14.118 -0.803  13.524  1.00 50.89 ? 146 GLU A C   1 
ATOM   569  O  O   . GLU A 1 82  ? -14.822 -0.518  12.561  1.00 51.62 ? 146 GLU A O   1 
ATOM   570  C  CB  . GLU A 1 82  ? -14.798 1.393   14.520  1.00 54.69 ? 146 GLU A CB  1 
ATOM   571  C  CG  . GLU A 1 82  ? -16.273 1.347   14.110  1.00 58.31 ? 146 GLU A CG  1 
ATOM   572  C  CD  . GLU A 1 82  ? -16.856 2.721   13.811  1.00 61.38 ? 146 GLU A CD  1 
ATOM   573  O  OE1 . GLU A 1 82  ? -16.331 3.413   12.911  1.00 62.55 ? 146 GLU A OE1 1 
ATOM   574  O  OE2 . GLU A 1 82  ? -17.844 3.105   14.475  1.00 63.06 ? 146 GLU A OE2 1 
ATOM   575  N  N   . GLY A 1 83  ? -13.262 -1.820  13.512  1.00 49.46 ? 147 GLY A N   1 
ATOM   576  C  CA  . GLY A 1 83  ? -13.132 -2.653  12.330  1.00 46.68 ? 147 GLY A CA  1 
ATOM   577  C  C   . GLY A 1 83  ? -12.345 -3.925  12.588  1.00 45.33 ? 147 GLY A C   1 
ATOM   578  O  O   . GLY A 1 83  ? -12.565 -4.617  13.584  1.00 45.47 ? 147 GLY A O   1 
ATOM   579  N  N   . LYS A 1 84  ? -11.421 -4.235  11.684  1.00 43.27 ? 148 LYS A N   1 
ATOM   580  C  CA  . LYS A 1 84  ? -10.596 -5.430  11.806  1.00 40.96 ? 148 LYS A CA  1 
ATOM   581  C  C   . LYS A 1 84  ? -9.183  -5.062  11.372  1.00 38.95 ? 148 LYS A C   1 
ATOM   582  O  O   . LYS A 1 84  ? -8.916  -4.906  10.182  1.00 38.39 ? 148 LYS A O   1 
ATOM   583  C  CB  . LYS A 1 84  ? -11.157 -6.539  10.911  1.00 42.69 ? 148 LYS A CB  1 
ATOM   584  C  CG  . LYS A 1 84  ? -11.114 -7.945  11.502  1.00 43.40 ? 148 LYS A CG  1 
ATOM   585  C  CD  . LYS A 1 84  ? -9.717  -8.542  11.506  1.00 45.48 ? 148 LYS A CD  1 
ATOM   586  C  CE  . LYS A 1 84  ? -9.774  -10.029 11.857  1.00 46.23 ? 148 LYS A CE  1 
ATOM   587  N  NZ  . LYS A 1 84  ? -8.455  -10.713 11.759  1.00 47.41 ? 148 LYS A NZ  1 
ATOM   588  N  N   . GLU A 1 85  ? -8.282  -4.912  12.339  1.00 36.24 ? 149 GLU A N   1 
ATOM   589  C  CA  . GLU A 1 85  ? -6.905  -4.555  12.026  1.00 34.47 ? 149 GLU A CA  1 
ATOM   590  C  C   . GLU A 1 85  ? -6.089  -5.768  11.622  1.00 32.98 ? 149 GLU A C   1 
ATOM   591  O  O   . GLU A 1 85  ? -5.933  -6.713  12.395  1.00 33.15 ? 149 GLU A O   1 
ATOM   592  C  CB  . GLU A 1 85  ? -6.236  -3.873  13.214  1.00 32.46 ? 149 GLU A CB  1 
ATOM   593  C  CG  . GLU A 1 85  ? -6.929  -2.610  13.656  1.00 32.51 ? 149 GLU A CG  1 
ATOM   594  C  CD  . GLU A 1 85  ? -6.021  -1.719  14.465  1.00 31.21 ? 149 GLU A CD  1 
ATOM   595  O  OE1 . GLU A 1 85  ? -5.185  -2.270  15.213  1.00 29.38 ? 149 GLU A OE1 1 
ATOM   596  O  OE2 . GLU A 1 85  ? -6.150  -0.477  14.359  1.00 30.31 ? 149 GLU A OE2 1 
ATOM   597  N  N   . ILE A 1 86  ? -5.566  -5.728  10.400  1.00 30.49 ? 150 ILE A N   1 
ATOM   598  C  CA  . ILE A 1 86  ? -4.765  -6.820  9.872   1.00 27.49 ? 150 ILE A CA  1 
ATOM   599  C  C   . ILE A 1 86  ? -3.405  -6.324  9.425   1.00 25.34 ? 150 ILE A C   1 
ATOM   600  O  O   . ILE A 1 86  ? -3.309  -5.401  8.618   1.00 26.63 ? 150 ILE A O   1 
ATOM   601  C  CB  . ILE A 1 86  ? -5.449  -7.470  8.662   1.00 28.11 ? 150 ILE A CB  1 
ATOM   602  C  CG1 . ILE A 1 86  ? -6.764  -8.119  9.101   1.00 28.69 ? 150 ILE A CG1 1 
ATOM   603  C  CG2 . ILE A 1 86  ? -4.502  -8.473  8.013   1.00 27.29 ? 150 ILE A CG2 1 
ATOM   604  C  CD1 . ILE A 1 86  ? -7.649  -8.576  7.955   1.00 30.47 ? 150 ILE A CD1 1 
ATOM   605  N  N   . VAL A 1 87  ? -2.353  -6.929  9.961   1.00 21.90 ? 151 VAL A N   1 
ATOM   606  C  CA  . VAL A 1 87  ? -0.998  -6.560  9.580   1.00 20.62 ? 151 VAL A CA  1 
ATOM   607  C  C   . VAL A 1 87  ? -0.348  -7.801  8.974   1.00 19.91 ? 151 VAL A C   1 
ATOM   608  O  O   . VAL A 1 87  ? -0.601  -8.919  9.425   1.00 22.13 ? 151 VAL A O   1 
ATOM   609  C  CB  . VAL A 1 87  ? -0.189  -6.018  10.806  1.00 20.36 ? 151 VAL A CB  1 
ATOM   610  C  CG1 . VAL A 1 87  ? -0.987  -6.213  12.075  1.00 19.69 ? 151 VAL A CG1 1 
ATOM   611  C  CG2 . VAL A 1 87  ? 1.167   -6.692  10.905  1.00 17.64 ? 151 VAL A CG2 1 
ATOM   612  N  N   . LEU A 1 88  ? 0.462   -7.613  7.938   1.00 17.77 ? 152 LEU A N   1 
ATOM   613  C  CA  . LEU A 1 88  ? 1.108   -8.745  7.281   1.00 18.22 ? 152 LEU A CA  1 
ATOM   614  C  C   . LEU A 1 88  ? 2.595   -8.512  7.002   1.00 16.54 ? 152 LEU A C   1 
ATOM   615  O  O   . LEU A 1 88  ? 2.969   -7.515  6.386   1.00 15.20 ? 152 LEU A O   1 
ATOM   616  C  CB  . LEU A 1 88  ? 0.391   -9.061  5.960   1.00 17.84 ? 152 LEU A CB  1 
ATOM   617  C  CG  . LEU A 1 88  ? -1.117  -9.349  6.030   1.00 22.77 ? 152 LEU A CG  1 
ATOM   618  C  CD1 . LEU A 1 88  ? -1.770  -9.039  4.696   1.00 23.78 ? 152 LEU A CD1 1 
ATOM   619  C  CD2 . LEU A 1 88  ? -1.353  -10.801 6.415   1.00 23.09 ? 152 LEU A CD2 1 
ATOM   620  N  N   . VAL A 1 89  ? 3.439   -9.435  7.455   1.00 14.06 ? 153 VAL A N   1 
ATOM   621  C  CA  . VAL A 1 89  ? 4.872   -9.328  7.210   1.00 13.42 ? 153 VAL A CA  1 
ATOM   622  C  C   . VAL A 1 89  ? 5.263   -10.369 6.150   1.00 14.83 ? 153 VAL A C   1 
ATOM   623  O  O   . VAL A 1 89  ? 4.838   -11.527 6.224   1.00 12.09 ? 153 VAL A O   1 
ATOM   624  C  CB  . VAL A 1 89  ? 5.688   -9.570  8.495   1.00 12.05 ? 153 VAL A CB  1 
ATOM   625  C  CG1 . VAL A 1 89  ? 7.169   -9.376  8.216   1.00 11.40 ? 153 VAL A CG1 1 
ATOM   626  C  CG2 . VAL A 1 89  ? 5.237   -8.624  9.584   1.00 12.95 ? 153 VAL A CG2 1 
ATOM   627  N  N   . ASN A 1 90  ? 6.074   -9.946  5.177   1.00 15.65 ? 154 ASN A N   1 
ATOM   628  C  CA  . ASN A 1 90  ? 6.520   -10.801 4.070   1.00 17.05 ? 154 ASN A CA  1 
ATOM   629  C  C   . ASN A 1 90  ? 5.377   -11.662 3.522   1.00 18.41 ? 154 ASN A C   1 
ATOM   630  O  O   . ASN A 1 90  ? 5.460   -12.889 3.501   1.00 17.35 ? 154 ASN A O   1 
ATOM   631  C  CB  . ASN A 1 90  ? 7.678   -11.705 4.502   1.00 15.97 ? 154 ASN A CB  1 
ATOM   632  C  CG  . ASN A 1 90  ? 8.789   -10.941 5.193   1.00 17.23 ? 154 ASN A CG  1 
ATOM   633  O  OD1 . ASN A 1 90  ? 9.170   -9.856  4.756   1.00 17.19 ? 154 ASN A OD1 1 
ATOM   634  N  ND2 . ASN A 1 90  ? 9.322   -11.509 6.273   1.00 14.55 ? 154 ASN A ND2 1 
ATOM   635  N  N   . PRO A 1 91  ? 4.292   -11.016 3.061   1.00 19.69 ? 155 PRO A N   1 
ATOM   636  C  CA  . PRO A 1 91  ? 3.120   -11.702 2.508   1.00 19.39 ? 155 PRO A CA  1 
ATOM   637  C  C   . PRO A 1 91  ? 3.396   -12.361 1.159   1.00 19.43 ? 155 PRO A C   1 
ATOM   638  O  O   . PRO A 1 91  ? 4.079   -11.798 0.308   1.00 19.81 ? 155 PRO A O   1 
ATOM   639  C  CB  . PRO A 1 91  ? 2.092   -10.580 2.362   1.00 19.48 ? 155 PRO A CB  1 
ATOM   640  C  CG  . PRO A 1 91  ? 2.572   -9.520  3.300   1.00 22.55 ? 155 PRO A CG  1 
ATOM   641  C  CD  . PRO A 1 91  ? 4.054   -9.568  3.126   1.00 19.85 ? 155 PRO A CD  1 
ATOM   642  N  N   . LYS A 1 92  ? 2.849   -13.551 0.969   1.00 20.34 ? 156 LYS A N   1 
ATOM   643  C  CA  . LYS A 1 92  ? 3.000   -14.262 -0.289  1.00 21.07 ? 156 LYS A CA  1 
ATOM   644  C  C   . LYS A 1 92  ? 1.618   -14.717 -0.760  1.00 21.36 ? 156 LYS A C   1 
ATOM   645  O  O   . LYS A 1 92  ? 0.836   -15.290 0.012   1.00 18.81 ? 156 LYS A O   1 
ATOM   646  C  CB  . LYS A 1 92  ? 3.904   -15.474 -0.108  1.00 21.97 ? 156 LYS A CB  1 
ATOM   647  C  CG  . LYS A 1 92  ? 5.242   -15.151 0.498   1.00 26.76 ? 156 LYS A CG  1 
ATOM   648  C  CD  . LYS A 1 92  ? 6.108   -16.405 0.649   1.00 30.45 ? 156 LYS A CD  1 
ATOM   649  C  CE  . LYS A 1 92  ? 5.576   -17.333 1.730   1.00 32.84 ? 156 LYS A CE  1 
ATOM   650  N  NZ  . LYS A 1 92  ? 6.537   -18.440 2.029   1.00 36.75 ? 156 LYS A NZ  1 
ATOM   651  N  N   . ILE A 1 93  ? 1.305   -14.445 -2.018  1.00 21.83 ? 157 ILE A N   1 
ATOM   652  C  CA  . ILE A 1 93  ? 0.020   -14.862 -2.551  1.00 25.06 ? 157 ILE A CA  1 
ATOM   653  C  C   . ILE A 1 93  ? 0.160   -16.283 -3.070  1.00 26.70 ? 157 ILE A C   1 
ATOM   654  O  O   . ILE A 1 93  ? 0.817   -16.518 -4.083  1.00 25.76 ? 157 ILE A O   1 
ATOM   655  C  CB  . ILE A 1 93  ? -0.457  -13.934 -3.692  1.00 24.78 ? 157 ILE A CB  1 
ATOM   656  C  CG1 . ILE A 1 93  ? -0.768  -12.544 -3.132  1.00 25.04 ? 157 ILE A CG1 1 
ATOM   657  C  CG2 . ILE A 1 93  ? -1.694  -14.525 -4.364  1.00 24.42 ? 157 ILE A CG2 1 
ATOM   658  C  CD1 . ILE A 1 93  ? -1.392  -11.589 -4.145  1.00 25.48 ? 157 ILE A CD1 1 
ATOM   659  N  N   . LYS A 1 94  ? -0.440  -17.230 -2.354  1.00 29.86 ? 158 LYS A N   1 
ATOM   660  C  CA  . LYS A 1 94  ? -0.387  -18.633 -2.744  1.00 32.06 ? 158 LYS A CA  1 
ATOM   661  C  C   . LYS A 1 94  ? -1.362  -18.907 -3.873  1.00 32.47 ? 158 LYS A C   1 
ATOM   662  O  O   . LYS A 1 94  ? -1.056  -19.661 -4.790  1.00 34.45 ? 158 LYS A O   1 
ATOM   663  C  CB  . LYS A 1 94  ? -0.701  -19.541 -1.549  1.00 33.85 ? 158 LYS A CB  1 
ATOM   664  C  CG  . LYS A 1 94  ? 0.467   -19.714 -0.577  1.00 36.01 ? 158 LYS A CG  1 
ATOM   665  C  CD  . LYS A 1 94  ? 1.636   -20.425 -1.248  1.00 37.39 ? 158 LYS A CD  1 
ATOM   666  C  CE  . LYS A 1 94  ? 2.962   -20.147 -0.543  1.00 39.92 ? 158 LYS A CE  1 
ATOM   667  N  NZ  . LYS A 1 94  ? 3.001   -20.609 0.875   1.00 40.39 ? 158 LYS A NZ  1 
ATOM   668  N  N   . LYS A 1 95  ? -2.534  -18.290 -3.809  1.00 32.76 ? 159 LYS A N   1 
ATOM   669  C  CA  . LYS A 1 95  ? -3.541  -18.472 -4.842  1.00 34.67 ? 159 LYS A CA  1 
ATOM   670  C  C   . LYS A 1 95  ? -4.451  -17.266 -4.912  1.00 34.83 ? 159 LYS A C   1 
ATOM   671  O  O   . LYS A 1 95  ? -4.656  -16.580 -3.913  1.00 35.69 ? 159 LYS A O   1 
ATOM   672  C  CB  . LYS A 1 95  ? -4.396  -19.716 -4.558  1.00 36.98 ? 159 LYS A CB  1 
ATOM   673  C  CG  . LYS A 1 95  ? -3.638  -21.036 -4.639  1.00 40.32 ? 159 LYS A CG  1 
ATOM   674  C  CD  . LYS A 1 95  ? -4.568  -22.237 -4.572  1.00 42.50 ? 159 LYS A CD  1 
ATOM   675  C  CE  . LYS A 1 95  ? -3.809  -23.530 -4.869  1.00 44.36 ? 159 LYS A CE  1 
ATOM   676  N  NZ  . LYS A 1 95  ? -4.712  -24.711 -5.060  1.00 45.68 ? 159 LYS A NZ  1 
ATOM   677  N  N   . TYR A 1 96  ? -4.979  -16.991 -6.097  1.00 35.05 ? 160 TYR A N   1 
ATOM   678  C  CA  . TYR A 1 96  ? -5.912  -15.888 -6.259  1.00 35.87 ? 160 TYR A CA  1 
ATOM   679  C  C   . TYR A 1 96  ? -7.063  -16.323 -7.157  1.00 32.31 ? 160 TYR A C   1 
ATOM   680  O  O   . TYR A 1 96  ? -6.921  -17.231 -7.969  1.00 32.41 ? 160 TYR A O   1 
ATOM   681  C  CB  . TYR A 1 96  ? -5.212  -14.632 -6.791  1.00 41.74 ? 160 TYR A CB  1 
ATOM   682  C  CG  . TYR A 1 96  ? -4.355  -14.830 -8.005  1.00 46.94 ? 160 TYR A CG  1 
ATOM   683  C  CD1 . TYR A 1 96  ? -4.921  -15.177 -9.231  1.00 50.26 ? 160 TYR A CD1 1 
ATOM   684  C  CD2 . TYR A 1 96  ? -2.973  -14.648 -7.937  1.00 49.19 ? 160 TYR A CD2 1 
ATOM   685  C  CE1 . TYR A 1 96  ? -4.129  -15.338 -10.370 1.00 53.24 ? 160 TYR A CE1 1 
ATOM   686  C  CE2 . TYR A 1 96  ? -2.172  -14.807 -9.062  1.00 52.86 ? 160 TYR A CE2 1 
ATOM   687  C  CZ  . TYR A 1 96  ? -2.756  -15.152 -10.280 1.00 54.19 ? 160 TYR A CZ  1 
ATOM   688  O  OH  . TYR A 1 96  ? -1.972  -15.304 -11.408 1.00 56.54 ? 160 TYR A OH  1 
ATOM   689  N  N   . SER A 1 97  ? -8.213  -15.688 -6.978  1.00 27.67 ? 161 SER A N   1 
ATOM   690  C  CA  . SER A 1 97  ? -9.412  -16.028 -7.726  1.00 24.27 ? 161 SER A CA  1 
ATOM   691  C  C   . SER A 1 97  ? -9.252  -15.994 -9.241  1.00 23.00 ? 161 SER A C   1 
ATOM   692  O  O   . SER A 1 97  ? -8.420  -15.270 -9.783  1.00 23.74 ? 161 SER A O   1 
ATOM   693  C  CB  . SER A 1 97  ? -10.552 -15.091 -7.309  1.00 24.03 ? 161 SER A CB  1 
ATOM   694  O  OG  . SER A 1 97  ? -11.743 -15.382 -8.016  1.00 25.15 ? 161 SER A OG  1 
ATOM   695  N  N   . ASP A 1 98  ? -10.055 -16.798 -9.924  1.00 19.75 ? 162 ASP A N   1 
ATOM   696  C  CA  . ASP A 1 98  ? -10.015 -16.814 -11.372 1.00 17.56 ? 162 ASP A CA  1 
ATOM   697  C  C   . ASP A 1 98  ? -11.175 -15.961 -11.916 1.00 15.83 ? 162 ASP A C   1 
ATOM   698  O  O   . ASP A 1 98  ? -11.460 -15.961 -13.114 1.00 15.65 ? 162 ASP A O   1 
ATOM   699  C  CB  . ASP A 1 98  ? -10.069 -18.260 -11.894 1.00 16.44 ? 162 ASP A CB  1 
ATOM   700  C  CG  . ASP A 1 98  ? -11.375 -18.967 -11.567 1.00 18.92 ? 162 ASP A CG  1 
ATOM   701  O  OD1 . ASP A 1 98  ? -12.130 -18.493 -10.684 1.00 16.99 ? 162 ASP A OD1 1 
ATOM   702  O  OD2 . ASP A 1 98  ? -11.632 -20.021 -12.200 1.00 19.56 ? 162 ASP A OD2 1 
ATOM   703  N  N   . LYS A 1 99  ? -11.828 -15.226 -11.019 1.00 12.84 ? 163 LYS A N   1 
ATOM   704  C  CA  . LYS A 1 99  ? -12.926 -14.339 -11.395 1.00 14.27 ? 163 LYS A CA  1 
ATOM   705  C  C   . LYS A 1 99  ? -12.531 -12.886 -11.117 1.00 13.43 ? 163 LYS A C   1 
ATOM   706  O  O   . LYS A 1 99  ? -12.088 -12.541 -10.019 1.00 10.49 ? 163 LYS A O   1 
ATOM   707  C  CB  . LYS A 1 99  ? -14.200 -14.694 -10.614 1.00 17.03 ? 163 LYS A CB  1 
ATOM   708  C  CG  . LYS A 1 99  ? -14.628 -16.145 -10.788 1.00 21.22 ? 163 LYS A CG  1 
ATOM   709  C  CD  . LYS A 1 99  ? -15.976 -16.437 -10.141 1.00 25.17 ? 163 LYS A CD  1 
ATOM   710  C  CE  . LYS A 1 99  ? -16.351 -17.905 -10.328 1.00 26.78 ? 163 LYS A CE  1 
ATOM   711  N  NZ  . LYS A 1 99  ? -17.726 -18.221 -9.847  1.00 30.33 ? 163 LYS A NZ  1 
ATOM   712  N  N   . LEU A 1 100 ? -12.702 -12.035 -12.121 1.00 13.76 ? 164 LEU A N   1 
ATOM   713  C  CA  . LEU A 1 100 ? -12.346 -10.631 -11.994 1.00 14.48 ? 164 LEU A CA  1 
ATOM   714  C  C   . LEU A 1 100 ? -13.504 -9.714  -11.655 1.00 16.07 ? 164 LEU A C   1 
ATOM   715  O  O   . LEU A 1 100 ? -14.621 -9.886  -12.148 1.00 16.85 ? 164 LEU A O   1 
ATOM   716  C  CB  . LEU A 1 100 ? -11.686 -10.146 -13.282 1.00 15.15 ? 164 LEU A CB  1 
ATOM   717  C  CG  . LEU A 1 100 ? -10.335 -10.784 -13.605 1.00 16.14 ? 164 LEU A CG  1 
ATOM   718  C  CD1 . LEU A 1 100 ? -9.906  -10.381 -15.007 1.00 14.63 ? 164 LEU A CD1 1 
ATOM   719  C  CD2 . LEU A 1 100 ? -9.300  -10.360 -12.558 1.00 15.54 ? 164 LEU A CD2 1 
ATOM   720  N  N   . VAL A 1 101 ? -13.229 -8.737  -10.800 1.00 15.92 ? 165 VAL A N   1 
ATOM   721  C  CA  . VAL A 1 101 ? -14.239 -7.769  -10.421 1.00 17.17 ? 165 VAL A CA  1 
ATOM   722  C  C   . VAL A 1 101 ? -13.637 -6.369  -10.442 1.00 18.40 ? 165 VAL A C   1 
ATOM   723  O  O   . VAL A 1 101 ? -12.448 -6.183  -10.164 1.00 19.60 ? 165 VAL A O   1 
ATOM   724  C  CB  . VAL A 1 101 ? -14.826 -8.068  -9.030  1.00 15.66 ? 165 VAL A CB  1 
ATOM   725  C  CG1 . VAL A 1 101 ? -15.653 -9.352  -9.095  1.00 15.90 ? 165 VAL A CG1 1 
ATOM   726  C  CG2 . VAL A 1 101 ? -13.711 -8.186  -7.998  1.00 16.10 ? 165 VAL A CG2 1 
ATOM   727  N  N   . PRO A 1 102 ? -14.449 -5.367  -10.806 1.00 18.50 ? 166 PRO A N   1 
ATOM   728  C  CA  . PRO A 1 102 ? -13.968 -3.987  -10.858 1.00 20.13 ? 166 PRO A CA  1 
ATOM   729  C  C   . PRO A 1 102 ? -14.190 -3.277  -9.529  1.00 20.51 ? 166 PRO A C   1 
ATOM   730  O  O   . PRO A 1 102 ? -15.011 -3.704  -8.722  1.00 20.38 ? 166 PRO A O   1 
ATOM   731  C  CB  . PRO A 1 102 ? -14.811 -3.388  -11.976 1.00 20.48 ? 166 PRO A CB  1 
ATOM   732  C  CG  . PRO A 1 102 ? -16.149 -4.034  -11.710 1.00 18.70 ? 166 PRO A CG  1 
ATOM   733  C  CD  . PRO A 1 102 ? -15.771 -5.485  -11.453 1.00 17.34 ? 166 PRO A CD  1 
ATOM   734  N  N   . PHE A 1 103 ? -13.453 -2.194  -9.308  1.00 22.09 ? 167 PHE A N   1 
ATOM   735  C  CA  . PHE A 1 103 ? -13.596 -1.411  -8.091  1.00 24.14 ? 167 PHE A CA  1 
ATOM   736  C  C   . PHE A 1 103 ? -12.832 -0.100  -8.240  1.00 23.53 ? 167 PHE A C   1 
ATOM   737  O  O   . PHE A 1 103 ? -11.723 -0.093  -8.766  1.00 22.98 ? 167 PHE A O   1 
ATOM   738  C  CB  . PHE A 1 103 ? -13.055 -2.186  -6.892  1.00 27.50 ? 167 PHE A CB  1 
ATOM   739  C  CG  . PHE A 1 103 ? -13.410 -1.574  -5.573  1.00 32.25 ? 167 PHE A CG  1 
ATOM   740  C  CD1 . PHE A 1 103 ? -14.659 -1.801  -5.002  1.00 34.22 ? 167 PHE A CD1 1 
ATOM   741  C  CD2 . PHE A 1 103 ? -12.514 -0.731  -4.918  1.00 36.11 ? 167 PHE A CD2 1 
ATOM   742  C  CE1 . PHE A 1 103 ? -15.019 -1.195  -3.792  1.00 36.29 ? 167 PHE A CE1 1 
ATOM   743  C  CE2 . PHE A 1 103 ? -12.858 -0.116  -3.707  1.00 37.73 ? 167 PHE A CE2 1 
ATOM   744  C  CZ  . PHE A 1 103 ? -14.116 -0.349  -3.142  1.00 37.03 ? 167 PHE A CZ  1 
ATOM   745  N  N   . ASP A 1 104 ? -13.432 1.010   -7.812  1.00 23.93 ? 168 ASP A N   1 
ATOM   746  C  CA  . ASP A 1 104 ? -12.751 2.302   -7.899  1.00 23.82 ? 168 ASP A CA  1 
ATOM   747  C  C   . ASP A 1 104 ? -11.814 2.370   -6.707  1.00 22.90 ? 168 ASP A C   1 
ATOM   748  O  O   . ASP A 1 104 ? -12.252 2.416   -5.559  1.00 23.11 ? 168 ASP A O   1 
ATOM   749  C  CB  . ASP A 1 104 ? -13.743 3.468   -7.847  1.00 25.44 ? 168 ASP A CB  1 
ATOM   750  C  CG  . ASP A 1 104 ? -14.698 3.481   -9.024  1.00 27.09 ? 168 ASP A CG  1 
ATOM   751  O  OD1 . ASP A 1 104 ? -14.387 2.856   -10.060 1.00 29.46 ? 168 ASP A OD1 1 
ATOM   752  O  OD2 . ASP A 1 104 ? -15.760 4.132   -8.920  1.00 29.39 ? 168 ASP A OD2 1 
ATOM   753  N  N   . GLU A 1 105 ? -10.521 2.364   -6.981  1.00 22.94 ? 169 GLU A N   1 
ATOM   754  C  CA  . GLU A 1 105 ? -9.530  2.383   -5.917  1.00 22.12 ? 169 GLU A CA  1 
ATOM   755  C  C   . GLU A 1 105 ? -8.927  3.748   -5.659  1.00 20.88 ? 169 GLU A C   1 
ATOM   756  O  O   . GLU A 1 105 ? -8.747  4.549   -6.569  1.00 20.70 ? 169 GLU A O   1 
ATOM   757  C  CB  . GLU A 1 105 ? -8.393  1.418   -6.243  1.00 22.13 ? 169 GLU A CB  1 
ATOM   758  C  CG  . GLU A 1 105 ? -8.772  -0.047  -6.252  1.00 23.53 ? 169 GLU A CG  1 
ATOM   759  C  CD  . GLU A 1 105 ? -7.615  -0.927  -6.697  1.00 23.44 ? 169 GLU A CD  1 
ATOM   760  O  OE1 . GLU A 1 105 ? -6.472  -0.640  -6.284  1.00 22.60 ? 169 GLU A OE1 1 
ATOM   761  O  OE2 . GLU A 1 105 ? -7.846  -1.900  -7.449  1.00 22.77 ? 169 GLU A OE2 1 
ATOM   762  N  N   . GLY A 1 106 ? -8.621  3.998   -4.396  1.00 19.67 ? 170 GLY A N   1 
ATOM   763  C  CA  . GLY A 1 106 ? -7.978  5.234   -4.015  1.00 19.05 ? 170 GLY A CA  1 
ATOM   764  C  C   . GLY A 1 106 ? -6.626  4.826   -3.453  1.00 18.67 ? 170 GLY A C   1 
ATOM   765  O  O   . GLY A 1 106 ? -6.381  3.631   -3.235  1.00 17.96 ? 170 GLY A O   1 
ATOM   766  N  N   . CYS A 1 107 ? -5.747  5.797   -3.231  1.00 17.42 ? 171 CYS A N   1 
ATOM   767  C  CA  . CYS A 1 107 ? -4.424  5.528   -2.674  1.00 17.06 ? 171 CYS A CA  1 
ATOM   768  C  C   . CYS A 1 107 ? -3.934  6.785   -1.984  1.00 17.44 ? 171 CYS A C   1 
ATOM   769  O  O   . CYS A 1 107 ? -4.086  7.894   -2.507  1.00 18.49 ? 171 CYS A O   1 
ATOM   770  C  CB  . CYS A 1 107 ? -3.431  5.120   -3.776  1.00 16.60 ? 171 CYS A CB  1 
ATOM   771  S  SG  . CYS A 1 107 ? -1.743  4.776   -3.185  1.00 14.82 ? 171 CYS A SG  1 
ATOM   772  N  N   . LEU A 1 108 ? -3.348  6.606   -0.807  1.00 18.73 ? 172 LEU A N   1 
ATOM   773  C  CA  . LEU A 1 108 ? -2.832  7.717   -0.018  1.00 17.31 ? 172 LEU A CA  1 
ATOM   774  C  C   . LEU A 1 108 ? -1.688  8.449   -0.710  1.00 16.47 ? 172 LEU A C   1 
ATOM   775  O  O   . LEU A 1 108 ? -1.404  9.605   -0.395  1.00 18.35 ? 172 LEU A O   1 
ATOM   776  C  CB  . LEU A 1 108 ? -2.383  7.212   1.363   1.00 18.23 ? 172 LEU A CB  1 
ATOM   777  C  CG  . LEU A 1 108 ? -3.396  7.189   2.523   1.00 17.63 ? 172 LEU A CG  1 
ATOM   778  C  CD1 . LEU A 1 108 ? -4.809  7.398   2.026   1.00 17.60 ? 172 LEU A CD1 1 
ATOM   779  C  CD2 . LEU A 1 108 ? -3.272  5.875   3.272   1.00 17.14 ? 172 LEU A CD2 1 
ATOM   780  N  N   . SER A 1 109 ? -1.036  7.788   -1.658  1.00 14.91 ? 173 SER A N   1 
ATOM   781  C  CA  . SER A 1 109 ? 0.071   8.415   -2.372  1.00 13.93 ? 173 SER A CA  1 
ATOM   782  C  C   . SER A 1 109 ? -0.411  9.177   -3.604  1.00 15.29 ? 173 SER A C   1 
ATOM   783  O  O   . SER A 1 109 ? 0.391   9.739   -4.353  1.00 16.06 ? 173 SER A O   1 
ATOM   784  C  CB  . SER A 1 109 ? 1.092   7.362   -2.785  1.00 11.80 ? 173 SER A CB  1 
ATOM   785  O  OG  . SER A 1 109 ? 1.676   6.757   -1.642  1.00 12.25 ? 173 SER A OG  1 
ATOM   786  N  N   . PHE A 1 110 ? -1.724  9.181   -3.808  1.00 15.30 ? 174 PHE A N   1 
ATOM   787  C  CA  . PHE A 1 110 ? -2.353  9.866   -4.938  1.00 15.67 ? 174 PHE A CA  1 
ATOM   788  C  C   . PHE A 1 110 ? -3.569  10.602  -4.371  1.00 15.29 ? 174 PHE A C   1 
ATOM   789  O  O   . PHE A 1 110 ? -4.719  10.243  -4.630  1.00 14.33 ? 174 PHE A O   1 
ATOM   790  C  CB  . PHE A 1 110 ? -2.803  8.849   -5.994  1.00 16.71 ? 174 PHE A CB  1 
ATOM   791  C  CG  . PHE A 1 110 ? -1.669  8.113   -6.667  1.00 16.07 ? 174 PHE A CG  1 
ATOM   792  C  CD1 . PHE A 1 110 ? -1.222  8.503   -7.930  1.00 15.54 ? 174 PHE A CD1 1 
ATOM   793  C  CD2 . PHE A 1 110 ? -1.071  7.014   -6.055  1.00 17.54 ? 174 PHE A CD2 1 
ATOM   794  C  CE1 . PHE A 1 110 ? -0.199  7.805   -8.579  1.00 15.21 ? 174 PHE A CE1 1 
ATOM   795  C  CE2 . PHE A 1 110 ? -0.042  6.308   -6.696  1.00 17.98 ? 174 PHE A CE2 1 
ATOM   796  C  CZ  . PHE A 1 110 ? 0.393   6.707   -7.962  1.00 17.14 ? 174 PHE A CZ  1 
ATOM   797  N  N   . PRO A 1 111 ? -3.318  11.657  -3.591  1.00 16.63 ? 175 PRO A N   1 
ATOM   798  C  CA  . PRO A 1 111 ? -4.362  12.465  -2.957  1.00 18.20 ? 175 PRO A CA  1 
ATOM   799  C  C   . PRO A 1 111 ? -5.610  12.717  -3.788  1.00 18.71 ? 175 PRO A C   1 
ATOM   800  O  O   . PRO A 1 111 ? -5.546  13.326  -4.857  1.00 18.23 ? 175 PRO A O   1 
ATOM   801  C  CB  . PRO A 1 111 ? -3.624  13.751  -2.601  1.00 18.90 ? 175 PRO A CB  1 
ATOM   802  C  CG  . PRO A 1 111 ? -2.246  13.244  -2.270  1.00 16.88 ? 175 PRO A CG  1 
ATOM   803  C  CD  . PRO A 1 111 ? -1.993  12.281  -3.405  1.00 16.36 ? 175 PRO A CD  1 
ATOM   804  N  N   . GLY A 1 112 ? -6.742  12.226  -3.281  1.00 20.20 ? 176 GLY A N   1 
ATOM   805  C  CA  . GLY A 1 112 ? -8.030  12.412  -3.934  1.00 18.57 ? 176 GLY A CA  1 
ATOM   806  C  C   . GLY A 1 112 ? -8.217  11.847  -5.330  1.00 17.83 ? 176 GLY A C   1 
ATOM   807  O  O   . GLY A 1 112 ? -9.171  12.205  -6.026  1.00 14.94 ? 176 GLY A O   1 
ATOM   808  N  N   . ILE A 1 113 ? -7.323  10.966  -5.759  1.00 17.38 ? 177 ILE A N   1 
ATOM   809  C  CA  . ILE A 1 113 ? -7.463  10.391  -7.087  1.00 18.52 ? 177 ILE A CA  1 
ATOM   810  C  C   . ILE A 1 113 ? -8.115  9.016   -7.002  1.00 18.18 ? 177 ILE A C   1 
ATOM   811  O  O   . ILE A 1 113 ? -7.709  8.176   -6.201  1.00 17.02 ? 177 ILE A O   1 
ATOM   812  C  CB  . ILE A 1 113 ? -6.091  10.306  -7.795  1.00 18.32 ? 177 ILE A CB  1 
ATOM   813  C  CG1 . ILE A 1 113 ? -5.545  11.722  -8.009  1.00 19.26 ? 177 ILE A CG1 1 
ATOM   814  C  CG2 . ILE A 1 113 ? -6.221  9.570   -9.116  1.00 18.94 ? 177 ILE A CG2 1 
ATOM   815  C  CD1 . ILE A 1 113 ? -4.178  11.781  -8.685  1.00 18.24 ? 177 ILE A CD1 1 
ATOM   816  N  N   . TYR A 1 114 ? -9.154  8.806   -7.807  1.00 19.55 ? 178 TYR A N   1 
ATOM   817  C  CA  . TYR A 1 114 ? -9.855  7.524   -7.823  1.00 21.69 ? 178 TYR A CA  1 
ATOM   818  C  C   . TYR A 1 114 ? -10.167 7.063   -9.238  1.00 21.38 ? 178 TYR A C   1 
ATOM   819  O  O   . TYR A 1 114 ? -10.715 7.819   -10.041 1.00 22.25 ? 178 TYR A O   1 
ATOM   820  C  CB  . TYR A 1 114 ? -11.162 7.597   -7.027  1.00 22.47 ? 178 TYR A CB  1 
ATOM   821  C  CG  . TYR A 1 114 ? -10.990 8.015   -5.584  1.00 25.35 ? 178 TYR A CG  1 
ATOM   822  C  CD1 . TYR A 1 114 ? -10.729 9.350   -5.254  1.00 24.94 ? 178 TYR A CD1 1 
ATOM   823  C  CD2 . TYR A 1 114 ? -11.067 7.080   -4.545  1.00 24.26 ? 178 TYR A CD2 1 
ATOM   824  C  CE1 . TYR A 1 114 ? -10.548 9.746   -3.930  1.00 24.72 ? 178 TYR A CE1 1 
ATOM   825  C  CE2 . TYR A 1 114 ? -10.887 7.473   -3.209  1.00 25.75 ? 178 TYR A CE2 1 
ATOM   826  C  CZ  . TYR A 1 114 ? -10.628 8.812   -2.914  1.00 26.43 ? 178 TYR A CZ  1 
ATOM   827  O  OH  . TYR A 1 114 ? -10.452 9.233   -1.609  1.00 28.03 ? 178 TYR A OH  1 
ATOM   828  N  N   . ALA A 1 115 ? -9.812  5.821   -9.541  1.00 20.16 ? 179 ALA A N   1 
ATOM   829  C  CA  . ALA A 1 115 ? -10.080 5.258   -10.861 1.00 20.42 ? 179 ALA A CA  1 
ATOM   830  C  C   . ALA A 1 115 ? -10.351 3.769   -10.729 1.00 19.83 ? 179 ALA A C   1 
ATOM   831  O  O   . ALA A 1 115 ? -9.973  3.144   -9.737  1.00 19.29 ? 179 ALA A O   1 
ATOM   832  C  CB  . ALA A 1 115 ? -8.906  5.510   -11.791 1.00 20.03 ? 179 ALA A CB  1 
ATOM   833  N  N   . GLU A 1 116 ? -11.013 3.202   -11.730 1.00 19.82 ? 180 GLU A N   1 
ATOM   834  C  CA  . GLU A 1 116 ? -11.364 1.787   -11.708 1.00 20.35 ? 180 GLU A CA  1 
ATOM   835  C  C   . GLU A 1 116 ? -10.210 0.805   -11.959 1.00 18.79 ? 180 GLU A C   1 
ATOM   836  O  O   . GLU A 1 116 ? -9.424  0.971   -12.886 1.00 18.89 ? 180 GLU A O   1 
ATOM   837  C  CB  . GLU A 1 116 ? -12.473 1.526   -12.730 1.00 22.41 ? 180 GLU A CB  1 
ATOM   838  C  CG  . GLU A 1 116 ? -13.024 0.112   -12.681 1.00 25.98 ? 180 GLU A CG  1 
ATOM   839  C  CD  . GLU A 1 116 ? -14.151 -0.117  -13.669 1.00 26.81 ? 180 GLU A CD  1 
ATOM   840  O  OE1 . GLU A 1 116 ? -13.867 -0.487  -14.829 1.00 26.70 ? 180 GLU A OE1 1 
ATOM   841  O  OE2 . GLU A 1 116 ? -15.322 0.079   -13.277 1.00 27.33 ? 180 GLU A OE2 1 
ATOM   842  N  N   . VAL A 1 117 ? -10.117 -0.223  -11.127 1.00 17.84 ? 181 VAL A N   1 
ATOM   843  C  CA  . VAL A 1 117 ? -9.088  -1.244  -11.294 1.00 18.36 ? 181 VAL A CA  1 
ATOM   844  C  C   . VAL A 1 117 ? -9.760  -2.618  -11.242 1.00 18.49 ? 181 VAL A C   1 
ATOM   845  O  O   . VAL A 1 117 ? -10.667 -2.841  -10.443 1.00 18.82 ? 181 VAL A O   1 
ATOM   846  C  CB  . VAL A 1 117 ? -8.005  -1.159  -10.182 1.00 19.47 ? 181 VAL A CB  1 
ATOM   847  C  CG1 . VAL A 1 117 ? -6.916  -2.195  -10.436 1.00 19.18 ? 181 VAL A CG1 1 
ATOM   848  C  CG2 . VAL A 1 117 ? -7.395  0.243   -10.139 1.00 16.73 ? 181 VAL A CG2 1 
ATOM   849  N  N   . VAL A 1 118 ? -9.336  -3.533  -12.108 1.00 18.40 ? 182 VAL A N   1 
ATOM   850  C  CA  . VAL A 1 118 ? -9.905  -4.881  -12.132 1.00 17.35 ? 182 VAL A CA  1 
ATOM   851  C  C   . VAL A 1 118 ? -8.929  -5.877  -11.511 1.00 16.24 ? 182 VAL A C   1 
ATOM   852  O  O   . VAL A 1 118 ? -7.778  -5.973  -11.934 1.00 16.99 ? 182 VAL A O   1 
ATOM   853  C  CB  . VAL A 1 118 ? -10.226 -5.327  -13.581 1.00 18.80 ? 182 VAL A CB  1 
ATOM   854  C  CG1 . VAL A 1 118 ? -10.826 -6.724  -13.583 1.00 18.22 ? 182 VAL A CG1 1 
ATOM   855  C  CG2 . VAL A 1 118 ? -11.191 -4.339  -14.226 1.00 18.59 ? 182 VAL A CG2 1 
ATOM   856  N  N   . ARG A 1 119 ? -9.385  -6.611  -10.500 1.00 15.11 ? 183 ARG A N   1 
ATOM   857  C  CA  . ARG A 1 119 ? -8.529  -7.595  -9.835  1.00 13.15 ? 183 ARG A CA  1 
ATOM   858  C  C   . ARG A 1 119 ? -9.304  -8.859  -9.484  1.00 13.30 ? 183 ARG A C   1 
ATOM   859  O  O   . ARG A 1 119 ? -10.540 -8.861  -9.461  1.00 11.77 ? 183 ARG A O   1 
ATOM   860  C  CB  . ARG A 1 119 ? -7.971  -7.043  -8.518  1.00 14.24 ? 183 ARG A CB  1 
ATOM   861  C  CG  . ARG A 1 119 ? -7.226  -5.721  -8.559  1.00 11.52 ? 183 ARG A CG  1 
ATOM   862  C  CD  . ARG A 1 119 ? -6.792  -5.393  -7.133  1.00 13.70 ? 183 ARG A CD  1 
ATOM   863  N  NE  . ARG A 1 119 ? -6.205  -4.066  -6.981  1.00 13.14 ? 183 ARG A NE  1 
ATOM   864  C  CZ  . ARG A 1 119 ? -4.929  -3.777  -7.201  1.00 13.56 ? 183 ARG A CZ  1 
ATOM   865  N  NH1 . ARG A 1 119 ? -4.087  -4.731  -7.588  1.00 12.01 ? 183 ARG A NH1 1 
ATOM   866  N  NH2 . ARG A 1 119 ? -4.499  -2.527  -7.033  1.00 9.63  ? 183 ARG A NH2 1 
ATOM   867  N  N   . PRO A 1 120 ? -8.581  -9.961  -9.210  1.00 12.93 ? 184 PRO A N   1 
ATOM   868  C  CA  . PRO A 1 120 ? -9.264  -11.205 -8.842  1.00 12.03 ? 184 PRO A CA  1 
ATOM   869  C  C   . PRO A 1 120 ? -10.068 -10.866 -7.585  1.00 11.37 ? 184 PRO A C   1 
ATOM   870  O  O   . PRO A 1 120 ? -9.636  -10.029 -6.787  1.00 10.51 ? 184 PRO A O   1 
ATOM   871  C  CB  . PRO A 1 120 ? -8.105  -12.159 -8.559  1.00 10.98 ? 184 PRO A CB  1 
ATOM   872  C  CG  . PRO A 1 120 ? -7.048  -11.690 -9.516  1.00 10.90 ? 184 PRO A CG  1 
ATOM   873  C  CD  . PRO A 1 120 ? -7.132  -10.182 -9.374  1.00 11.95 ? 184 PRO A CD  1 
ATOM   874  N  N   . GLN A 1 121 ? -11.226 -11.491 -7.401  1.00 12.30 ? 185 GLN A N   1 
ATOM   875  C  CA  . GLN A 1 121 ? -12.062 -11.174 -6.240  1.00 14.70 ? 185 GLN A CA  1 
ATOM   876  C  C   . GLN A 1 121 ? -11.581 -11.703 -4.892  1.00 15.02 ? 185 GLN A C   1 
ATOM   877  O  O   . GLN A 1 121 ? -11.995 -11.207 -3.848  1.00 16.03 ? 185 GLN A O   1 
ATOM   878  C  CB  . GLN A 1 121 ? -13.515 -11.632 -6.477  1.00 14.85 ? 185 GLN A CB  1 
ATOM   879  C  CG  . GLN A 1 121 ? -13.700 -13.109 -6.764  1.00 16.07 ? 185 GLN A CG  1 
ATOM   880  C  CD  . GLN A 1 121 ? -15.166 -13.488 -6.957  1.00 19.24 ? 185 GLN A CD  1 
ATOM   881  O  OE1 . GLN A 1 121 ? -15.977 -12.668 -7.379  1.00 20.77 ? 185 GLN A OE1 1 
ATOM   882  N  NE2 . GLN A 1 121 ? -15.504 -14.741 -6.663  1.00 17.36 ? 185 GLN A NE2 1 
ATOM   883  N  N   . SER A 1 122 ? -10.713 -12.705 -4.903  1.00 16.35 ? 186 SER A N   1 
ATOM   884  C  CA  . SER A 1 122 ? -10.224 -13.272 -3.653  1.00 16.41 ? 186 SER A CA  1 
ATOM   885  C  C   . SER A 1 122 ? -8.824  -13.845 -3.799  1.00 17.51 ? 186 SER A C   1 
ATOM   886  O  O   . SER A 1 122 ? -8.367  -14.137 -4.909  1.00 16.24 ? 186 SER A O   1 
ATOM   887  C  CB  . SER A 1 122 ? -11.156 -14.374 -3.179  1.00 16.06 ? 186 SER A CB  1 
ATOM   888  O  OG  . SER A 1 122 ? -11.095 -15.460 -4.076  1.00 16.32 ? 186 SER A OG  1 
ATOM   889  N  N   . VAL A 1 123 ? -8.156  -14.014 -2.662  1.00 17.42 ? 187 VAL A N   1 
ATOM   890  C  CA  . VAL A 1 123 ? -6.798  -14.539 -2.629  1.00 16.17 ? 187 VAL A CA  1 
ATOM   891  C  C   . VAL A 1 123 ? -6.572  -15.383 -1.385  1.00 18.63 ? 187 VAL A C   1 
ATOM   892  O  O   . VAL A 1 123 ? -7.341  -15.332 -0.418  1.00 16.34 ? 187 VAL A O   1 
ATOM   893  C  CB  . VAL A 1 123 ? -5.756  -13.395 -2.596  1.00 15.17 ? 187 VAL A CB  1 
ATOM   894  C  CG1 . VAL A 1 123 ? -5.708  -12.676 -3.923  1.00 12.52 ? 187 VAL A CG1 1 
ATOM   895  C  CG2 . VAL A 1 123 ? -6.115  -12.415 -1.488  1.00 15.03 ? 187 VAL A CG2 1 
ATOM   896  N  N   . LYS A 1 124 ? -5.490  -16.150 -1.435  1.00 21.55 ? 188 LYS A N   1 
ATOM   897  C  CA  . LYS A 1 124 ? -5.051  -17.021 -0.354  1.00 23.91 ? 188 LYS A CA  1 
ATOM   898  C  C   . LYS A 1 124 ? -3.636  -16.539 -0.055  1.00 23.76 ? 188 LYS A C   1 
ATOM   899  O  O   . LYS A 1 124 ? -2.786  -16.530 -0.946  1.00 24.84 ? 188 LYS A O   1 
ATOM   900  C  CB  . LYS A 1 124 ? -5.031  -18.472 -0.836  1.00 27.27 ? 188 LYS A CB  1 
ATOM   901  C  CG  . LYS A 1 124 ? -4.259  -19.423 0.066   1.00 32.79 ? 188 LYS A CG  1 
ATOM   902  C  CD  . LYS A 1 124 ? -4.204  -20.838 -0.523  1.00 37.01 ? 188 LYS A CD  1 
ATOM   903  C  CE  . LYS A 1 124 ? -5.591  -21.486 -0.600  1.00 39.27 ? 188 LYS A CE  1 
ATOM   904  N  NZ  . LYS A 1 124 ? -5.530  -22.901 -1.094  1.00 40.18 ? 188 LYS A NZ  1 
ATOM   905  N  N   . ILE A 1 125 ? -3.382  -16.135 1.185   1.00 24.55 ? 189 ILE A N   1 
ATOM   906  C  CA  . ILE A 1 125 ? -2.069  -15.613 1.558   1.00 25.64 ? 189 ILE A CA  1 
ATOM   907  C  C   . ILE A 1 125 ? -1.303  -16.401 2.618   1.00 26.30 ? 189 ILE A C   1 
ATOM   908  O  O   . ILE A 1 125 ? -1.880  -17.112 3.435   1.00 28.82 ? 189 ILE A O   1 
ATOM   909  C  CB  . ILE A 1 125 ? -2.181  -14.161 2.079   1.00 25.53 ? 189 ILE A CB  1 
ATOM   910  C  CG1 . ILE A 1 125 ? -2.872  -13.279 1.039   1.00 25.44 ? 189 ILE A CG1 1 
ATOM   911  C  CG2 . ILE A 1 125 ? -0.802  -13.608 2.408   1.00 27.76 ? 189 ILE A CG2 1 
ATOM   912  C  CD1 . ILE A 1 125 ? -4.374  -13.284 1.154   1.00 27.47 ? 189 ILE A CD1 1 
ATOM   913  N  N   . ASP A 1 126 ? 0.015   -16.244 2.585   1.00 26.60 ? 190 ASP A N   1 
ATOM   914  C  CA  . ASP A 1 126 ? 0.937   -16.855 3.534   1.00 24.80 ? 190 ASP A CA  1 
ATOM   915  C  C   . ASP A 1 126 ? 1.735   -15.653 4.024   1.00 22.80 ? 190 ASP A C   1 
ATOM   916  O  O   . ASP A 1 126 ? 2.141   -14.819 3.221   1.00 24.22 ? 190 ASP A O   1 
ATOM   917  C  CB  . ASP A 1 126 ? 1.868   -17.837 2.819   1.00 27.30 ? 190 ASP A CB  1 
ATOM   918  C  CG  . ASP A 1 126 ? 1.567   -19.290 3.158   1.00 28.81 ? 190 ASP A CG  1 
ATOM   919  O  OD1 . ASP A 1 126 ? 0.377   -19.661 3.242   1.00 32.05 ? 190 ASP A OD1 1 
ATOM   920  O  OD2 . ASP A 1 126 ? 2.529   -20.067 3.329   1.00 31.56 ? 190 ASP A OD2 1 
ATOM   921  N  N   . ALA A 1 127 ? 1.949   -15.539 5.326   1.00 20.35 ? 191 ALA A N   1 
ATOM   922  C  CA  . ALA A 1 127 ? 2.706   -14.408 5.851   1.00 18.19 ? 191 ALA A CA  1 
ATOM   923  C  C   . ALA A 1 127 ? 3.187   -14.696 7.260   1.00 15.90 ? 191 ALA A C   1 
ATOM   924  O  O   . ALA A 1 127 ? 2.961   -15.780 7.785   1.00 13.32 ? 191 ALA A O   1 
ATOM   925  C  CB  . ALA A 1 127 ? 1.831   -13.157 5.849   1.00 15.50 ? 191 ALA A CB  1 
ATOM   926  N  N   . ARG A 1 128 ? 3.863   -13.718 7.859   1.00 16.45 ? 192 ARG A N   1 
ATOM   927  C  CA  . ARG A 1 128 ? 4.340   -13.837 9.236   1.00 16.10 ? 192 ARG A CA  1 
ATOM   928  C  C   . ARG A 1 128 ? 3.737   -12.675 10.015  1.00 15.03 ? 192 ARG A C   1 
ATOM   929  O  O   . ARG A 1 128 ? 3.369   -11.664 9.432   1.00 13.39 ? 192 ARG A O   1 
ATOM   930  C  CB  . ARG A 1 128 ? 5.859   -13.713 9.323   1.00 14.40 ? 192 ARG A CB  1 
ATOM   931  C  CG  . ARG A 1 128 ? 6.675   -14.779 8.623   1.00 15.82 ? 192 ARG A CG  1 
ATOM   932  C  CD  . ARG A 1 128 ? 8.141   -14.373 8.680   1.00 13.88 ? 192 ARG A CD  1 
ATOM   933  N  NE  . ARG A 1 128 ? 9.040   -15.287 7.987   1.00 16.48 ? 192 ARG A NE  1 
ATOM   934  C  CZ  . ARG A 1 128 ? 9.343   -16.512 8.408   1.00 17.46 ? 192 ARG A CZ  1 
ATOM   935  N  NH1 . ARG A 1 128 ? 8.814   -16.988 9.528   1.00 18.04 ? 192 ARG A NH1 1 
ATOM   936  N  NH2 . ARG A 1 128 ? 10.193  -17.256 7.713   1.00 16.11 ? 192 ARG A NH2 1 
ATOM   937  N  N   . ASP A 1 129 ? 3.650   -12.821 11.332  1.00 16.39 ? 193 ASP A N   1 
ATOM   938  C  CA  . ASP A 1 129 ? 3.129   -11.766 12.191  1.00 17.67 ? 193 ASP A CA  1 
ATOM   939  C  C   . ASP A 1 129 ? 4.359   -11.021 12.726  1.00 18.10 ? 193 ASP A C   1 
ATOM   940  O  O   . ASP A 1 129 ? 5.481   -11.328 12.318  1.00 15.04 ? 193 ASP A O   1 
ATOM   941  C  CB  . ASP A 1 129 ? 2.309   -12.375 13.333  1.00 19.43 ? 193 ASP A CB  1 
ATOM   942  C  CG  . ASP A 1 129 ? 3.171   -13.062 14.375  1.00 20.78 ? 193 ASP A CG  1 
ATOM   943  O  OD1 . ASP A 1 129 ? 4.222   -13.642 14.022  1.00 21.57 ? 193 ASP A OD1 1 
ATOM   944  O  OD2 . ASP A 1 129 ? 2.783   -13.030 15.559  1.00 25.14 ? 193 ASP A OD2 1 
ATOM   945  N  N   . ILE A 1 130 ? 4.164   -10.061 13.630  1.00 18.76 ? 194 ILE A N   1 
ATOM   946  C  CA  . ILE A 1 130 ? 5.298   -9.296  14.151  1.00 20.23 ? 194 ILE A CA  1 
ATOM   947  C  C   . ILE A 1 130 ? 6.271   -10.091 15.008  1.00 21.00 ? 194 ILE A C   1 
ATOM   948  O  O   . ILE A 1 130 ? 7.392   -9.645  15.239  1.00 22.34 ? 194 ILE A O   1 
ATOM   949  C  CB  . ILE A 1 130 ? 4.857   -8.061  14.965  1.00 20.66 ? 194 ILE A CB  1 
ATOM   950  C  CG1 . ILE A 1 130 ? 3.920   -8.470  16.098  1.00 21.51 ? 194 ILE A CG1 1 
ATOM   951  C  CG2 . ILE A 1 130 ? 4.207   -7.041  14.054  1.00 22.24 ? 194 ILE A CG2 1 
ATOM   952  C  CD1 . ILE A 1 130 ? 3.559   -7.308  17.028  1.00 22.20 ? 194 ILE A CD1 1 
ATOM   953  N  N   . THR A 1 131 ? 5.858   -11.260 15.485  1.00 20.12 ? 195 THR A N   1 
ATOM   954  C  CA  . THR A 1 131 ? 6.754   -12.070 16.302  1.00 21.02 ? 195 THR A CA  1 
ATOM   955  C  C   . THR A 1 131 ? 7.511   -13.021 15.386  1.00 21.32 ? 195 THR A C   1 
ATOM   956  O  O   . THR A 1 131 ? 8.381   -13.771 15.832  1.00 20.49 ? 195 THR A O   1 
ATOM   957  C  CB  . THR A 1 131 ? 5.992   -12.899 17.378  1.00 20.58 ? 195 THR A CB  1 
ATOM   958  O  OG1 . THR A 1 131 ? 5.108   -13.833 16.742  1.00 17.00 ? 195 THR A OG1 1 
ATOM   959  C  CG2 . THR A 1 131 ? 5.195   -11.983 18.291  1.00 19.52 ? 195 THR A CG2 1 
ATOM   960  N  N   . GLY A 1 132 ? 7.164   -12.983 14.102  1.00 21.82 ? 196 GLY A N   1 
ATOM   961  C  CA  . GLY A 1 132 ? 7.815   -13.836 13.125  1.00 21.81 ? 196 GLY A CA  1 
ATOM   962  C  C   . GLY A 1 132 ? 7.124   -15.169 12.922  1.00 22.72 ? 196 GLY A C   1 
ATOM   963  O  O   . GLY A 1 132 ? 7.610   -16.003 12.166  1.00 22.30 ? 196 GLY A O   1 
ATOM   964  N  N   . GLU A 1 133 ? 5.997   -15.383 13.595  1.00 25.06 ? 197 GLU A N   1 
ATOM   965  C  CA  . GLU A 1 133 ? 5.271   -16.638 13.444  1.00 26.56 ? 197 GLU A CA  1 
ATOM   966  C  C   . GLU A 1 133 ? 4.472   -16.588 12.159  1.00 26.44 ? 197 GLU A C   1 
ATOM   967  O  O   . GLU A 1 133 ? 3.865   -15.568 11.833  1.00 26.96 ? 197 GLU A O   1 
ATOM   968  C  CB  . GLU A 1 133 ? 4.329   -16.888 14.625  1.00 28.93 ? 197 GLU A CB  1 
ATOM   969  C  CG  . GLU A 1 133 ? 5.021   -17.024 15.979  1.00 35.06 ? 197 GLU A CG  1 
ATOM   970  C  CD  . GLU A 1 133 ? 6.085   -18.114 16.009  1.00 38.87 ? 197 GLU A CD  1 
ATOM   971  O  OE1 . GLU A 1 133 ? 6.787   -18.223 17.042  1.00 41.68 ? 197 GLU A OE1 1 
ATOM   972  O  OE2 . GLU A 1 133 ? 6.227   -18.857 15.010  1.00 39.91 ? 197 GLU A OE2 1 
ATOM   973  N  N   . ARG A 1 134 ? 4.478   -17.690 11.425  1.00 26.37 ? 198 ARG A N   1 
ATOM   974  C  CA  . ARG A 1 134 ? 3.755   -17.750 10.167  1.00 26.75 ? 198 ARG A CA  1 
ATOM   975  C  C   . ARG A 1 134 ? 2.270   -18.021 10.379  1.00 25.54 ? 198 ARG A C   1 
ATOM   976  O  O   . ARG A 1 134 ? 1.854   -18.573 11.404  1.00 25.34 ? 198 ARG A O   1 
ATOM   977  C  CB  . ARG A 1 134 ? 4.345   -18.840 9.277   1.00 30.00 ? 198 ARG A CB  1 
ATOM   978  C  CG  . ARG A 1 134 ? 5.867   -18.856 9.254   1.00 35.25 ? 198 ARG A CG  1 
ATOM   979  C  CD  . ARG A 1 134 ? 6.384   -19.239 7.883   1.00 39.93 ? 198 ARG A CD  1 
ATOM   980  N  NE  . ARG A 1 134 ? 5.874   -18.318 6.868   1.00 44.21 ? 198 ARG A NE  1 
ATOM   981  C  CZ  . ARG A 1 134 ? 6.333   -18.242 5.625   1.00 45.77 ? 198 ARG A CZ  1 
ATOM   982  N  NH1 . ARG A 1 134 ? 7.324   -19.039 5.235   1.00 45.14 ? 198 ARG A NH1 1 
ATOM   983  N  NH2 . ARG A 1 134 ? 5.797   -17.372 4.771   1.00 46.02 ? 198 ARG A NH2 1 
ATOM   984  N  N   . PHE A 1 135 ? 1.472   -17.613 9.402   1.00 23.24 ? 199 PHE A N   1 
ATOM   985  C  CA  . PHE A 1 135 ? 0.040   -17.830 9.447   1.00 21.37 ? 199 PHE A CA  1 
ATOM   986  C  C   . PHE A 1 135 ? -0.503  -17.767 8.031   1.00 22.04 ? 199 PHE A C   1 
ATOM   987  O  O   . PHE A 1 135 ? 0.138   -17.224 7.132   1.00 20.42 ? 199 PHE A O   1 
ATOM   988  C  CB  . PHE A 1 135 ? -0.645  -16.791 10.347  1.00 19.26 ? 199 PHE A CB  1 
ATOM   989  C  CG  . PHE A 1 135 ? -0.633  -15.382 9.803   1.00 17.69 ? 199 PHE A CG  1 
ATOM   990  C  CD1 . PHE A 1 135 ? -1.604  -14.961 8.893   1.00 15.68 ? 199 PHE A CD1 1 
ATOM   991  C  CD2 . PHE A 1 135 ? 0.326   -14.461 10.240  1.00 16.80 ? 199 PHE A CD2 1 
ATOM   992  C  CE1 . PHE A 1 135 ? -1.622  -13.639 8.428   1.00 16.39 ? 199 PHE A CE1 1 
ATOM   993  C  CE2 . PHE A 1 135 ? 0.322   -13.141 9.783   1.00 12.50 ? 199 PHE A CE2 1 
ATOM   994  C  CZ  . PHE A 1 135 ? -0.654  -12.727 8.878   1.00 15.11 ? 199 PHE A CZ  1 
ATOM   995  N  N   . SER A 1 136 ? -1.679  -18.343 7.831   1.00 23.93 ? 200 SER A N   1 
ATOM   996  C  CA  . SER A 1 136 ? -2.296  -18.352 6.519   1.00 24.89 ? 200 SER A CA  1 
ATOM   997  C  C   . SER A 1 136 ? -3.758  -17.993 6.640   1.00 25.03 ? 200 SER A C   1 
ATOM   998  O  O   . SER A 1 136 ? -4.422  -18.392 7.594   1.00 26.69 ? 200 SER A O   1 
ATOM   999  C  CB  . SER A 1 136 ? -2.152  -19.730 5.886   1.00 25.21 ? 200 SER A CB  1 
ATOM   1000 O  OG  . SER A 1 136 ? -0.786  -20.092 5.797   1.00 27.46 ? 200 SER A OG  1 
ATOM   1001 N  N   . ILE A 1 137 ? -4.255  -17.232 5.671   1.00 25.60 ? 201 ILE A N   1 
ATOM   1002 C  CA  . ILE A 1 137 ? -5.650  -16.819 5.664   1.00 25.72 ? 201 ILE A CA  1 
ATOM   1003 C  C   . ILE A 1 137 ? -6.173  -16.652 4.241   1.00 24.62 ? 201 ILE A C   1 
ATOM   1004 O  O   . ILE A 1 137 ? -5.405  -16.616 3.271   1.00 23.56 ? 201 ILE A O   1 
ATOM   1005 C  CB  . ILE A 1 137 ? -5.847  -15.479 6.396   1.00 28.06 ? 201 ILE A CB  1 
ATOM   1006 C  CG1 . ILE A 1 137 ? -4.930  -14.420 5.780   1.00 29.25 ? 201 ILE A CG1 1 
ATOM   1007 C  CG2 . ILE A 1 137 ? -5.589  -15.652 7.887   1.00 29.27 ? 201 ILE A CG2 1 
ATOM   1008 C  CD1 . ILE A 1 137 ? -5.201  -13.009 6.267   1.00 31.95 ? 201 ILE A CD1 1 
ATOM   1009 N  N   . SER A 1 138 ? -7.491  -16.556 4.125   1.00 23.50 ? 202 SER A N   1 
ATOM   1010 C  CA  . SER A 1 138 ? -8.136  -16.371 2.833   1.00 22.11 ? 202 SER A CA  1 
ATOM   1011 C  C   . SER A 1 138 ? -8.885  -15.057 2.859   1.00 20.87 ? 202 SER A C   1 
ATOM   1012 O  O   . SER A 1 138 ? -9.629  -14.775 3.793   1.00 19.08 ? 202 SER A O   1 
ATOM   1013 C  CB  . SER A 1 138 ? -9.115  -17.510 2.547   1.00 21.75 ? 202 SER A CB  1 
ATOM   1014 O  OG  . SER A 1 138 ? -8.427  -18.725 2.305   1.00 24.21 ? 202 SER A OG  1 
ATOM   1015 N  N   . LEU A 1 139 ? -8.677  -14.234 1.844   1.00 21.45 ? 203 LEU A N   1 
ATOM   1016 C  CA  . LEU A 1 139 ? -9.377  -12.966 1.793   1.00 22.11 ? 203 LEU A CA  1 
ATOM   1017 C  C   . LEU A 1 139 ? -10.263 -12.887 0.567   1.00 22.04 ? 203 LEU A C   1 
ATOM   1018 O  O   . LEU A 1 139 ? -9.976  -13.487 -0.472  1.00 22.98 ? 203 LEU A O   1 
ATOM   1019 C  CB  . LEU A 1 139 ? -8.389  -11.794 1.794   1.00 21.90 ? 203 LEU A CB  1 
ATOM   1020 C  CG  . LEU A 1 139 ? -7.466  -11.700 3.008   1.00 21.94 ? 203 LEU A CG  1 
ATOM   1021 C  CD1 . LEU A 1 139 ? -6.678  -10.406 2.936   1.00 22.29 ? 203 LEU A CD1 1 
ATOM   1022 C  CD2 . LEU A 1 139 ? -8.285  -11.761 4.291   1.00 20.77 ? 203 LEU A CD2 1 
ATOM   1023 N  N   . SER A 1 140 ? -11.356 -12.154 0.715   1.00 23.09 ? 204 SER A N   1 
ATOM   1024 C  CA  . SER A 1 140 ? -12.308 -11.934 -0.362  1.00 25.43 ? 204 SER A CA  1 
ATOM   1025 C  C   . SER A 1 140 ? -12.903 -10.570 -0.058  1.00 25.83 ? 204 SER A C   1 
ATOM   1026 O  O   . SER A 1 140 ? -12.473 -9.908  0.893   1.00 25.72 ? 204 SER A O   1 
ATOM   1027 C  CB  . SER A 1 140 ? -13.409 -12.989 -0.336  1.00 26.36 ? 204 SER A CB  1 
ATOM   1028 O  OG  . SER A 1 140 ? -14.207 -12.841 0.824   1.00 27.95 ? 204 SER A OG  1 
ATOM   1029 N  N   . ARG A 1 141 ? -13.887 -10.154 -0.849  1.00 26.52 ? 205 ARG A N   1 
ATOM   1030 C  CA  . ARG A 1 141 ? -14.540 -8.869  -0.631  1.00 26.39 ? 205 ARG A CA  1 
ATOM   1031 C  C   . ARG A 1 141 ? -13.537 -7.719  -0.565  1.00 23.86 ? 205 ARG A C   1 
ATOM   1032 O  O   . ARG A 1 141 ? -12.524 -7.720  -1.265  1.00 22.37 ? 205 ARG A O   1 
ATOM   1033 C  CB  . ARG A 1 141 ? -15.348 -8.899  0.670   1.00 30.11 ? 205 ARG A CB  1 
ATOM   1034 C  CG  . ARG A 1 141 ? -16.693 -9.624  0.612   1.00 35.05 ? 205 ARG A CG  1 
ATOM   1035 C  CD  . ARG A 1 141 ? -17.306 -9.637  2.012   1.00 39.21 ? 205 ARG A CD  1 
ATOM   1036 N  NE  . ARG A 1 141 ? -18.765 -9.686  2.021   1.00 42.70 ? 205 ARG A NE  1 
ATOM   1037 C  CZ  . ARG A 1 141 ? -19.498 -9.699  3.134   1.00 46.75 ? 205 ARG A CZ  1 
ATOM   1038 N  NH1 . ARG A 1 141 ? -18.906 -9.667  4.325   1.00 47.11 ? 205 ARG A NH1 1 
ATOM   1039 N  NH2 . ARG A 1 141 ? -20.826 -9.746  3.066   1.00 47.41 ? 205 ARG A NH2 1 
ATOM   1040 N  N   . LEU A 1 142 ? -13.823 -6.751  0.301   1.00 20.19 ? 206 LEU A N   1 
ATOM   1041 C  CA  . LEU A 1 142 ? -12.977 -5.577  0.453   1.00 18.15 ? 206 LEU A CA  1 
ATOM   1042 C  C   . LEU A 1 142 ? -11.580 -5.890  0.974   1.00 16.23 ? 206 LEU A C   1 
ATOM   1043 O  O   . LEU A 1 142 ? -10.597 -5.341  0.470   1.00 13.88 ? 206 LEU A O   1 
ATOM   1044 C  CB  . LEU A 1 142 ? -13.648 -4.552  1.370   1.00 19.20 ? 206 LEU A CB  1 
ATOM   1045 C  CG  . LEU A 1 142 ? -12.909 -3.213  1.514   1.00 22.18 ? 206 LEU A CG  1 
ATOM   1046 C  CD1 . LEU A 1 142 ? -12.833 -2.502  0.156   1.00 18.67 ? 206 LEU A CD1 1 
ATOM   1047 C  CD2 . LEU A 1 142 ? -13.628 -2.339  2.538   1.00 20.80 ? 206 LEU A CD2 1 
ATOM   1048 N  N   . PRO A 1 143 ? -11.469 -6.762  1.995   1.00 15.12 ? 207 PRO A N   1 
ATOM   1049 C  CA  . PRO A 1 143 ? -10.139 -7.091  2.526   1.00 15.99 ? 207 PRO A CA  1 
ATOM   1050 C  C   . PRO A 1 143 ? -9.219  -7.668  1.455   1.00 15.76 ? 207 PRO A C   1 
ATOM   1051 O  O   . PRO A 1 143 ? -8.025  -7.376  1.434   1.00 17.00 ? 207 PRO A O   1 
ATOM   1052 C  CB  . PRO A 1 143 ? -10.446 -8.087  3.646   1.00 14.47 ? 207 PRO A CB  1 
ATOM   1053 C  CG  . PRO A 1 143 ? -11.772 -7.602  4.152   1.00 14.96 ? 207 PRO A CG  1 
ATOM   1054 C  CD  . PRO A 1 143 ? -12.527 -7.313  2.867   1.00 15.61 ? 207 PRO A CD  1 
ATOM   1055 N  N   . ALA A 1 144 ? -9.779  -8.474  0.559   1.00 15.29 ? 208 ALA A N   1 
ATOM   1056 C  CA  . ALA A 1 144 ? -8.986  -9.060  -0.516  1.00 15.00 ? 208 ALA A CA  1 
ATOM   1057 C  C   . ALA A 1 144 ? -8.530  -7.957  -1.472  1.00 13.46 ? 208 ALA A C   1 
ATOM   1058 O  O   . ALA A 1 144 ? -7.403  -7.963  -1.955  1.00 13.98 ? 208 ALA A O   1 
ATOM   1059 C  CB  . ALA A 1 144 ? -9.808  -10.098 -1.270  1.00 15.75 ? 208 ALA A CB  1 
ATOM   1060 N  N   . ARG A 1 145 ? -9.419  -7.008  -1.738  1.00 13.35 ? 209 ARG A N   1 
ATOM   1061 C  CA  . ARG A 1 145 ? -9.108  -5.902  -2.636  1.00 14.15 ? 209 ARG A CA  1 
ATOM   1062 C  C   . ARG A 1 145 ? -8.028  -4.981  -2.038  1.00 14.30 ? 209 ARG A C   1 
ATOM   1063 O  O   . ARG A 1 145 ? -7.066  -4.617  -2.710  1.00 12.15 ? 209 ARG A O   1 
ATOM   1064 C  CB  . ARG A 1 145 ? -10.385 -5.105  -2.939  1.00 15.79 ? 209 ARG A CB  1 
ATOM   1065 C  CG  . ARG A 1 145 ? -10.209 -4.022  -3.981  1.00 17.04 ? 209 ARG A CG  1 
ATOM   1066 C  CD  . ARG A 1 145 ? -9.290  -4.496  -5.091  1.00 20.54 ? 209 ARG A CD  1 
ATOM   1067 N  NE  . ARG A 1 145 ? -9.461  -3.716  -6.306  1.00 23.75 ? 209 ARG A NE  1 
ATOM   1068 C  CZ  . ARG A 1 145 ? -10.342 -4.004  -7.259  1.00 26.55 ? 209 ARG A CZ  1 
ATOM   1069 N  NH1 . ARG A 1 145 ? -11.141 -5.066  -7.155  1.00 26.85 ? 209 ARG A NH1 1 
ATOM   1070 N  NH2 . ARG A 1 145 ? -10.432 -3.219  -8.317  1.00 25.89 ? 209 ARG A NH2 1 
ATOM   1071 N  N   . ILE A 1 146 ? -8.185  -4.610  -0.772  1.00 13.64 ? 210 ILE A N   1 
ATOM   1072 C  CA  . ILE A 1 146 ? -7.198  -3.757  -0.125  1.00 13.28 ? 210 ILE A CA  1 
ATOM   1073 C  C   . ILE A 1 146 ? -5.859  -4.490  -0.098  1.00 13.84 ? 210 ILE A C   1 
ATOM   1074 O  O   . ILE A 1 146 ? -4.808  -3.891  -0.343  1.00 11.29 ? 210 ILE A O   1 
ATOM   1075 C  CB  . ILE A 1 146 ? -7.623  -3.410  1.330   1.00 14.82 ? 210 ILE A CB  1 
ATOM   1076 C  CG1 . ILE A 1 146 ? -8.909  -2.573  1.309   1.00 13.57 ? 210 ILE A CG1 1 
ATOM   1077 C  CG2 . ILE A 1 146 ? -6.509  -2.651  2.046   1.00 12.46 ? 210 ILE A CG2 1 
ATOM   1078 C  CD1 . ILE A 1 146 ? -9.504  -2.323  2.676   1.00 11.68 ? 210 ILE A CD1 1 
ATOM   1079 N  N   . PHE A 1 147 ? -5.904  -5.794  0.184   1.00 13.23 ? 211 PHE A N   1 
ATOM   1080 C  CA  . PHE A 1 147 ? -4.683  -6.587  0.248   1.00 13.20 ? 211 PHE A CA  1 
ATOM   1081 C  C   . PHE A 1 147 ? -3.839  -6.572  -1.034  1.00 12.72 ? 211 PHE A C   1 
ATOM   1082 O  O   . PHE A 1 147 ? -2.615  -6.387  -0.985  1.00 12.14 ? 211 PHE A O   1 
ATOM   1083 C  CB  . PHE A 1 147 ? -4.987  -8.044  0.592   1.00 12.84 ? 211 PHE A CB  1 
ATOM   1084 C  CG  . PHE A 1 147 ? -3.796  -8.939  0.429   1.00 10.53 ? 211 PHE A CG  1 
ATOM   1085 C  CD1 . PHE A 1 147 ? -2.825  -9.010  1.422   1.00 10.10 ? 211 PHE A CD1 1 
ATOM   1086 C  CD2 . PHE A 1 147 ? -3.586  -9.624  -0.766  1.00 11.19 ? 211 PHE A CD2 1 
ATOM   1087 C  CE1 . PHE A 1 147 ? -1.654  -9.747  1.223   1.00 11.20 ? 211 PHE A CE1 1 
ATOM   1088 C  CE2 . PHE A 1 147 ? -2.412  -10.364 -0.975  1.00 8.77  ? 211 PHE A CE2 1 
ATOM   1089 C  CZ  . PHE A 1 147 ? -1.448  -10.423 0.021   1.00 7.76  ? 211 PHE A CZ  1 
ATOM   1090 N  N   . GLN A 1 148 ? -4.488  -6.799  -2.172  1.00 11.43 ? 212 GLN A N   1 
ATOM   1091 C  CA  . GLN A 1 148 ? -3.788  -6.825  -3.452  1.00 12.62 ? 212 GLN A CA  1 
ATOM   1092 C  C   . GLN A 1 148 ? -3.193  -5.468  -3.819  1.00 12.79 ? 212 GLN A C   1 
ATOM   1093 O  O   . GLN A 1 148 ? -2.066  -5.391  -4.341  1.00 11.26 ? 212 GLN A O   1 
ATOM   1094 C  CB  . GLN A 1 148 ? -4.727  -7.317  -4.553  1.00 12.08 ? 212 GLN A CB  1 
ATOM   1095 C  CG  . GLN A 1 148 ? -5.166  -8.748  -4.340  1.00 14.38 ? 212 GLN A CG  1 
ATOM   1096 C  CD  . GLN A 1 148 ? -6.196  -9.183  -5.343  1.00 15.82 ? 212 GLN A CD  1 
ATOM   1097 O  OE1 . GLN A 1 148 ? -5.871  -9.513  -6.480  1.00 18.21 ? 212 GLN A OE1 1 
ATOM   1098 N  NE2 . GLN A 1 148 ? -7.455  -9.171  -4.935  1.00 16.73 ? 212 GLN A NE2 1 
ATOM   1099 N  N   . HIS A 1 149 ? -3.947  -4.406  -3.552  1.00 11.15 ? 213 HIS A N   1 
ATOM   1100 C  CA  . HIS A 1 149 ? -3.475  -3.053  -3.821  1.00 12.88 ? 213 HIS A CA  1 
ATOM   1101 C  C   . HIS A 1 149 ? -2.178  -2.828  -3.026  1.00 12.65 ? 213 HIS A C   1 
ATOM   1102 O  O   . HIS A 1 149 ? -1.201  -2.290  -3.561  1.00 12.61 ? 213 HIS A O   1 
ATOM   1103 C  CB  . HIS A 1 149 ? -4.535  -2.031  -3.383  1.00 15.49 ? 213 HIS A CB  1 
ATOM   1104 C  CG  . HIS A 1 149 ? -4.076  -0.606  -3.452  1.00 16.25 ? 213 HIS A CG  1 
ATOM   1105 N  ND1 . HIS A 1 149 ? -4.301  0.198   -4.549  1.00 18.82 ? 213 HIS A ND1 1 
ATOM   1106 C  CD2 . HIS A 1 149 ? -3.365  0.145   -2.577  1.00 17.52 ? 213 HIS A CD2 1 
ATOM   1107 C  CE1 . HIS A 1 149 ? -3.748  1.382   -4.348  1.00 17.32 ? 213 HIS A CE1 1 
ATOM   1108 N  NE2 . HIS A 1 149 ? -3.173  1.375   -3.159  1.00 17.47 ? 213 HIS A NE2 1 
ATOM   1109 N  N   . GLU A 1 150 ? -2.168  -3.256  -1.762  1.00 10.86 ? 214 GLU A N   1 
ATOM   1110 C  CA  . GLU A 1 150 ? -0.991  -3.078  -0.898  1.00 12.76 ? 214 GLU A CA  1 
ATOM   1111 C  C   . GLU A 1 150 ? 0.141   -4.053  -1.215  1.00 13.43 ? 214 GLU A C   1 
ATOM   1112 O  O   . GLU A 1 150 ? 1.319   -3.738  -1.031  1.00 13.29 ? 214 GLU A O   1 
ATOM   1113 C  CB  . GLU A 1 150 ? -1.366  -3.227  0.581   1.00 12.32 ? 214 GLU A CB  1 
ATOM   1114 C  CG  . GLU A 1 150 ? -2.440  -2.273  1.105   1.00 14.04 ? 214 GLU A CG  1 
ATOM   1115 C  CD  . GLU A 1 150 ? -2.131  -0.797  0.873   1.00 16.79 ? 214 GLU A CD  1 
ATOM   1116 O  OE1 . GLU A 1 150 ? -0.941  -0.413  0.827   1.00 14.39 ? 214 GLU A OE1 1 
ATOM   1117 O  OE2 . GLU A 1 150 ? -3.098  -0.009  0.760   1.00 21.89 ? 214 GLU A OE2 1 
ATOM   1118 N  N   . TYR A 1 151 ? -0.215  -5.245  -1.674  1.00 14.39 ? 215 TYR A N   1 
ATOM   1119 C  CA  . TYR A 1 151 ? 0.799   -6.221  -2.024  1.00 14.55 ? 215 TYR A CA  1 
ATOM   1120 C  C   . TYR A 1 151 ? 1.599   -5.652  -3.195  1.00 13.20 ? 215 TYR A C   1 
ATOM   1121 O  O   . TYR A 1 151 ? 2.827   -5.797  -3.260  1.00 12.47 ? 215 TYR A O   1 
ATOM   1122 C  CB  . TYR A 1 151 ? 0.158   -7.556  -2.420  1.00 16.55 ? 215 TYR A CB  1 
ATOM   1123 C  CG  . TYR A 1 151 ? 1.181   -8.612  -2.788  1.00 20.24 ? 215 TYR A CG  1 
ATOM   1124 C  CD1 . TYR A 1 151 ? 1.974   -9.214  -1.810  1.00 18.81 ? 215 TYR A CD1 1 
ATOM   1125 C  CD2 . TYR A 1 151 ? 1.399   -8.967  -4.126  1.00 20.02 ? 215 TYR A CD2 1 
ATOM   1126 C  CE1 . TYR A 1 151 ? 2.964   -10.137 -2.152  1.00 19.59 ? 215 TYR A CE1 1 
ATOM   1127 C  CE2 . TYR A 1 151 ? 2.384   -9.888  -4.477  1.00 19.71 ? 215 TYR A CE2 1 
ATOM   1128 C  CZ  . TYR A 1 151 ? 3.168   -10.469 -3.486  1.00 20.78 ? 215 TYR A CZ  1 
ATOM   1129 O  OH  . TYR A 1 151 ? 4.177   -11.349 -3.828  1.00 18.76 ? 215 TYR A OH  1 
ATOM   1130 N  N   . ASP A 1 152 ? 0.897   -4.998  -4.114  1.00 12.01 ? 216 ASP A N   1 
ATOM   1131 C  CA  . ASP A 1 152 ? 1.549   -4.394  -5.267  1.00 12.45 ? 216 ASP A CA  1 
ATOM   1132 C  C   . ASP A 1 152 ? 2.574   -3.362  -4.818  1.00 13.65 ? 216 ASP A C   1 
ATOM   1133 O  O   . ASP A 1 152 ? 3.680   -3.285  -5.375  1.00 15.08 ? 216 ASP A O   1 
ATOM   1134 C  CB  . ASP A 1 152 ? 0.526   -3.725  -6.177  1.00 12.56 ? 216 ASP A CB  1 
ATOM   1135 C  CG  . ASP A 1 152 ? -0.123  -4.694  -7.137  1.00 11.97 ? 216 ASP A CG  1 
ATOM   1136 O  OD1 . ASP A 1 152 ? 0.310   -5.861  -7.208  1.00 11.39 ? 216 ASP A OD1 1 
ATOM   1137 O  OD2 . ASP A 1 152 ? -1.072  -4.284  -7.830  1.00 14.90 ? 216 ASP A OD2 1 
ATOM   1138 N  N   . HIS A 1 153 ? 2.203   -2.563  -3.820  1.00 12.04 ? 217 HIS A N   1 
ATOM   1139 C  CA  . HIS A 1 153 ? 3.104   -1.551  -3.291  1.00 12.42 ? 217 HIS A CA  1 
ATOM   1140 C  C   . HIS A 1 153 ? 4.400   -2.243  -2.892  1.00 13.71 ? 217 HIS A C   1 
ATOM   1141 O  O   . HIS A 1 153 ? 5.494   -1.712  -3.098  1.00 12.03 ? 217 HIS A O   1 
ATOM   1142 C  CB  . HIS A 1 153 ? 2.505   -0.870  -2.052  1.00 12.21 ? 217 HIS A CB  1 
ATOM   1143 C  CG  . HIS A 1 153 ? 1.600   0.278   -2.365  1.00 13.60 ? 217 HIS A CG  1 
ATOM   1144 N  ND1 . HIS A 1 153 ? 1.995   1.347   -3.139  1.00 14.20 ? 217 HIS A ND1 1 
ATOM   1145 C  CD2 . HIS A 1 153 ? 0.326   0.539   -1.986  1.00 15.42 ? 217 HIS A CD2 1 
ATOM   1146 C  CE1 . HIS A 1 153 ? 1.005   2.217   -3.224  1.00 13.13 ? 217 HIS A CE1 1 
ATOM   1147 N  NE2 . HIS A 1 153 ? -0.019  1.750   -2.534  1.00 16.14 ? 217 HIS A NE2 1 
ATOM   1148 N  N   . LEU A 1 154 ? 4.271   -3.434  -2.315  1.00 13.68 ? 218 LEU A N   1 
ATOM   1149 C  CA  . LEU A 1 154 ? 5.443   -4.175  -1.887  1.00 13.67 ? 218 LEU A CA  1 
ATOM   1150 C  C   . LEU A 1 154 ? 6.277   -4.646  -3.083  1.00 14.80 ? 218 LEU A C   1 
ATOM   1151 O  O   . LEU A 1 154 ? 7.465   -4.924  -2.948  1.00 16.68 ? 218 LEU A O   1 
ATOM   1152 C  CB  . LEU A 1 154 ? 5.014   -5.333  -0.978  1.00 11.63 ? 218 LEU A CB  1 
ATOM   1153 C  CG  . LEU A 1 154 ? 4.290   -4.817  0.289   1.00 16.24 ? 218 LEU A CG  1 
ATOM   1154 C  CD1 . LEU A 1 154 ? 3.996   -5.951  1.262   1.00 15.27 ? 218 LEU A CD1 1 
ATOM   1155 C  CD2 . LEU A 1 154 ? 5.153   -3.749  0.981   1.00 13.27 ? 218 LEU A CD2 1 
ATOM   1156 N  N   . GLU A 1 155 ? 5.660   -4.708  -4.258  1.00 14.55 ? 219 GLU A N   1 
ATOM   1157 C  CA  . GLU A 1 155 ? 6.373   -5.107  -5.464  1.00 17.24 ? 219 GLU A CA  1 
ATOM   1158 C  C   . GLU A 1 155 ? 6.805   -3.860  -6.241  1.00 16.07 ? 219 GLU A C   1 
ATOM   1159 O  O   . GLU A 1 155 ? 7.253   -3.962  -7.383  1.00 15.87 ? 219 GLU A O   1 
ATOM   1160 C  CB  . GLU A 1 155 ? 5.482   -5.972  -6.368  1.00 21.46 ? 219 GLU A CB  1 
ATOM   1161 C  CG  . GLU A 1 155 ? 5.180   -7.376  -5.853  1.00 25.94 ? 219 GLU A CG  1 
ATOM   1162 C  CD  . GLU A 1 155 ? 6.400   -8.274  -5.826  1.00 29.74 ? 219 GLU A CD  1 
ATOM   1163 O  OE1 . GLU A 1 155 ? 7.150   -8.301  -6.828  1.00 32.56 ? 219 GLU A OE1 1 
ATOM   1164 O  OE2 . GLU A 1 155 ? 6.602   -8.965  -4.806  1.00 32.75 ? 219 GLU A OE2 1 
ATOM   1165 N  N   . GLY A 1 156 ? 6.676   -2.691  -5.617  1.00 14.09 ? 220 GLY A N   1 
ATOM   1166 C  CA  . GLY A 1 156 ? 7.035   -1.450  -6.284  1.00 12.24 ? 220 GLY A CA  1 
ATOM   1167 C  C   . GLY A 1 156 ? 6.026   -1.129  -7.381  1.00 14.52 ? 220 GLY A C   1 
ATOM   1168 O  O   . GLY A 1 156 ? 6.267   -0.277  -8.243  1.00 14.34 ? 220 GLY A O   1 
ATOM   1169 N  N   . VAL A 1 157 ? 4.885   -1.820  -7.342  1.00 12.99 ? 221 VAL A N   1 
ATOM   1170 C  CA  . VAL A 1 157 ? 3.826   -1.639  -8.325  1.00 13.49 ? 221 VAL A CA  1 
ATOM   1171 C  C   . VAL A 1 157 ? 2.735   -0.676  -7.846  1.00 13.49 ? 221 VAL A C   1 
ATOM   1172 O  O   . VAL A 1 157 ? 2.179   -0.840  -6.759  1.00 10.35 ? 221 VAL A O   1 
ATOM   1173 C  CB  . VAL A 1 157 ? 3.172   -2.997  -8.670  1.00 16.94 ? 221 VAL A CB  1 
ATOM   1174 C  CG1 . VAL A 1 157 ? 2.006   -2.798  -9.637  1.00 16.67 ? 221 VAL A CG1 1 
ATOM   1175 C  CG2 . VAL A 1 157 ? 4.216   -3.938  -9.264  1.00 15.62 ? 221 VAL A CG2 1 
ATOM   1176 N  N   . LEU A 1 158 ? 2.435   0.325   -8.671  1.00 13.00 ? 222 LEU A N   1 
ATOM   1177 C  CA  . LEU A 1 158 ? 1.414   1.320   -8.347  1.00 14.46 ? 222 LEU A CA  1 
ATOM   1178 C  C   . LEU A 1 158 ? 0.099   0.996   -9.051  1.00 14.40 ? 222 LEU A C   1 
ATOM   1179 O  O   . LEU A 1 158 ? 0.106   0.481   -10.172 1.00 15.06 ? 222 LEU A O   1 
ATOM   1180 C  CB  . LEU A 1 158 ? 1.917   2.715   -8.733  1.00 12.28 ? 222 LEU A CB  1 
ATOM   1181 C  CG  . LEU A 1 158 ? 2.646   3.482   -7.626  1.00 13.23 ? 222 LEU A CG  1 
ATOM   1182 C  CD1 . LEU A 1 158 ? 3.368   2.520   -6.691  1.00 13.04 ? 222 LEU A CD1 1 
ATOM   1183 C  CD2 . LEU A 1 158 ? 3.614   4.485   -8.253  1.00 12.67 ? 222 LEU A CD2 1 
ATOM   1184 N  N   . PHE A 1 159 ? -1.024  1.320   -8.408  1.00 15.25 ? 223 PHE A N   1 
ATOM   1185 C  CA  . PHE A 1 159 ? -2.340  0.995   -8.956  1.00 14.57 ? 223 PHE A CA  1 
ATOM   1186 C  C   . PHE A 1 159 ? -2.657  1.458   -10.367 1.00 16.17 ? 223 PHE A C   1 
ATOM   1187 O  O   . PHE A 1 159 ? -3.431  0.794   -11.066 1.00 15.40 ? 223 PHE A O   1 
ATOM   1188 C  CB  . PHE A 1 159 ? -3.461  1.416   -7.978  1.00 16.48 ? 223 PHE A CB  1 
ATOM   1189 C  CG  . PHE A 1 159 ? -3.800  2.895   -7.979  1.00 16.77 ? 223 PHE A CG  1 
ATOM   1190 C  CD1 . PHE A 1 159 ? -2.815  3.870   -8.115  1.00 19.05 ? 223 PHE A CD1 1 
ATOM   1191 C  CD2 . PHE A 1 159 ? -5.118  3.308   -7.760  1.00 17.40 ? 223 PHE A CD2 1 
ATOM   1192 C  CE1 . PHE A 1 159 ? -3.139  5.233   -8.029  1.00 16.49 ? 223 PHE A CE1 1 
ATOM   1193 C  CE2 . PHE A 1 159 ? -5.454  4.664   -7.671  1.00 13.54 ? 223 PHE A CE2 1 
ATOM   1194 C  CZ  . PHE A 1 159 ? -4.462  5.626   -7.805  1.00 17.82 ? 223 PHE A CZ  1 
ATOM   1195 N  N   . PHE A 1 160 ? -2.066  2.563   -10.819 1.00 15.82 ? 224 PHE A N   1 
ATOM   1196 C  CA  . PHE A 1 160 ? -2.362  2.988   -12.179 1.00 15.43 ? 224 PHE A CA  1 
ATOM   1197 C  C   . PHE A 1 160 ? -1.681  2.039   -13.163 1.00 17.12 ? 224 PHE A C   1 
ATOM   1198 O  O   . PHE A 1 160 ? -2.069  1.975   -14.335 1.00 15.43 ? 224 PHE A O   1 
ATOM   1199 C  CB  . PHE A 1 160 ? -1.974  4.469   -12.415 1.00 13.86 ? 224 PHE A CB  1 
ATOM   1200 C  CG  . PHE A 1 160 ? -0.489  4.739   -12.512 1.00 11.93 ? 224 PHE A CG  1 
ATOM   1201 C  CD1 . PHE A 1 160 ? 0.210   4.458   -13.680 1.00 10.76 ? 224 PHE A CD1 1 
ATOM   1202 C  CD2 . PHE A 1 160 ? 0.193   5.342   -11.449 1.00 11.43 ? 224 PHE A CD2 1 
ATOM   1203 C  CE1 . PHE A 1 160 ? 1.572   4.781   -13.791 1.00 11.70 ? 224 PHE A CE1 1 
ATOM   1204 C  CE2 . PHE A 1 160 ? 1.546   5.669   -11.539 1.00 6.69  ? 224 PHE A CE2 1 
ATOM   1205 C  CZ  . PHE A 1 160 ? 2.242   5.390   -12.712 1.00 12.52 ? 224 PHE A CZ  1 
ATOM   1206 N  N   . ASP A 1 161 ? -0.694  1.280   -12.668 1.00 17.10 ? 225 ASP A N   1 
ATOM   1207 C  CA  . ASP A 1 161 ? 0.027   0.302   -13.492 1.00 16.80 ? 225 ASP A CA  1 
ATOM   1208 C  C   . ASP A 1 161 ? -0.941  -0.790  -13.978 1.00 17.68 ? 225 ASP A C   1 
ATOM   1209 O  O   . ASP A 1 161 ? -0.754  -1.362  -15.051 1.00 17.40 ? 225 ASP A O   1 
ATOM   1210 C  CB  . ASP A 1 161 ? 1.160   -0.405  -12.706 1.00 15.90 ? 225 ASP A CB  1 
ATOM   1211 C  CG  . ASP A 1 161 ? 2.342   0.511   -12.356 1.00 17.79 ? 225 ASP A CG  1 
ATOM   1212 O  OD1 . ASP A 1 161 ? 2.589   1.514   -13.056 1.00 16.76 ? 225 ASP A OD1 1 
ATOM   1213 O  OD2 . ASP A 1 161 ? 3.050   0.205   -11.370 1.00 17.16 ? 225 ASP A OD2 1 
ATOM   1214 N  N   . ARG A 1 162 ? -1.966  -1.083  -13.184 1.00 17.71 ? 226 ARG A N   1 
ATOM   1215 C  CA  . ARG A 1 162 ? -2.917  -2.137  -13.538 1.00 20.95 ? 226 ARG A CA  1 
ATOM   1216 C  C   . ARG A 1 162 ? -4.231  -1.632  -14.143 1.00 20.92 ? 226 ARG A C   1 
ATOM   1217 O  O   . ARG A 1 162 ? -5.151  -2.410  -14.391 1.00 21.09 ? 226 ARG A O   1 
ATOM   1218 C  CB  . ARG A 1 162 ? -3.200  -3.006  -12.305 1.00 21.80 ? 226 ARG A CB  1 
ATOM   1219 C  CG  . ARG A 1 162 ? -1.921  -3.481  -11.611 1.00 24.97 ? 226 ARG A CG  1 
ATOM   1220 C  CD  . ARG A 1 162 ? -2.204  -4.236  -10.338 1.00 28.11 ? 226 ARG A CD  1 
ATOM   1221 N  NE  . ARG A 1 162 ? -2.304  -5.675  -10.558 1.00 32.79 ? 226 ARG A NE  1 
ATOM   1222 C  CZ  . ARG A 1 162 ? -1.270  -6.464  -10.833 1.00 35.53 ? 226 ARG A CZ  1 
ATOM   1223 N  NH1 . ARG A 1 162 ? -0.048  -5.954  -10.920 1.00 37.93 ? 226 ARG A NH1 1 
ATOM   1224 N  NH2 . ARG A 1 162 ? -1.456  -7.765  -11.031 1.00 35.11 ? 226 ARG A NH2 1 
ATOM   1225 N  N   . MET A 1 163 ? -4.313  -0.331  -14.392 1.00 20.14 ? 227 MET A N   1 
ATOM   1226 C  CA  . MET A 1 163 ? -5.519  0.233   -14.980 1.00 19.53 ? 227 MET A CA  1 
ATOM   1227 C  C   . MET A 1 163 ? -5.484  0.032   -16.489 1.00 17.97 ? 227 MET A C   1 
ATOM   1228 O  O   . MET A 1 163 ? -4.415  -0.133  -17.075 1.00 15.89 ? 227 MET A O   1 
ATOM   1229 C  CB  . MET A 1 163 ? -5.613  1.728   -14.677 1.00 18.21 ? 227 MET A CB  1 
ATOM   1230 C  CG  . MET A 1 163 ? -5.570  2.070   -13.207 1.00 17.52 ? 227 MET A CG  1 
ATOM   1231 S  SD  . MET A 1 163 ? -5.760  3.839   -12.950 1.00 15.00 ? 227 MET A SD  1 
ATOM   1232 C  CE  . MET A 1 163 ? -6.227  3.845   -11.244 1.00 15.08 ? 227 MET A CE  1 
ATOM   1233 N  N   . THR A 1 164 ? -6.652  0.023   -17.113 1.00 17.31 ? 228 THR A N   1 
ATOM   1234 C  CA  . THR A 1 164 ? -6.704  -0.123  -18.556 1.00 21.50 ? 228 THR A CA  1 
ATOM   1235 C  C   . THR A 1 164 ? -6.159  1.171   -19.149 1.00 24.11 ? 228 THR A C   1 
ATOM   1236 O  O   . THR A 1 164 ? -5.987  2.170   -18.439 1.00 23.34 ? 228 THR A O   1 
ATOM   1237 C  CB  . THR A 1 164 ? -8.146  -0.346  -19.055 1.00 21.49 ? 228 THR A CB  1 
ATOM   1238 O  OG1 . THR A 1 164 ? -8.995  0.693   -18.549 1.00 19.77 ? 228 THR A OG1 1 
ATOM   1239 C  CG2 . THR A 1 164 ? -8.669  -1.704  -18.585 1.00 17.72 ? 228 THR A CG2 1 
ATOM   1240 N  N   . ASP A 1 165 ? -5.874  1.156   -20.443 1.00 26.98 ? 229 ASP A N   1 
ATOM   1241 C  CA  . ASP A 1 165 ? -5.353  2.349   -21.095 1.00 30.74 ? 229 ASP A CA  1 
ATOM   1242 C  C   . ASP A 1 165 ? -6.404  3.466   -21.001 1.00 30.64 ? 229 ASP A C   1 
ATOM   1243 O  O   . ASP A 1 165 ? -6.077  4.626   -20.751 1.00 30.09 ? 229 ASP A O   1 
ATOM   1244 C  CB  . ASP A 1 165 ? -5.026  2.044   -22.566 1.00 36.86 ? 229 ASP A CB  1 
ATOM   1245 C  CG  . ASP A 1 165 ? -4.161  0.784   -22.737 1.00 42.34 ? 229 ASP A CG  1 
ATOM   1246 O  OD1 . ASP A 1 165 ? -4.591  -0.311  -22.307 1.00 44.24 ? 229 ASP A OD1 1 
ATOM   1247 O  OD2 . ASP A 1 165 ? -3.051  0.886   -23.312 1.00 45.98 ? 229 ASP A OD2 1 
ATOM   1248 N  N   . GLN A 1 166 ? -7.670  3.102   -21.178 1.00 29.69 ? 230 GLN A N   1 
ATOM   1249 C  CA  . GLN A 1 166 ? -8.756  4.072   -21.127 1.00 30.01 ? 230 GLN A CA  1 
ATOM   1250 C  C   . GLN A 1 166 ? -8.928  4.734   -19.770 1.00 28.56 ? 230 GLN A C   1 
ATOM   1251 O  O   . GLN A 1 166 ? -9.069  5.956   -19.688 1.00 28.13 ? 230 GLN A O   1 
ATOM   1252 C  CB  . GLN A 1 166 ? -10.076 3.420   -21.546 1.00 32.38 ? 230 GLN A CB  1 
ATOM   1253 C  CG  . GLN A 1 166 ? -10.174 3.141   -23.040 1.00 36.69 ? 230 GLN A CG  1 
ATOM   1254 C  CD  . GLN A 1 166 ? -11.439 2.385   -23.418 1.00 38.13 ? 230 GLN A CD  1 
ATOM   1255 O  OE1 . GLN A 1 166 ? -12.557 2.845   -23.163 1.00 38.55 ? 230 GLN A OE1 1 
ATOM   1256 N  NE2 . GLN A 1 166 ? -11.266 1.219   -24.034 1.00 38.07 ? 230 GLN A NE2 1 
ATOM   1257 N  N   . VAL A 1 167 ? -8.936  3.937   -18.707 1.00 26.06 ? 231 VAL A N   1 
ATOM   1258 C  CA  . VAL A 1 167 ? -9.086  4.505   -17.375 1.00 25.11 ? 231 VAL A CA  1 
ATOM   1259 C  C   . VAL A 1 167 ? -7.845  5.330   -17.058 1.00 24.21 ? 231 VAL A C   1 
ATOM   1260 O  O   . VAL A 1 167 ? -7.920  6.345   -16.362 1.00 24.29 ? 231 VAL A O   1 
ATOM   1261 C  CB  . VAL A 1 167 ? -9.271  3.411   -16.308 1.00 25.31 ? 231 VAL A CB  1 
ATOM   1262 C  CG1 . VAL A 1 167 ? -10.587 2.686   -16.518 1.00 24.23 ? 231 VAL A CG1 1 
ATOM   1263 C  CG2 . VAL A 1 167 ? -8.146  2.435   -16.391 1.00 27.16 ? 231 VAL A CG2 1 
ATOM   1264 N  N   . LEU A 1 168 ? -6.702  4.903   -17.588 1.00 22.64 ? 232 LEU A N   1 
ATOM   1265 C  CA  . LEU A 1 168 ? -5.457  5.621   -17.359 1.00 21.43 ? 232 LEU A CA  1 
ATOM   1266 C  C   . LEU A 1 168 ? -5.533  7.025   -17.950 1.00 22.59 ? 232 LEU A C   1 
ATOM   1267 O  O   . LEU A 1 168 ? -5.095  7.995   -17.323 1.00 21.94 ? 232 LEU A O   1 
ATOM   1268 C  CB  . LEU A 1 168 ? -4.276  4.868   -17.972 1.00 21.73 ? 232 LEU A CB  1 
ATOM   1269 C  CG  . LEU A 1 168 ? -2.916  5.543   -17.751 1.00 22.20 ? 232 LEU A CG  1 
ATOM   1270 C  CD1 . LEU A 1 168 ? -2.671  5.727   -16.250 1.00 23.27 ? 232 LEU A CD1 1 
ATOM   1271 C  CD2 . LEU A 1 168 ? -1.816  4.705   -18.377 1.00 23.11 ? 232 LEU A CD2 1 
ATOM   1272 N  N   . ASP A 1 169 ? -6.080  7.138   -19.158 1.00 22.65 ? 233 ASP A N   1 
ATOM   1273 C  CA  . ASP A 1 169 ? -6.210  8.446   -19.785 1.00 23.66 ? 233 ASP A CA  1 
ATOM   1274 C  C   . ASP A 1 169 ? -7.057  9.346   -18.896 1.00 22.08 ? 233 ASP A C   1 
ATOM   1275 O  O   . ASP A 1 169 ? -6.758  10.526  -18.745 1.00 20.89 ? 233 ASP A O   1 
ATOM   1276 C  CB  . ASP A 1 169 ? -6.863  8.350   -21.171 1.00 26.18 ? 233 ASP A CB  1 
ATOM   1277 C  CG  . ASP A 1 169 ? -5.966  7.680   -22.203 1.00 30.01 ? 233 ASP A CG  1 
ATOM   1278 O  OD1 . ASP A 1 169 ? -4.724  7.744   -22.055 1.00 30.46 ? 233 ASP A OD1 1 
ATOM   1279 O  OD2 . ASP A 1 169 ? -6.504  7.102   -23.174 1.00 32.67 ? 233 ASP A OD2 1 
ATOM   1280 N  N   . SER A 1 170 ? -8.103  8.779   -18.294 1.00 21.50 ? 234 SER A N   1 
ATOM   1281 C  CA  . SER A 1 170 ? -8.997  9.551   -17.431 1.00 21.97 ? 234 SER A CA  1 
ATOM   1282 C  C   . SER A 1 170 ? -8.299  10.252  -16.262 1.00 22.06 ? 234 SER A C   1 
ATOM   1283 O  O   . SER A 1 170 ? -8.871  11.147  -15.647 1.00 24.23 ? 234 SER A O   1 
ATOM   1284 C  CB  . SER A 1 170 ? -10.118 8.664   -16.878 1.00 22.25 ? 234 SER A CB  1 
ATOM   1285 O  OG  . SER A 1 170 ? -9.678  7.886   -15.779 1.00 23.58 ? 234 SER A OG  1 
ATOM   1286 N  N   . ILE A 1 171 ? -7.075  9.851   -15.940 1.00 21.38 ? 235 ILE A N   1 
ATOM   1287 C  CA  . ILE A 1 171 ? -6.370  10.501  -14.846 1.00 19.89 ? 235 ILE A CA  1 
ATOM   1288 C  C   . ILE A 1 171 ? -4.949  10.924  -15.213 1.00 20.62 ? 235 ILE A C   1 
ATOM   1289 O  O   . ILE A 1 171 ? -4.140  11.225  -14.333 1.00 20.78 ? 235 ILE A O   1 
ATOM   1290 C  CB  . ILE A 1 171 ? -6.313  9.593   -13.584 1.00 18.87 ? 235 ILE A CB  1 
ATOM   1291 C  CG1 . ILE A 1 171 ? -5.552  8.304   -13.906 1.00 16.98 ? 235 ILE A CG1 1 
ATOM   1292 C  CG2 . ILE A 1 171 ? -7.735  9.302   -13.086 1.00 13.12 ? 235 ILE A CG2 1 
ATOM   1293 C  CD1 . ILE A 1 171 ? -5.306  7.425   -12.710 1.00 16.36 ? 235 ILE A CD1 1 
ATOM   1294 N  N   . ARG A 1 172 ? -4.642  10.959  -16.507 1.00 20.66 ? 236 ARG A N   1 
ATOM   1295 C  CA  . ARG A 1 172 ? -3.309  11.356  -16.941 1.00 21.77 ? 236 ARG A CA  1 
ATOM   1296 C  C   . ARG A 1 172 ? -2.925  12.739  -16.416 1.00 23.73 ? 236 ARG A C   1 
ATOM   1297 O  O   . ARG A 1 172 ? -1.823  12.925  -15.883 1.00 23.25 ? 236 ARG A O   1 
ATOM   1298 C  CB  . ARG A 1 172 ? -3.211  11.349  -18.466 1.00 23.13 ? 236 ARG A CB  1 
ATOM   1299 C  CG  . ARG A 1 172 ? -2.938  9.978   -19.056 1.00 27.21 ? 236 ARG A CG  1 
ATOM   1300 C  CD  . ARG A 1 172 ? -2.750  10.028  -20.569 1.00 28.49 ? 236 ARG A CD  1 
ATOM   1301 N  NE  . ARG A 1 172 ? -2.374  8.723   -21.105 1.00 30.39 ? 236 ARG A NE  1 
ATOM   1302 C  CZ  . ARG A 1 172 ? -1.166  8.178   -20.976 1.00 31.55 ? 236 ARG A CZ  1 
ATOM   1303 N  NH1 . ARG A 1 172 ? -0.203  8.828   -20.333 1.00 31.33 ? 236 ARG A NH1 1 
ATOM   1304 N  NH2 . ARG A 1 172 ? -0.925  6.974   -21.476 1.00 32.89 ? 236 ARG A NH2 1 
ATOM   1305 N  N   . GLU A 1 173 ? -3.828  13.708  -16.572 1.00 22.46 ? 237 GLU A N   1 
ATOM   1306 C  CA  . GLU A 1 173 ? -3.558  15.063  -16.115 1.00 21.59 ? 237 GLU A CA  1 
ATOM   1307 C  C   . GLU A 1 173 ? -3.316  15.058  -14.612 1.00 18.94 ? 237 GLU A C   1 
ATOM   1308 O  O   . GLU A 1 173 ? -2.425  15.746  -14.119 1.00 18.05 ? 237 GLU A O   1 
ATOM   1309 C  CB  . GLU A 1 173 ? -4.718  16.002  -16.472 1.00 20.99 ? 237 GLU A CB  1 
ATOM   1310 C  CG  . GLU A 1 173 ? -5.041  16.038  -17.960 1.00 25.24 ? 237 GLU A CG  1 
ATOM   1311 C  CD  . GLU A 1 173 ? -3.793  16.073  -18.845 1.00 28.83 ? 237 GLU A CD  1 
ATOM   1312 O  OE1 . GLU A 1 173 ? -3.009  17.042  -18.752 1.00 29.02 ? 237 GLU A OE1 1 
ATOM   1313 O  OE2 . GLU A 1 173 ? -3.593  15.122  -19.638 1.00 32.38 ? 237 GLU A OE2 1 
ATOM   1314 N  N   . GLU A 1 174 ? -4.097  14.260  -13.895 1.00 16.66 ? 238 GLU A N   1 
ATOM   1315 C  CA  . GLU A 1 174 ? -3.960  14.162  -12.447 1.00 16.17 ? 238 GLU A CA  1 
ATOM   1316 C  C   . GLU A 1 174 ? -2.544  13.725  -12.028 1.00 16.43 ? 238 GLU A C   1 
ATOM   1317 O  O   . GLU A 1 174 ? -1.921  14.347  -11.164 1.00 13.80 ? 238 GLU A O   1 
ATOM   1318 C  CB  . GLU A 1 174 ? -5.006  13.184  -11.893 1.00 16.14 ? 238 GLU A CB  1 
ATOM   1319 C  CG  . GLU A 1 174 ? -6.434  13.757  -11.791 1.00 15.38 ? 238 GLU A CG  1 
ATOM   1320 C  CD  . GLU A 1 174 ? -7.107  14.014  -13.141 1.00 15.47 ? 238 GLU A CD  1 
ATOM   1321 O  OE1 . GLU A 1 174 ? -8.189  14.634  -13.147 1.00 16.12 ? 238 GLU A OE1 1 
ATOM   1322 O  OE2 . GLU A 1 174 ? -6.579  13.594  -14.192 1.00 19.00 ? 238 GLU A OE2 1 
ATOM   1323 N  N   . LEU A 1 175 ? -2.050  12.653  -12.644 1.00 15.70 ? 239 LEU A N   1 
ATOM   1324 C  CA  . LEU A 1 175 ? -0.720  12.135  -12.348 1.00 16.49 ? 239 LEU A CA  1 
ATOM   1325 C  C   . LEU A 1 175 ? 0.345   13.134  -12.793 1.00 16.40 ? 239 LEU A C   1 
ATOM   1326 O  O   . LEU A 1 175 ? 1.403   13.264  -12.173 1.00 15.76 ? 239 LEU A O   1 
ATOM   1327 C  CB  . LEU A 1 175 ? -0.514  10.788  -13.057 1.00 15.95 ? 239 LEU A CB  1 
ATOM   1328 C  CG  . LEU A 1 175 ? -1.506  9.682   -12.675 1.00 17.73 ? 239 LEU A CG  1 
ATOM   1329 C  CD1 . LEU A 1 175 ? -1.146  8.362   -13.362 1.00 15.15 ? 239 LEU A CD1 1 
ATOM   1330 C  CD2 . LEU A 1 175 ? -1.492  9.510   -11.173 1.00 15.60 ? 239 LEU A CD2 1 
ATOM   1331 N  N   . GLU A 1 176 ? 0.046   13.847  -13.870 1.00 18.36 ? 240 GLU A N   1 
ATOM   1332 C  CA  . GLU A 1 176 ? 0.955   14.842  -14.414 1.00 21.02 ? 240 GLU A CA  1 
ATOM   1333 C  C   . GLU A 1 176 ? 1.108   15.993  -13.414 1.00 19.33 ? 240 GLU A C   1 
ATOM   1334 O  O   . GLU A 1 176 ? 2.200   16.542  -13.246 1.00 19.66 ? 240 GLU A O   1 
ATOM   1335 C  CB  . GLU A 1 176 ? 0.400   15.358  -15.740 1.00 25.47 ? 240 GLU A CB  1 
ATOM   1336 C  CG  . GLU A 1 176 ? 1.427   15.804  -16.753 1.00 30.96 ? 240 GLU A CG  1 
ATOM   1337 C  CD  . GLU A 1 176 ? 0.783   16.138  -18.094 1.00 36.34 ? 240 GLU A CD  1 
ATOM   1338 O  OE1 . GLU A 1 176 ? -0.026  15.312  -18.583 1.00 36.53 ? 240 GLU A OE1 1 
ATOM   1339 O  OE2 . GLU A 1 176 ? 1.086   17.217  -18.659 1.00 38.65 ? 240 GLU A OE2 1 
ATOM   1340 N  N   . ALA A 1 177 ? 0.014   16.341  -12.744 1.00 17.71 ? 241 ALA A N   1 
ATOM   1341 C  CA  . ALA A 1 177 ? 0.036   17.423  -11.761 1.00 17.48 ? 241 ALA A CA  1 
ATOM   1342 C  C   . ALA A 1 177 ? 0.890   17.055  -10.551 1.00 16.84 ? 241 ALA A C   1 
ATOM   1343 O  O   . ALA A 1 177 ? 1.503   17.926  -9.937  1.00 16.43 ? 241 ALA A O   1 
ATOM   1344 C  CB  . ALA A 1 177 ? -1.386  17.761  -11.316 1.00 18.44 ? 241 ALA A CB  1 
ATOM   1345 N  N   . LEU A 1 178 ? 0.920   15.769  -10.201 1.00 16.40 ? 242 LEU A N   1 
ATOM   1346 C  CA  . LEU A 1 178 ? 1.719   15.315  -9.063  1.00 16.49 ? 242 LEU A CA  1 
ATOM   1347 C  C   . LEU A 1 178 ? 3.206   15.320  -9.430  1.00 17.12 ? 242 LEU A C   1 
ATOM   1348 O  O   . LEU A 1 178 ? 4.061   15.575  -8.582  1.00 15.39 ? 242 LEU A O   1 
ATOM   1349 C  CB  . LEU A 1 178 ? 1.283   13.912  -8.629  1.00 14.31 ? 242 LEU A CB  1 
ATOM   1350 C  CG  . LEU A 1 178 ? -0.091  13.830  -7.955  1.00 12.54 ? 242 LEU A CG  1 
ATOM   1351 C  CD1 . LEU A 1 178 ? -0.475  12.382  -7.765  1.00 12.86 ? 242 LEU A CD1 1 
ATOM   1352 C  CD2 . LEU A 1 178 ? -0.062  14.537  -6.615  1.00 10.35 ? 242 LEU A CD2 1 
ATOM   1353 N  N   . GLU A 1 179 ? 3.501   15.049  -10.700 1.00 17.95 ? 243 GLU A N   1 
ATOM   1354 C  CA  . GLU A 1 179 ? 4.875   15.036  -11.192 1.00 19.75 ? 243 GLU A CA  1 
ATOM   1355 C  C   . GLU A 1 179 ? 5.440   16.448  -11.142 1.00 21.62 ? 243 GLU A C   1 
ATOM   1356 O  O   . GLU A 1 179 ? 6.603   16.653  -10.788 1.00 21.10 ? 243 GLU A O   1 
ATOM   1357 C  CB  . GLU A 1 179 ? 4.918   14.517  -12.631 1.00 20.22 ? 243 GLU A CB  1 
ATOM   1358 C  CG  . GLU A 1 179 ? 4.723   13.008  -12.767 1.00 18.46 ? 243 GLU A CG  1 
ATOM   1359 C  CD  . GLU A 1 179 ? 4.254   12.618  -14.154 1.00 19.16 ? 243 GLU A CD  1 
ATOM   1360 O  OE1 . GLU A 1 179 ? 4.443   13.426  -15.084 1.00 20.70 ? 243 GLU A OE1 1 
ATOM   1361 O  OE2 . GLU A 1 179 ? 3.703   11.508  -14.317 1.00 18.84 ? 243 GLU A OE2 1 
ATOM   1362 N  N   . LYS A 1 180 ? 4.610   17.420  -11.504 1.00 21.71 ? 244 LYS A N   1 
ATOM   1363 C  CA  . LYS A 1 180 ? 5.024   18.814  -11.481 1.00 23.09 ? 244 LYS A CA  1 
ATOM   1364 C  C   . LYS A 1 180 ? 5.148   19.276  -10.032 1.00 23.07 ? 244 LYS A C   1 
ATOM   1365 O  O   . LYS A 1 180 ? 6.129   19.920  -9.662  1.00 22.69 ? 244 LYS A O   1 
ATOM   1366 C  CB  . LYS A 1 180 ? 4.009   19.683  -12.230 1.00 24.63 ? 244 LYS A CB  1 
ATOM   1367 C  CG  . LYS A 1 180 ? 3.824   19.268  -13.690 1.00 30.11 ? 244 LYS A CG  1 
ATOM   1368 C  CD  . LYS A 1 180 ? 5.134   19.392  -14.481 1.00 33.35 ? 244 LYS A CD  1 
ATOM   1369 C  CE  . LYS A 1 180 ? 5.122   18.536  -15.744 1.00 33.98 ? 244 LYS A CE  1 
ATOM   1370 N  NZ  . LYS A 1 180 ? 5.079   17.073  -15.435 1.00 34.01 ? 244 LYS A NZ  1 
ATOM   1371 N  N   . LYS A 1 181 ? 4.154   18.943  -9.215  1.00 22.16 ? 245 LYS A N   1 
ATOM   1372 C  CA  . LYS A 1 181 ? 4.171   19.319  -7.804  1.00 22.70 ? 245 LYS A CA  1 
ATOM   1373 C  C   . LYS A 1 181 ? 5.432   18.767  -7.138  1.00 22.63 ? 245 LYS A C   1 
ATOM   1374 O  O   . LYS A 1 181 ? 6.026   19.404  -6.267  1.00 19.93 ? 245 LYS A O   1 
ATOM   1375 C  CB  . LYS A 1 181 ? 2.919   18.778  -7.110  1.00 23.66 ? 245 LYS A CB  1 
ATOM   1376 C  CG  . LYS A 1 181 ? 2.924   18.871  -5.591  1.00 26.78 ? 245 LYS A CG  1 
ATOM   1377 C  CD  . LYS A 1 181 ? 3.175   20.287  -5.096  1.00 29.19 ? 245 LYS A CD  1 
ATOM   1378 C  CE  . LYS A 1 181 ? 2.012   21.223  -5.395  1.00 31.36 ? 245 LYS A CE  1 
ATOM   1379 N  NZ  . LYS A 1 181 ? 2.319   22.614  -4.949  1.00 28.73 ? 245 LYS A NZ  1 
ATOM   1380 N  N   . TYR A 1 182 ? 5.836   17.578  -7.571  1.00 22.81 ? 246 TYR A N   1 
ATOM   1381 C  CA  . TYR A 1 182 ? 7.026   16.922  -7.048  1.00 23.18 ? 246 TYR A CA  1 
ATOM   1382 C  C   . TYR A 1 182 ? 8.249   17.744  -7.408  1.00 23.65 ? 246 TYR A C   1 
ATOM   1383 O  O   . TYR A 1 182 ? 9.118   17.994  -6.573  1.00 22.53 ? 246 TYR A O   1 
ATOM   1384 C  CB  . TYR A 1 182 ? 7.179   15.533  -7.662  1.00 22.68 ? 246 TYR A CB  1 
ATOM   1385 C  CG  . TYR A 1 182 ? 8.469   14.854  -7.287  1.00 23.08 ? 246 TYR A CG  1 
ATOM   1386 C  CD1 . TYR A 1 182 ? 8.641   14.303  -6.021  1.00 22.24 ? 246 TYR A CD1 1 
ATOM   1387 C  CD2 . TYR A 1 182 ? 9.535   14.792  -8.187  1.00 23.87 ? 246 TYR A CD2 1 
ATOM   1388 C  CE1 . TYR A 1 182 ? 9.845   13.705  -5.657  1.00 22.59 ? 246 TYR A CE1 1 
ATOM   1389 C  CE2 . TYR A 1 182 ? 10.745  14.198  -7.832  1.00 23.11 ? 246 TYR A CE2 1 
ATOM   1390 C  CZ  . TYR A 1 182 ? 10.889  13.658  -6.563  1.00 23.34 ? 246 TYR A CZ  1 
ATOM   1391 O  OH  . TYR A 1 182 ? 12.081  13.080  -6.187  1.00 24.24 ? 246 TYR A OH  1 
ATOM   1392 N  N   . GLU A 1 183 ? 8.311   18.137  -8.674  1.00 24.12 ? 247 GLU A N   1 
ATOM   1393 C  CA  . GLU A 1 183 ? 9.417   18.925  -9.173  1.00 26.32 ? 247 GLU A CA  1 
ATOM   1394 C  C   . GLU A 1 183 ? 9.477   20.267  -8.452  1.00 27.52 ? 247 GLU A C   1 
ATOM   1395 O  O   . GLU A 1 183 ? 10.549  20.711  -8.048  1.00 29.25 ? 247 GLU A O   1 
ATOM   1396 C  CB  . GLU A 1 183 ? 9.266   19.130  -10.681 1.00 24.91 ? 247 GLU A CB  1 
ATOM   1397 C  CG  . GLU A 1 183 ? 9.609   17.895  -11.503 1.00 25.13 ? 247 GLU A CG  1 
ATOM   1398 C  CD  . GLU A 1 183 ? 9.291   18.055  -12.982 1.00 25.87 ? 247 GLU A CD  1 
ATOM   1399 O  OE1 . GLU A 1 183 ? 9.684   19.080  -13.575 1.00 26.65 ? 247 GLU A OE1 1 
ATOM   1400 O  OE2 . GLU A 1 183 ? 8.651   17.150  -13.559 1.00 27.53 ? 247 GLU A OE2 1 
ATOM   1401 N  N   . GLU A 1 184 ? 8.322   20.895  -8.276  1.00 28.56 ? 248 GLU A N   1 
ATOM   1402 C  CA  . GLU A 1 184 ? 8.252   22.188  -7.608  1.00 31.22 ? 248 GLU A CA  1 
ATOM   1403 C  C   . GLU A 1 184 ? 8.660   22.081  -6.141  1.00 30.87 ? 248 GLU A C   1 
ATOM   1404 O  O   . GLU A 1 184 ? 9.361   22.952  -5.623  1.00 30.15 ? 248 GLU A O   1 
ATOM   1405 C  CB  . GLU A 1 184 ? 6.831   22.768  -7.687  1.00 34.37 ? 248 GLU A CB  1 
ATOM   1406 C  CG  . GLU A 1 184 ? 6.779   24.295  -7.539  1.00 41.01 ? 248 GLU A CG  1 
ATOM   1407 C  CD  . GLU A 1 184 ? 5.573   24.795  -6.741  1.00 45.45 ? 248 GLU A CD  1 
ATOM   1408 O  OE1 . GLU A 1 184 ? 4.425   24.394  -7.055  1.00 48.31 ? 248 GLU A OE1 1 
ATOM   1409 O  OE2 . GLU A 1 184 ? 5.775   25.603  -5.801  1.00 45.53 ? 248 GLU A OE2 1 
ATOM   1410 N  N   . LYS A 1 185 ? 8.221   21.018  -5.471  1.00 29.81 ? 249 LYS A N   1 
ATOM   1411 C  CA  . LYS A 1 185 ? 8.543   20.846  -4.058  1.00 29.62 ? 249 LYS A CA  1 
ATOM   1412 C  C   . LYS A 1 185 ? 9.995   20.450  -3.799  1.00 28.80 ? 249 LYS A C   1 
ATOM   1413 O  O   . LYS A 1 185 ? 10.668  21.073  -2.984  1.00 28.52 ? 249 LYS A O   1 
ATOM   1414 C  CB  . LYS A 1 185 ? 7.617   19.813  -3.401  1.00 29.41 ? 249 LYS A CB  1 
ATOM   1415 C  CG  . LYS A 1 185 ? 7.991   19.531  -1.954  1.00 31.48 ? 249 LYS A CG  1 
ATOM   1416 C  CD  . LYS A 1 185 ? 7.033   18.583  -1.246  1.00 34.04 ? 249 LYS A CD  1 
ATOM   1417 C  CE  . LYS A 1 185 ? 7.476   18.349  0.206   1.00 35.68 ? 249 LYS A CE  1 
ATOM   1418 N  NZ  . LYS A 1 185 ? 6.578   17.437  0.983   1.00 36.48 ? 249 LYS A NZ  1 
ATOM   1419 N  N   . THR A 1 186 ? 10.478  19.423  -4.491  1.00 27.44 ? 250 THR A N   1 
ATOM   1420 C  CA  . THR A 1 186 ? 11.845  18.958  -4.285  1.00 27.58 ? 250 THR A CA  1 
ATOM   1421 C  C   . THR A 1 186 ? 12.905  19.735  -5.063  1.00 27.70 ? 250 THR A C   1 
ATOM   1422 O  O   . THR A 1 186 ? 14.021  19.910  -4.581  1.00 27.22 ? 250 THR A O   1 
ATOM   1423 C  CB  . THR A 1 186 ? 11.996  17.463  -4.647  1.00 26.74 ? 250 THR A CB  1 
ATOM   1424 O  OG1 . THR A 1 186 ? 11.939  17.303  -6.070  1.00 27.37 ? 250 THR A OG1 1 
ATOM   1425 C  CG2 . THR A 1 186 ? 10.883  16.645  -4.005  1.00 26.11 ? 250 THR A CG2 1 
ATOM   1426 N  N   . GLY A 1 187 ? 12.555  20.203  -6.256  1.00 27.71 ? 251 GLY A N   1 
ATOM   1427 C  CA  . GLY A 1 187 ? 13.518  20.924  -7.071  1.00 27.72 ? 251 GLY A CA  1 
ATOM   1428 C  C   . GLY A 1 187 ? 14.238  19.932  -7.972  1.00 28.68 ? 251 GLY A C   1 
ATOM   1429 O  O   . GLY A 1 187 ? 15.160  20.281  -8.709  1.00 29.17 ? 251 GLY A O   1 
ATOM   1430 N  N   . LEU A 1 188 ? 13.789  18.681  -7.905  1.00 27.93 ? 252 LEU A N   1 
ATOM   1431 C  CA  . LEU A 1 188 ? 14.351  17.585  -8.682  1.00 25.75 ? 252 LEU A CA  1 
ATOM   1432 C  C   . LEU A 1 188 ? 13.347  17.131  -9.743  1.00 25.90 ? 252 LEU A C   1 
ATOM   1433 O  O   . LEU A 1 188 ? 12.137  17.259  -9.552  1.00 25.63 ? 252 LEU A O   1 
ATOM   1434 C  CB  . LEU A 1 188 ? 14.659  16.415  -7.748  1.00 24.64 ? 252 LEU A CB  1 
ATOM   1435 C  CG  . LEU A 1 188 ? 15.498  16.758  -6.516  1.00 23.09 ? 252 LEU A CG  1 
ATOM   1436 C  CD1 . LEU A 1 188 ? 15.397  15.634  -5.498  1.00 22.85 ? 252 LEU A CD1 1 
ATOM   1437 C  CD2 . LEU A 1 188 ? 16.945  16.996  -6.938  1.00 22.59 ? 252 LEU A CD2 1 
ATOM   1438 N  N   . PRO A 1 189 ? 13.838  16.598  -10.874 1.00 25.45 ? 253 PRO A N   1 
ATOM   1439 C  CA  . PRO A 1 189 ? 13.000  16.112  -11.977 1.00 26.34 ? 253 PRO A CA  1 
ATOM   1440 C  C   . PRO A 1 189 ? 12.403  14.770  -11.556 1.00 27.66 ? 253 PRO A C   1 
ATOM   1441 O  O   . PRO A 1 189 ? 13.116  13.929  -11.006 1.00 28.58 ? 253 PRO A O   1 
ATOM   1442 C  CB  . PRO A 1 189 ? 13.996  15.930  -13.125 1.00 26.24 ? 253 PRO A CB  1 
ATOM   1443 C  CG  . PRO A 1 189 ? 15.205  16.726  -12.708 1.00 26.55 ? 253 PRO A CG  1 
ATOM   1444 C  CD  . PRO A 1 189 ? 15.260  16.513  -11.233 1.00 25.67 ? 253 PRO A CD  1 
ATOM   1445 N  N   . SER A 1 190 ? 11.118  14.549  -11.814 1.00 29.05 ? 254 SER A N   1 
ATOM   1446 C  CA  . SER A 1 190 ? 10.506  13.277  -11.417 1.00 30.49 ? 254 SER A CA  1 
ATOM   1447 C  C   . SER A 1 190 ? 10.669  12.194  -12.472 1.00 30.80 ? 254 SER A C   1 
ATOM   1448 O  O   . SER A 1 190 ? 10.788  12.488  -13.656 1.00 29.16 ? 254 SER A O   1 
ATOM   1449 C  CB  . SER A 1 190 ? 9.010   13.457  -11.139 1.00 30.46 ? 254 SER A CB  1 
ATOM   1450 O  OG  . SER A 1 190 ? 8.279   13.601  -12.344 1.00 28.92 ? 254 SER A OG  1 
ATOM   1451 N  N   . PRO A 1 191 ? 10.703  10.922  -12.048 1.00 33.09 ? 255 PRO A N   1 
ATOM   1452 C  CA  . PRO A 1 191 ? 10.842  9.789   -12.977 1.00 34.00 ? 255 PRO A CA  1 
ATOM   1453 C  C   . PRO A 1 191 ? 9.447   9.503   -13.551 1.00 36.65 ? 255 PRO A C   1 
ATOM   1454 O  O   . PRO A 1 191 ? 8.989   8.363   -13.606 1.00 35.76 ? 255 PRO A O   1 
ATOM   1455 C  CB  . PRO A 1 191 ? 11.345  8.663   -12.083 1.00 33.84 ? 255 PRO A CB  1 
ATOM   1456 C  CG  . PRO A 1 191 ? 11.993  9.403   -10.902 1.00 34.37 ? 255 PRO A CG  1 
ATOM   1457 C  CD  . PRO A 1 191 ? 11.014  10.513  -10.667 1.00 32.84 ? 255 PRO A CD  1 
ATOM   1458 N  N   . GLU A 1 192 ? 8.800   10.588  -13.972 1.00 40.58 ? 256 GLU A N   1 
ATOM   1459 C  CA  . GLU A 1 192 ? 7.447   10.628  -14.527 1.00 43.46 ? 256 GLU A CA  1 
ATOM   1460 C  C   . GLU A 1 192 ? 7.090   9.779   -15.750 1.00 44.42 ? 256 GLU A C   1 
ATOM   1461 O  O   . GLU A 1 192 ? 7.732   8.771   -16.044 1.00 45.49 ? 256 GLU A O   1 
ATOM   1462 C  CB  . GLU A 1 192 ? 7.093   12.086  -14.844 1.00 47.36 ? 256 GLU A CB  1 
ATOM   1463 C  CG  . GLU A 1 192 ? 7.407   12.541  -16.279 1.00 50.34 ? 256 GLU A CG  1 
ATOM   1464 C  CD  . GLU A 1 192 ? 8.888   12.550  -16.602 1.00 52.92 ? 256 GLU A CD  1 
ATOM   1465 O  OE1 . GLU A 1 192 ? 9.614   13.402  -16.041 1.00 53.84 ? 256 GLU A OE1 1 
ATOM   1466 O  OE2 . GLU A 1 192 ? 9.325   11.705  -17.416 1.00 54.73 ? 256 GLU A OE2 1 
ATOM   1467 N  N   . ARG A 1 193 ? 6.038   10.238  -16.436 1.00 45.76 ? 257 ARG A N   1 
ATOM   1468 C  CA  . ARG A 1 193 ? 5.451   9.649   -17.642 1.00 46.73 ? 257 ARG A CA  1 
ATOM   1469 C  C   . ARG A 1 193 ? 4.322   8.691   -17.291 1.00 47.25 ? 257 ARG A C   1 
ATOM   1470 O  O   . ARG A 1 193 ? 4.493   7.469   -17.495 1.00 48.31 ? 257 ARG A O   1 
ATOM   1471 C  CB  . ARG A 1 193 ? 6.508   8.943   -18.508 1.00 48.11 ? 257 ARG A CB  1 
ATOM   1472 C  CG  . ARG A 1 193 ? 5.978   8.198   -19.766 1.00 48.36 ? 257 ARG A CG  1 
ATOM   1473 C  CD  . ARG A 1 193 ? 4.959   9.000   -20.580 1.00 47.83 ? 257 ARG A CD  1 
ATOM   1474 N  NE  . ARG A 1 193 ? 3.694   9.110   -19.861 1.00 48.48 ? 257 ARG A NE  1 
ATOM   1475 C  CZ  . ARG A 1 193 ? 3.092   10.260  -19.581 1.00 47.90 ? 257 ARG A CZ  1 
ATOM   1476 N  NH1 . ARG A 1 193 ? 3.641   11.402  -19.970 1.00 48.38 ? 257 ARG A NH1 1 
ATOM   1477 N  NH2 . ARG A 1 193 ? 1.961   10.267  -18.889 1.00 47.41 ? 257 ARG A NH2 1 
ATOM   1478 O  OXT . ARG A 1 193 ? 3.274   9.182   -16.811 1.00 46.17 ? 257 ARG A OXT 1 
HETATM 1479 S  S   . SO4 B 2 .   ? 9.940   -15.615 4.679   1.00 34.51 ? 1   SO4 A S   1 
HETATM 1480 O  O1  . SO4 B 2 .   ? 10.296  -14.914 3.427   1.00 31.57 ? 1   SO4 A O1  1 
HETATM 1481 O  O2  . SO4 B 2 .   ? 9.163   -16.830 4.370   1.00 34.51 ? 1   SO4 A O2  1 
HETATM 1482 O  O3  . SO4 B 2 .   ? 11.170  -16.010 5.392   1.00 34.90 ? 1   SO4 A O3  1 
HETATM 1483 O  O4  . SO4 B 2 .   ? 9.133   -14.716 5.529   1.00 32.61 ? 1   SO4 A O4  1 
HETATM 1484 ZN ZN  . ZN  C 3 .   ? -1.747  2.599   -2.258  1.00 15.80 ? 2   ZN  A ZN  1 
HETATM 1485 ZN ZN  . ZN  D 3 .   ? 0.657   5.038   17.976  1.00 24.32 ? 3   ZN  A ZN  1 
HETATM 1486 ZN ZN  . ZN  E 3 .   ? 17.159  -7.653  8.020   1.00 21.42 ? 4   ZN  A ZN  1 
HETATM 1487 ZN ZN  . ZN  F 3 .   ? -1.361  16.668  -20.192 0.50 41.01 ? 5   ZN  A ZN  1 
HETATM 1488 O  O   . HOH G 4 .   ? -3.334  4.147   0.930   1.00 13.09 ? 258 HOH A O   1 
HETATM 1489 O  O   . HOH G 4 .   ? -11.007 -19.683 -8.692  1.00 24.65 ? 259 HOH A O   1 
HETATM 1490 O  O   . HOH G 4 .   ? -10.782 -22.760 -12.526 1.00 28.77 ? 260 HOH A O   1 
HETATM 1491 O  O   . HOH G 4 .   ? -7.951  -2.478  -14.296 1.00 13.27 ? 261 HOH A O   1 
HETATM 1492 O  O   . HOH G 4 .   ? 6.373   6.056   -11.712 1.00 9.82  ? 262 HOH A O   1 
HETATM 1493 O  O   . HOH G 4 .   ? 5.135   0.965   -3.691  1.00 0.68  ? 263 HOH A O   1 
HETATM 1494 O  O   . HOH G 4 .   ? 15.804  -2.720  14.699  1.00 20.12 ? 264 HOH A O   1 
HETATM 1495 O  O   . HOH G 4 .   ? -0.937  2.668   -5.702  1.00 2.38  ? 265 HOH A O   1 
HETATM 1496 O  O   . HOH G 4 .   ? -6.547  8.309   -3.752  1.00 6.45  ? 266 HOH A O   1 
HETATM 1497 O  O   . HOH G 4 .   ? -8.815  -0.258  -15.394 1.00 9.62  ? 267 HOH A O   1 
HETATM 1498 O  O   . HOH G 4 .   ? 2.321   18.049  -20.952 1.00 27.49 ? 268 HOH A O   1 
HETATM 1499 O  O   . HOH G 4 .   ? -10.893 10.790  10.532  1.00 20.25 ? 269 HOH A O   1 
HETATM 1500 O  O   . HOH G 4 .   ? -12.467 4.868   -13.708 1.00 12.47 ? 270 HOH A O   1 
HETATM 1501 O  O   . HOH G 4 .   ? 6.226   -9.797  0.333   1.00 21.36 ? 271 HOH A O   1 
HETATM 1502 O  O   . HOH G 4 .   ? -1.419  18.971  -19.114 1.00 16.46 ? 272 HOH A O   1 
HETATM 1503 O  O   . HOH G 4 .   ? 6.230   7.009   -7.212  1.00 9.31  ? 273 HOH A O   1 
HETATM 1504 O  O   . HOH G 4 .   ? -14.586 -11.461 -3.084  1.00 19.71 ? 274 HOH A O   1 
HETATM 1505 O  O   . HOH G 4 .   ? -6.491  -16.693 -11.541 1.00 12.35 ? 275 HOH A O   1 
HETATM 1506 O  O   . HOH G 4 .   ? -9.178  2.375   -2.001  1.00 29.00 ? 276 HOH A O   1 
HETATM 1507 O  O   . HOH G 4 .   ? 8.908   7.214   -8.940  1.00 9.72  ? 277 HOH A O   1 
HETATM 1508 O  O   . HOH G 4 .   ? -0.326  -0.107  -5.344  1.00 11.11 ? 278 HOH A O   1 
HETATM 1509 O  O   . HOH G 4 .   ? -10.557 -7.745  -5.287  1.00 18.37 ? 279 HOH A O   1 
HETATM 1510 O  O   . HOH G 4 .   ? 4.278   14.583  -6.036  1.00 11.46 ? 280 HOH A O   1 
HETATM 1511 O  O   . HOH G 4 .   ? -9.536  -24.980 -13.920 1.00 22.34 ? 281 HOH A O   1 
HETATM 1512 O  O   . HOH G 4 .   ? -4.577  -7.638  -7.764  1.00 17.61 ? 282 HOH A O   1 
HETATM 1513 O  O   . HOH G 4 .   ? 8.494   0.352   -3.479  1.00 12.02 ? 283 HOH A O   1 
HETATM 1514 O  O   . HOH G 4 .   ? -5.267  -6.158  -12.720 1.00 19.35 ? 284 HOH A O   1 
HETATM 1515 O  O   . HOH G 4 .   ? 0.140   17.559  -1.399  1.00 44.85 ? 285 HOH A O   1 
HETATM 1516 O  O   . HOH G 4 .   ? 1.128   12.676  6.335   1.00 39.38 ? 286 HOH A O   1 
HETATM 1517 O  O   . HOH G 4 .   ? -6.588  13.200  -17.651 1.00 30.87 ? 287 HOH A O   1 
HETATM 1518 O  O   . HOH G 4 .   ? 8.096   -19.480 18.775  1.00 26.06 ? 288 HOH A O   1 
HETATM 1519 O  O   . HOH G 4 .   ? -5.867  11.312  -21.486 1.00 21.39 ? 289 HOH A O   1 
HETATM 1520 O  O   . HOH G 4 .   ? -3.300  14.728  -5.793  1.00 20.32 ? 290 HOH A O   1 
HETATM 1521 O  O   . HOH G 4 .   ? -0.754  -11.175 -10.999 1.00 22.40 ? 291 HOH A O   1 
HETATM 1522 O  O   . HOH G 4 .   ? 8.588   -1.306  -9.814  1.00 26.13 ? 292 HOH A O   1 
HETATM 1523 O  O   . HOH G 4 .   ? -2.206  2.103   -0.176  1.00 12.97 ? 293 HOH A O   1 
HETATM 1524 O  O   . HOH G 4 .   ? 13.498  3.165   14.587  1.00 16.94 ? 294 HOH A O   1 
HETATM 1525 O  O   . HOH G 4 .   ? -7.008  0.777   -1.416  1.00 12.84 ? 295 HOH A O   1 
HETATM 1526 O  O   . HOH G 4 .   ? -6.721  -1.911  -22.153 1.00 19.62 ? 296 HOH A O   1 
HETATM 1527 O  O   . HOH G 4 .   ? 3.595   16.912  -18.559 1.00 39.37 ? 297 HOH A O   1 
HETATM 1528 O  O   . HOH G 4 .   ? 1.701   -9.453  -11.528 1.00 19.46 ? 298 HOH A O   1 
HETATM 1529 O  O   . HOH G 4 .   ? 12.906  -4.941  12.675  1.00 13.54 ? 299 HOH A O   1 
HETATM 1530 O  O   . HOH G 4 .   ? -8.959  -0.329  -2.603  1.00 32.55 ? 300 HOH A O   1 
HETATM 1531 O  O   . HOH G 4 .   ? 1.700   -2.341  17.048  1.00 10.29 ? 301 HOH A O   1 
HETATM 1532 O  O   . HOH G 4 .   ? -9.074  -5.042  15.077  1.00 29.14 ? 302 HOH A O   1 
HETATM 1533 O  O   . HOH G 4 .   ? 14.511  -11.552 15.005  1.00 16.94 ? 303 HOH A O   1 
HETATM 1534 O  O   . HOH G 4 .   ? 0.825   20.668  -9.897  1.00 11.73 ? 304 HOH A O   1 
HETATM 1535 O  O   . HOH G 4 .   ? 11.202  6.430   -9.627  1.00 36.60 ? 305 HOH A O   1 
HETATM 1536 O  O   . HOH G 4 .   ? 3.948   12.921  -17.733 1.00 22.57 ? 306 HOH A O   1 
HETATM 1537 O  O   . HOH G 4 .   ? 3.927   15.341  0.391   1.00 23.18 ? 307 HOH A O   1 
HETATM 1538 O  O   . HOH G 4 .   ? -4.560  5.949   -24.677 1.00 29.40 ? 308 HOH A O   1 
HETATM 1539 O  O   . HOH G 4 .   ? -9.798  11.284  -9.292  1.00 30.19 ? 309 HOH A O   1 
HETATM 1540 O  O   . HOH G 4 .   ? -12.626 -8.620  -3.861  1.00 17.95 ? 310 HOH A O   1 
HETATM 1541 O  O   . HOH G 4 .   ? -1.315  -0.576  16.870  1.00 27.51 ? 311 HOH A O   1 
HETATM 1542 O  O   . HOH G 4 .   ? -23.152 -10.113 1.602   1.00 30.12 ? 312 HOH A O   1 
HETATM 1543 O  O   . HOH G 4 .   ? 16.446  -11.943 13.416  1.00 27.58 ? 313 HOH A O   1 
HETATM 1544 O  O   . HOH G 4 .   ? 16.437  -1.829  -1.002  1.00 32.91 ? 314 HOH A O   1 
HETATM 1545 O  O   . HOH G 4 .   ? 12.963  9.546   -2.174  1.00 13.71 ? 315 HOH A O   1 
HETATM 1546 O  O   . HOH G 4 .   ? 8.701   -9.587  -6.101  1.00 10.83 ? 316 HOH A O   1 
HETATM 1547 O  O   . HOH G 4 .   ? -12.940 -21.607 -11.809 1.00 8.52  ? 317 HOH A O   1 
# 
